data_5NW1
#
_entry.id   5NW1
#
_cell.length_a   94.591
_cell.length_b   94.591
_cell.length_c   368.091
_cell.angle_alpha   90.000
_cell.angle_beta   90.000
_cell.angle_gamma   90.000
#
_symmetry.space_group_name_H-M   'P 41 2 2'
#
loop_
_entity.id
_entity.type
_entity.pdbx_description
1 polymer Elongin-B
2 polymer Elongin-C
3 polymer 'Von Hippel-Lindau disease tumor suppressor'
4 non-polymer (2~{S},4~{R})-1-[(2~{S})-2-(cyclobutylcarbonylamino)-3,3-dimethyl-butanoyl]-~{N}-[[4-(4-methyl-1,3-thiazol-5-yl)phenyl]methyl]-4-oxidanyl-pyrrolidine-2-carboxamide
5 water water
#
loop_
_entity_poly.entity_id
_entity_poly.type
_entity_poly.pdbx_seq_one_letter_code
_entity_poly.pdbx_strand_id
1 'polypeptide(L)'
;MDVFLMIRRHKTTIFTDAKESSTVFELKRIVEGILKRPPDEQRLYKDDQLLDDGKTLGE(CAS)GFTSQTARPQAPATVG
LAFRADDTFEAL(CAS)IEPFSSPPELPDVMK
;
A,D,G,J
2 'polypeptide(L)'
;MMYVKLISSDGHEFIVKREHALTSGTIKAMLSGPGQFAENETNEVNFREIPSHVLSKVCMYFTYKVRYTNSSTEIPEFPI
APEIALELLMAANFLDC
;
B,E,H,K
3 'polypeptide(L)'
;GSMEAGRPRPVLRSVNSREPSQVIF(CAS)NRSPRVVLPVWLNFDGEPQPYPTLPPGTGRRIHSYRGHLWLFRDAGTHDG
LLVNQTELFVPSLNVDGQPIFANITLPVYTLKERCLQVVRSLVKPENYRRLDIVRSLYEDLEDHPNVQKDLERLTQERIA
HQRMGD
;
C,F,I,L
#
# COMPACT_ATOMS: atom_id res chain seq x y z
N MET A 1 -38.42 -16.42 7.77
CA MET A 1 -37.02 -16.22 8.24
C MET A 1 -37.00 -16.09 9.78
N ASP A 2 -36.08 -16.80 10.42
CA ASP A 2 -35.93 -16.71 11.88
C ASP A 2 -35.21 -15.40 12.29
N VAL A 3 -35.68 -14.80 13.39
CA VAL A 3 -34.99 -13.70 14.06
C VAL A 3 -34.63 -14.15 15.49
N PHE A 4 -33.49 -13.69 15.99
CA PHE A 4 -32.95 -14.17 17.27
C PHE A 4 -32.91 -13.02 18.25
N LEU A 5 -33.52 -13.24 19.42
CA LEU A 5 -33.86 -12.18 20.36
C LEU A 5 -33.38 -12.44 21.80
N MET A 6 -33.23 -11.34 22.55
CA MET A 6 -33.16 -11.32 24.01
C MET A 6 -34.34 -10.48 24.54
N ILE A 7 -35.22 -11.10 25.32
CA ILE A 7 -36.37 -10.39 25.90
C ILE A 7 -35.95 -10.06 27.32
N ARG A 8 -35.91 -8.77 27.66
CA ARG A 8 -35.27 -8.33 28.90
C ARG A 8 -36.16 -7.46 29.80
N ARG A 9 -36.20 -7.82 31.08
CA ARG A 9 -36.88 -7.06 32.13
C ARG A 9 -36.07 -7.18 33.42
N HIS A 10 -35.74 -6.04 34.03
CA HIS A 10 -35.01 -6.01 35.31
C HIS A 10 -33.73 -6.87 35.20
N LYS A 11 -33.62 -7.98 35.93
CA LYS A 11 -32.46 -8.87 35.80
C LYS A 11 -32.82 -10.22 35.15
N THR A 12 -33.83 -10.20 34.29
CA THR A 12 -34.28 -11.38 33.56
C THR A 12 -33.91 -11.19 32.10
N THR A 13 -33.39 -12.24 31.47
CA THR A 13 -33.09 -12.22 30.04
C THR A 13 -33.47 -13.57 29.42
N ILE A 14 -34.43 -13.56 28.48
CA ILE A 14 -34.85 -14.78 27.77
C ILE A 14 -34.20 -14.80 26.39
N PHE A 15 -33.50 -15.90 26.08
CA PHE A 15 -32.99 -16.14 24.72
C PHE A 15 -34.00 -17.00 23.97
N THR A 16 -34.49 -16.48 22.84
CA THR A 16 -35.37 -17.26 21.98
C THR A 16 -35.36 -16.75 20.54
N ASP A 17 -35.98 -17.51 19.64
CA ASP A 17 -36.16 -17.08 18.26
C ASP A 17 -37.65 -17.05 17.92
N ALA A 18 -37.98 -16.35 16.84
CA ALA A 18 -39.34 -16.29 16.29
C ALA A 18 -39.28 -15.98 14.79
N LYS A 19 -40.41 -16.10 14.09
CA LYS A 19 -40.45 -15.77 12.66
C LYS A 19 -40.58 -14.26 12.46
N GLU A 20 -39.98 -13.77 11.39
CA GLU A 20 -40.09 -12.35 11.06
C GLU A 20 -41.55 -11.97 10.81
N SER A 21 -42.34 -12.92 10.32
CA SER A 21 -43.76 -12.71 10.04
C SER A 21 -44.67 -12.85 11.27
N SER A 22 -44.13 -13.28 12.41
CA SER A 22 -44.94 -13.46 13.61
C SER A 22 -45.25 -12.11 14.27
N THR A 23 -46.28 -12.08 15.11
CA THR A 23 -46.73 -10.82 15.70
C THR A 23 -46.20 -10.58 17.11
N VAL A 24 -46.26 -9.32 17.51
CA VAL A 24 -45.96 -8.89 18.87
C VAL A 24 -46.81 -9.68 19.89
N PHE A 25 -48.10 -9.83 19.63
CA PHE A 25 -48.99 -10.57 20.53
C PHE A 25 -48.53 -12.03 20.68
N GLU A 26 -48.18 -12.65 19.56
CA GLU A 26 -47.65 -14.03 19.56
C GLU A 26 -46.35 -14.14 20.38
N LEU A 27 -45.52 -13.10 20.39
CA LEU A 27 -44.34 -13.08 21.27
C LEU A 27 -44.71 -13.01 22.76
N LYS A 28 -45.80 -12.30 23.10
CA LYS A 28 -46.32 -12.29 24.47
C LYS A 28 -46.79 -13.69 24.91
N ARG A 29 -47.38 -14.45 23.98
CA ARG A 29 -47.80 -15.81 24.29
C ARG A 29 -46.57 -16.66 24.62
N ILE A 30 -45.46 -16.41 23.94
CA ILE A 30 -44.18 -17.09 24.23
C ILE A 30 -43.66 -16.71 25.63
N VAL A 31 -43.69 -15.42 25.95
CA VAL A 31 -43.30 -14.96 27.28
C VAL A 31 -44.25 -15.54 28.34
N GLU A 32 -45.54 -15.66 28.01
CA GLU A 32 -46.53 -16.23 28.95
C GLU A 32 -46.17 -17.66 29.37
N GLY A 33 -45.78 -18.49 28.40
CA GLY A 33 -45.37 -19.88 28.65
C GLY A 33 -44.16 -20.02 29.56
N ILE A 34 -43.27 -19.03 29.55
CA ILE A 34 -42.01 -19.09 30.32
C ILE A 34 -42.14 -18.42 31.71
N LEU A 35 -42.68 -17.20 31.76
CA LEU A 35 -42.77 -16.43 33.00
C LEU A 35 -44.18 -16.39 33.65
N LYS A 36 -45.15 -17.06 33.04
CA LYS A 36 -46.49 -17.24 33.61
C LYS A 36 -47.27 -15.96 33.89
N ARG A 37 -47.19 -14.99 32.99
CA ARG A 37 -48.00 -13.78 33.08
C ARG A 37 -48.70 -13.57 31.74
N PRO A 38 -50.01 -13.25 31.76
CA PRO A 38 -50.75 -13.18 30.51
C PRO A 38 -50.39 -11.95 29.64
N PRO A 39 -50.68 -12.03 28.33
CA PRO A 39 -50.37 -10.92 27.42
C PRO A 39 -50.93 -9.56 27.85
N ASP A 40 -52.13 -9.51 28.40
CA ASP A 40 -52.68 -8.24 28.90
C ASP A 40 -51.96 -7.65 30.14
N GLU A 41 -51.02 -8.40 30.73
CA GLU A 41 -50.17 -7.84 31.80
C GLU A 41 -48.74 -7.57 31.33
N GLN A 42 -48.52 -7.62 30.02
CA GLN A 42 -47.21 -7.38 29.40
C GLN A 42 -47.23 -6.16 28.48
N ARG A 43 -46.17 -5.35 28.55
CA ARG A 43 -45.87 -4.38 27.50
C ARG A 43 -44.50 -4.75 26.90
N LEU A 44 -44.41 -4.75 25.56
CA LEU A 44 -43.13 -5.02 24.88
C LEU A 44 -42.66 -3.75 24.15
N TYR A 45 -41.34 -3.61 24.10
CA TYR A 45 -40.71 -2.37 23.65
C TYR A 45 -39.52 -2.61 22.70
N LYS A 46 -39.36 -1.70 21.75
CA LYS A 46 -38.12 -1.61 21.01
C LYS A 46 -37.51 -0.26 21.37
N ASP A 47 -36.40 -0.30 22.11
CA ASP A 47 -35.85 0.90 22.76
C ASP A 47 -36.92 1.53 23.65
N ASP A 48 -37.32 2.78 23.38
CA ASP A 48 -38.37 3.41 24.17
C ASP A 48 -39.76 3.23 23.59
N GLN A 49 -39.89 2.59 22.43
CA GLN A 49 -41.16 2.53 21.73
C GLN A 49 -42.04 1.35 22.15
N LEU A 50 -43.28 1.63 22.54
CA LEU A 50 -44.25 0.59 22.87
C LEU A 50 -44.73 -0.12 21.60
N LEU A 51 -44.66 -1.44 21.58
CA LEU A 51 -45.03 -2.21 20.40
C LEU A 51 -46.52 -2.59 20.42
N ASP A 52 -47.17 -2.45 19.26
CA ASP A 52 -48.58 -2.81 19.06
C ASP A 52 -48.77 -4.31 18.74
N ASP A 53 -49.71 -4.95 19.43
CA ASP A 53 -49.97 -6.40 19.33
C ASP A 53 -50.06 -6.97 17.91
N GLY A 54 -50.75 -6.25 17.02
CA GLY A 54 -51.00 -6.74 15.66
C GLY A 54 -49.87 -6.60 14.64
N LYS A 55 -48.79 -5.92 15.00
CA LYS A 55 -47.70 -5.74 14.05
C LYS A 55 -46.77 -6.94 14.04
N THR A 56 -46.14 -7.19 12.89
CA THR A 56 -45.14 -8.24 12.76
C THR A 56 -43.79 -7.77 13.33
N LEU A 57 -42.94 -8.73 13.67
CA LEU A 57 -41.63 -8.42 14.21
C LEU A 57 -40.80 -7.67 13.17
N GLY A 58 -40.96 -8.07 11.90
CA GLY A 58 -40.30 -7.40 10.79
C GLY A 58 -40.69 -5.94 10.61
N GLU A 59 -41.99 -5.68 10.62
CA GLU A 59 -42.53 -4.32 10.64
C GLU A 59 -41.98 -3.44 11.76
N GLY A 61 -39.00 -3.75 12.93
CA GLY A 61 -37.56 -3.60 12.74
C GLY A 61 -36.68 -4.77 13.16
N PHE A 62 -37.28 -5.88 13.61
CA PHE A 62 -36.51 -7.08 13.93
C PHE A 62 -36.45 -7.95 12.68
N THR A 63 -35.31 -7.89 12.01
CA THR A 63 -35.11 -8.58 10.74
C THR A 63 -34.02 -9.62 10.87
N SER A 64 -34.08 -10.63 10.00
CA SER A 64 -33.19 -11.78 10.12
C SER A 64 -31.72 -11.40 10.00
N GLN A 65 -31.42 -10.35 9.26
CA GLN A 65 -30.04 -9.94 9.09
C GLN A 65 -29.56 -8.91 10.12
N THR A 66 -30.42 -8.48 11.05
CA THR A 66 -29.98 -7.65 12.19
C THR A 66 -30.17 -8.35 13.55
N ALA A 67 -31.06 -9.31 13.63
CA ALA A 67 -31.30 -10.04 14.85
C ALA A 67 -30.71 -11.45 14.66
N ARG A 68 -29.41 -11.54 14.90
CA ARG A 68 -28.59 -12.68 14.52
C ARG A 68 -28.29 -13.63 15.70
N PRO A 69 -28.05 -14.92 15.43
CA PRO A 69 -27.78 -15.90 16.50
C PRO A 69 -26.66 -15.45 17.45
N GLN A 70 -25.54 -15.01 16.87
CA GLN A 70 -24.38 -14.55 17.63
C GLN A 70 -24.45 -13.11 18.14
N ALA A 71 -25.55 -12.40 17.83
CA ALA A 71 -25.72 -10.99 18.22
C ALA A 71 -27.22 -10.66 18.19
N PRO A 72 -27.98 -11.19 19.15
CA PRO A 72 -29.43 -11.07 19.08
C PRO A 72 -29.89 -9.67 19.41
N ALA A 73 -31.07 -9.31 18.91
CA ALA A 73 -31.68 -7.99 19.13
C ALA A 73 -32.43 -8.00 20.46
N THR A 74 -32.54 -6.83 21.09
CA THR A 74 -33.19 -6.73 22.40
C THR A 74 -34.64 -6.22 22.31
N VAL A 75 -35.54 -6.94 22.98
CA VAL A 75 -36.91 -6.53 23.18
C VAL A 75 -37.13 -6.29 24.67
N GLY A 76 -37.55 -5.07 25.02
CA GLY A 76 -37.83 -4.73 26.41
C GLY A 76 -39.17 -5.26 26.88
N LEU A 77 -39.28 -5.55 28.18
CA LEU A 77 -40.52 -6.06 28.78
C LEU A 77 -40.86 -5.33 30.08
N ALA A 78 -42.14 -4.96 30.24
CA ALA A 78 -42.68 -4.40 31.48
C ALA A 78 -43.97 -5.14 31.89
N PHE A 79 -44.12 -5.39 33.19
CA PHE A 79 -45.32 -6.04 33.76
C PHE A 79 -46.25 -5.05 34.45
N ARG A 80 -47.53 -5.43 34.49
CA ARG A 80 -48.55 -4.69 35.23
C ARG A 80 -48.73 -5.30 36.62
N ALA A 81 -48.54 -4.49 37.65
CA ALA A 81 -48.84 -4.88 39.02
C ALA A 81 -50.18 -4.24 39.39
N ASP A 82 -51.18 -5.08 39.64
CA ASP A 82 -52.55 -4.62 39.94
C ASP A 82 -53.14 -3.66 38.90
N ASP A 83 -53.22 -2.38 39.24
CA ASP A 83 -53.92 -1.40 38.41
C ASP A 83 -53.11 -1.00 37.18
N THR A 84 -51.83 -0.67 37.39
CA THR A 84 -51.03 0.04 36.38
C THR A 84 -49.70 -0.65 36.05
N PHE A 85 -49.10 -0.23 34.94
CA PHE A 85 -47.82 -0.79 34.49
C PHE A 85 -46.63 -0.12 35.15
N GLU A 86 -45.65 -0.92 35.54
CA GLU A 86 -44.35 -0.41 35.96
C GLU A 86 -43.68 0.28 34.77
N ALA A 87 -42.71 1.13 35.05
CA ALA A 87 -41.90 1.72 33.99
C ALA A 87 -40.93 0.67 33.45
N LEU A 88 -40.52 0.82 32.20
CA LEU A 88 -39.51 -0.08 31.63
C LEU A 88 -38.18 0.10 32.36
N ILE A 90 -34.45 -2.00 32.56
CA ILE A 90 -33.55 -3.09 32.19
C ILE A 90 -32.21 -2.88 32.89
N GLU A 91 -31.82 -3.83 33.73
CA GLU A 91 -30.53 -3.76 34.43
C GLU A 91 -29.38 -4.04 33.48
N PRO A 92 -28.35 -3.16 33.48
CA PRO A 92 -27.22 -3.44 32.60
C PRO A 92 -26.40 -4.65 33.05
N PHE A 93 -25.70 -5.28 32.11
CA PHE A 93 -24.75 -6.33 32.46
C PHE A 93 -23.55 -5.71 33.18
N SER A 94 -22.76 -6.55 33.84
CA SER A 94 -21.56 -6.10 34.54
C SER A 94 -20.53 -5.51 33.57
N SER A 95 -19.57 -4.74 34.09
CA SER A 95 -18.53 -4.10 33.28
C SER A 95 -17.28 -4.96 33.24
N PRO A 96 -16.67 -5.11 32.05
CA PRO A 96 -15.40 -5.84 31.98
C PRO A 96 -14.28 -5.09 32.70
N PRO A 97 -13.32 -5.83 33.27
CA PRO A 97 -12.20 -5.16 33.90
C PRO A 97 -11.29 -4.52 32.86
N GLU A 98 -10.32 -3.74 33.32
CA GLU A 98 -9.36 -3.08 32.43
C GLU A 98 -8.51 -4.14 31.73
N LEU A 99 -8.17 -3.91 30.47
CA LEU A 99 -7.28 -4.81 29.73
C LEU A 99 -5.96 -4.95 30.47
N PRO A 100 -5.49 -6.20 30.71
CA PRO A 100 -4.15 -6.36 31.26
C PRO A 100 -3.09 -5.75 30.34
N ASP A 101 -1.94 -5.37 30.90
CA ASP A 101 -0.91 -4.69 30.11
C ASP A 101 -0.48 -5.50 28.89
N VAL A 102 -0.22 -6.78 29.07
CA VAL A 102 0.25 -7.63 27.97
C VAL A 102 -0.75 -7.79 26.82
N MET A 103 -2.00 -7.39 27.03
CA MET A 103 -3.02 -7.40 25.98
C MET A 103 -3.23 -6.03 25.32
N LYS A 104 -2.51 -5.00 25.78
CA LYS A 104 -2.62 -3.65 25.20
C LYS A 104 -1.68 -3.48 24.02
N MET B 1 -42.10 -26.06 25.12
CA MET B 1 -40.61 -26.08 25.03
C MET B 1 -40.00 -25.99 26.42
N MET B 2 -38.93 -26.75 26.64
CA MET B 2 -38.30 -26.82 27.94
C MET B 2 -37.16 -25.81 28.01
N TYR B 3 -37.24 -24.92 28.99
CA TYR B 3 -36.19 -23.94 29.27
C TYR B 3 -35.51 -24.27 30.61
N VAL B 4 -34.30 -23.73 30.80
CA VAL B 4 -33.59 -23.77 32.08
C VAL B 4 -33.06 -22.39 32.37
N LYS B 5 -32.73 -22.15 33.64
CA LYS B 5 -32.28 -20.84 34.09
C LYS B 5 -30.84 -20.90 34.54
N LEU B 6 -30.01 -20.05 33.93
CA LEU B 6 -28.60 -19.93 34.29
C LEU B 6 -28.35 -18.56 34.96
N ILE B 7 -27.85 -18.58 36.20
CA ILE B 7 -27.73 -17.36 37.02
C ILE B 7 -26.27 -16.94 37.21
N SER B 8 -25.97 -15.69 36.84
CA SER B 8 -24.61 -15.15 36.90
C SER B 8 -24.24 -14.77 38.33
N SER B 9 -22.96 -14.48 38.55
CA SER B 9 -22.47 -14.15 39.89
C SER B 9 -23.07 -12.85 40.45
N ASP B 10 -23.37 -11.92 39.56
CA ASP B 10 -24.06 -10.67 39.93
C ASP B 10 -25.61 -10.77 39.90
N GLY B 11 -26.15 -11.99 39.82
CA GLY B 11 -27.60 -12.20 39.93
C GLY B 11 -28.46 -12.05 38.67
N HIS B 12 -27.87 -11.88 37.49
CA HIS B 12 -28.64 -11.90 36.23
C HIS B 12 -29.12 -13.31 35.90
N GLU B 13 -30.39 -13.44 35.56
CA GLU B 13 -31.04 -14.74 35.29
C GLU B 13 -31.27 -14.90 33.78
N PHE B 14 -30.53 -15.83 33.16
CA PHE B 14 -30.61 -16.07 31.73
C PHE B 14 -31.45 -17.33 31.50
N ILE B 15 -32.53 -17.20 30.72
CA ILE B 15 -33.44 -18.31 30.45
C ILE B 15 -33.22 -18.75 29.01
N VAL B 16 -32.71 -19.98 28.83
CA VAL B 16 -32.37 -20.51 27.51
C VAL B 16 -32.98 -21.90 27.35
N LYS B 17 -33.11 -22.35 26.09
CA LYS B 17 -33.59 -23.71 25.82
C LYS B 17 -32.70 -24.77 26.45
N ARG B 18 -33.32 -25.76 27.08
CA ARG B 18 -32.60 -26.88 27.71
C ARG B 18 -31.60 -27.53 26.77
N GLU B 19 -32.05 -27.83 25.55
CA GLU B 19 -31.21 -28.39 24.48
C GLU B 19 -29.95 -27.56 24.22
N HIS B 20 -30.08 -26.24 24.22
CA HIS B 20 -28.94 -25.35 24.00
C HIS B 20 -27.93 -25.42 25.15
N ALA B 21 -28.43 -25.42 26.39
CA ALA B 21 -27.56 -25.45 27.56
C ALA B 21 -26.75 -26.74 27.62
N LEU B 22 -27.31 -27.85 27.12
CA LEU B 22 -26.62 -29.14 27.09
C LEU B 22 -25.42 -29.20 26.14
N THR B 23 -25.22 -28.17 25.33
CA THR B 23 -23.93 -27.95 24.68
C THR B 23 -22.77 -28.18 25.67
N SER B 24 -22.97 -27.77 26.92
CA SER B 24 -21.99 -27.95 27.99
C SER B 24 -22.23 -29.24 28.78
N GLY B 25 -21.23 -30.12 28.77
CA GLY B 25 -21.24 -31.30 29.62
C GLY B 25 -21.23 -30.98 31.11
N THR B 26 -20.63 -29.85 31.47
CA THR B 26 -20.61 -29.40 32.87
C THR B 26 -22.00 -29.01 33.36
N ILE B 27 -22.72 -28.25 32.54
CA ILE B 27 -24.09 -27.85 32.86
C ILE B 27 -25.01 -29.07 32.93
N LYS B 28 -24.85 -29.99 31.98
CA LYS B 28 -25.61 -31.25 32.03
C LYS B 28 -25.46 -31.93 33.39
N ALA B 29 -24.23 -32.00 33.90
CA ALA B 29 -23.96 -32.60 35.21
C ALA B 29 -24.55 -31.81 36.38
N MET B 30 -24.50 -30.49 36.28
CA MET B 30 -25.10 -29.62 37.30
C MET B 30 -26.62 -29.71 37.35
N LEU B 31 -27.24 -30.04 36.21
CA LEU B 31 -28.68 -30.28 36.15
C LEU B 31 -29.01 -31.72 36.57
N SER B 32 -28.22 -32.68 36.08
CA SER B 32 -28.42 -34.11 36.36
C SER B 32 -27.36 -34.62 37.32
N ASN B 43 -34.02 -27.25 37.59
CA ASN B 43 -33.96 -26.46 36.36
C ASN B 43 -33.26 -25.11 36.50
N GLU B 44 -32.50 -24.91 37.57
CA GLU B 44 -31.70 -23.69 37.74
C GLU B 44 -30.28 -24.03 38.15
N VAL B 45 -29.33 -23.27 37.61
CA VAL B 45 -27.91 -23.39 38.01
C VAL B 45 -27.34 -22.01 38.34
N ASN B 46 -26.65 -21.90 39.48
CA ASN B 46 -25.93 -20.68 39.85
C ASN B 46 -24.44 -20.77 39.52
N PHE B 47 -23.89 -19.71 38.93
CA PHE B 47 -22.45 -19.64 38.63
C PHE B 47 -21.77 -18.55 39.47
N ARG B 48 -21.10 -18.97 40.54
CA ARG B 48 -20.48 -18.01 41.46
C ARG B 48 -19.29 -17.26 40.88
N GLU B 49 -18.68 -17.78 39.82
CA GLU B 49 -17.49 -17.16 39.23
C GLU B 49 -17.72 -16.56 37.86
N ILE B 50 -18.92 -16.65 37.31
CA ILE B 50 -19.15 -16.12 35.97
C ILE B 50 -20.08 -14.91 36.03
N PRO B 51 -19.53 -13.70 35.79
CA PRO B 51 -20.36 -12.51 35.74
C PRO B 51 -21.20 -12.40 34.47
N SER B 52 -22.21 -11.53 34.49
CA SER B 52 -23.19 -11.42 33.42
C SER B 52 -22.62 -11.00 32.06
N HIS B 53 -21.57 -10.17 32.04
CA HIS B 53 -20.95 -9.81 30.74
C HIS B 53 -20.23 -10.99 30.08
N VAL B 54 -19.96 -12.05 30.84
CA VAL B 54 -19.41 -13.29 30.28
C VAL B 54 -20.53 -14.29 29.96
N LEU B 55 -21.43 -14.51 30.90
CA LEU B 55 -22.47 -15.54 30.73
C LEU B 55 -23.46 -15.20 29.58
N SER B 56 -23.76 -13.93 29.38
CA SER B 56 -24.56 -13.51 28.23
C SER B 56 -23.94 -13.96 26.90
N LYS B 57 -22.62 -13.76 26.76
CA LYS B 57 -21.89 -14.23 25.57
C LYS B 57 -21.88 -15.76 25.43
N VAL B 58 -21.75 -16.47 26.55
CA VAL B 58 -21.86 -17.93 26.53
C VAL B 58 -23.21 -18.36 25.93
N CYS B 59 -24.31 -17.74 26.40
CA CYS B 59 -25.62 -18.04 25.84
C CYS B 59 -25.73 -17.78 24.33
N MET B 60 -25.12 -16.69 23.86
CA MET B 60 -25.09 -16.36 22.44
C MET B 60 -24.30 -17.43 21.64
N TYR B 61 -23.22 -17.94 22.22
CA TYR B 61 -22.49 -19.04 21.60
C TYR B 61 -23.39 -20.28 21.40
N PHE B 62 -24.16 -20.65 22.43
CA PHE B 62 -25.10 -21.79 22.29
C PHE B 62 -26.01 -21.62 21.07
N THR B 63 -26.59 -20.42 20.92
CA THR B 63 -27.51 -20.13 19.81
C THR B 63 -26.79 -20.27 18.46
N TYR B 64 -25.59 -19.69 18.39
CA TYR B 64 -24.74 -19.73 17.20
C TYR B 64 -24.35 -21.15 16.83
N LYS B 65 -23.94 -21.94 17.83
CA LYS B 65 -23.53 -23.31 17.55
C LYS B 65 -24.67 -24.17 17.02
N VAL B 66 -25.85 -24.04 17.64
CA VAL B 66 -27.01 -24.86 17.25
C VAL B 66 -27.47 -24.46 15.83
N ARG B 67 -27.45 -23.17 15.54
CA ARG B 67 -27.85 -22.68 14.22
C ARG B 67 -26.92 -23.13 13.08
N TYR B 68 -25.62 -23.10 13.32
CA TYR B 68 -24.66 -23.26 12.23
C TYR B 68 -23.99 -24.63 12.19
N THR B 69 -24.10 -25.45 13.23
CA THR B 69 -23.59 -26.82 13.16
C THR B 69 -24.33 -27.58 12.05
N ASN B 70 -23.57 -28.18 11.14
CA ASN B 70 -24.10 -28.89 9.95
C ASN B 70 -24.97 -28.01 9.06
N SER B 71 -24.35 -26.97 8.50
CA SER B 71 -25.00 -26.10 7.54
C SER B 71 -24.03 -25.74 6.42
N SER B 72 -24.53 -25.71 5.19
CA SER B 72 -23.75 -25.27 4.04
C SER B 72 -23.83 -23.76 3.87
N THR B 73 -24.87 -23.13 4.41
CA THR B 73 -24.96 -21.66 4.44
C THR B 73 -23.70 -21.12 5.11
N GLU B 74 -23.00 -20.23 4.41
CA GLU B 74 -21.71 -19.70 4.85
C GLU B 74 -21.74 -19.29 6.33
N ILE B 75 -20.65 -19.55 7.03
CA ILE B 75 -20.60 -19.43 8.48
C ILE B 75 -19.89 -18.11 8.83
N PRO B 76 -20.55 -17.22 9.60
CA PRO B 76 -19.86 -16.02 10.06
C PRO B 76 -18.97 -16.30 11.26
N GLU B 77 -18.00 -15.42 11.47
CA GLU B 77 -17.08 -15.48 12.60
C GLU B 77 -17.83 -15.21 13.91
N PHE B 78 -17.52 -15.98 14.96
CA PHE B 78 -18.07 -15.66 16.28
C PHE B 78 -17.26 -14.52 16.90
N PRO B 79 -17.92 -13.37 17.20
CA PRO B 79 -17.22 -12.17 17.64
C PRO B 79 -16.93 -12.15 19.13
N ILE B 80 -15.72 -11.75 19.53
CA ILE B 80 -15.35 -11.65 20.94
C ILE B 80 -14.53 -10.39 21.18
N ALA B 81 -15.07 -9.45 21.95
CA ALA B 81 -14.36 -8.21 22.28
C ALA B 81 -13.11 -8.53 23.09
N PRO B 82 -12.00 -7.81 22.81
CA PRO B 82 -10.76 -8.05 23.56
C PRO B 82 -10.91 -7.99 25.08
N GLU B 83 -11.74 -7.08 25.57
CA GLU B 83 -11.90 -6.84 27.02
C GLU B 83 -12.48 -8.03 27.78
N ILE B 84 -13.24 -8.89 27.09
CA ILE B 84 -13.87 -10.03 27.73
C ILE B 84 -13.20 -11.36 27.39
N ALA B 85 -12.15 -11.33 26.58
CA ALA B 85 -11.61 -12.57 26.01
C ALA B 85 -11.05 -13.51 27.06
N LEU B 86 -10.33 -12.96 28.04
CA LEU B 86 -9.67 -13.79 29.02
C LEU B 86 -10.65 -14.49 29.98
N GLU B 87 -11.63 -13.76 30.47
CA GLU B 87 -12.68 -14.35 31.32
C GLU B 87 -13.52 -15.37 30.55
N LEU B 88 -13.84 -15.06 29.30
CA LEU B 88 -14.60 -15.98 28.46
C LEU B 88 -13.85 -17.31 28.27
N LEU B 89 -12.53 -17.23 28.09
CA LEU B 89 -11.67 -18.41 27.95
C LEU B 89 -11.75 -19.30 29.19
N MET B 90 -11.71 -18.67 30.35
CA MET B 90 -11.80 -19.38 31.61
C MET B 90 -13.18 -20.06 31.77
N ALA B 91 -14.26 -19.38 31.40
CA ALA B 91 -15.59 -19.98 31.44
C ALA B 91 -15.72 -21.18 30.51
N ALA B 92 -15.20 -21.03 29.27
CA ALA B 92 -15.28 -22.08 28.25
C ALA B 92 -14.55 -23.34 28.68
N ASN B 93 -13.38 -23.14 29.30
CA ASN B 93 -12.61 -24.24 29.85
C ASN B 93 -13.31 -24.96 31.00
N PHE B 94 -13.96 -24.19 31.90
CA PHE B 94 -14.76 -24.79 32.98
C PHE B 94 -15.99 -25.54 32.45
N LEU B 95 -16.68 -24.94 31.48
CA LEU B 95 -17.91 -25.50 30.91
C LEU B 95 -17.66 -26.57 29.82
N ASP B 96 -16.41 -26.70 29.38
CA ASP B 96 -16.01 -27.63 28.34
C ASP B 96 -16.78 -27.45 27.02
N CYS B 97 -16.84 -26.22 26.52
CA CYS B 97 -17.61 -25.94 25.30
C CYS B 97 -16.83 -25.07 24.30
N VAL C 11 1.73 -42.12 5.15
CA VAL C 11 0.38 -42.68 4.90
C VAL C 11 -0.46 -41.70 4.09
N LEU C 12 -0.69 -40.50 4.62
CA LEU C 12 -1.40 -39.46 3.86
C LEU C 12 -0.45 -38.84 2.83
N ARG C 13 -0.71 -39.14 1.57
CA ARG C 13 0.10 -38.60 0.47
C ARG C 13 -0.68 -38.62 -0.84
N SER C 14 -0.31 -37.73 -1.76
CA SER C 14 -0.96 -37.71 -3.06
C SER C 14 -0.52 -38.93 -3.85
N VAL C 15 -1.45 -39.45 -4.67
CA VAL C 15 -1.11 -40.45 -5.67
C VAL C 15 -0.56 -39.78 -6.93
N ASN C 16 0.48 -40.34 -7.52
CA ASN C 16 1.04 -39.79 -8.76
C ASN C 16 0.28 -40.30 -10.00
N SER C 17 -0.93 -39.77 -10.22
CA SER C 17 -1.85 -40.30 -11.24
C SER C 17 -1.58 -39.77 -12.65
N ARG C 18 -1.16 -38.52 -12.77
CA ARG C 18 -0.93 -37.87 -14.06
C ARG C 18 -2.21 -37.50 -14.84
N GLU C 19 -3.40 -37.69 -14.27
CA GLU C 19 -4.66 -37.36 -14.93
C GLU C 19 -5.16 -35.98 -14.47
N PRO C 20 -5.19 -34.99 -15.38
CA PRO C 20 -5.50 -33.62 -14.95
C PRO C 20 -6.89 -33.47 -14.34
N SER C 21 -7.02 -32.49 -13.45
CA SER C 21 -8.30 -32.12 -12.86
C SER C 21 -8.28 -30.64 -12.53
N GLN C 22 -9.19 -29.88 -13.13
CA GLN C 22 -9.30 -28.45 -12.91
C GLN C 22 -10.24 -28.17 -11.74
N VAL C 23 -9.82 -27.23 -10.90
CA VAL C 23 -10.51 -26.97 -9.63
C VAL C 23 -10.65 -25.46 -9.43
N ILE C 24 -11.78 -25.04 -8.85
CA ILE C 24 -11.94 -23.68 -8.34
C ILE C 24 -11.80 -23.68 -6.81
N PHE C 25 -10.74 -23.07 -6.31
CA PHE C 25 -10.62 -22.82 -4.88
C PHE C 25 -11.46 -21.55 -4.61
N ASN C 27 -12.79 -19.11 -1.62
CA ASN C 27 -12.62 -18.76 -0.21
C ASN C 27 -13.89 -18.06 0.32
N ARG C 28 -14.76 -18.83 0.95
CA ARG C 28 -15.98 -18.27 1.56
C ARG C 28 -15.79 -18.11 3.07
N SER C 29 -14.59 -17.67 3.48
CA SER C 29 -14.30 -17.38 4.87
C SER C 29 -13.81 -15.93 4.95
N PRO C 30 -13.71 -15.39 6.17
CA PRO C 30 -13.14 -14.05 6.36
C PRO C 30 -11.63 -14.08 6.61
N ARG C 31 -11.00 -15.24 6.47
CA ARG C 31 -9.55 -15.35 6.70
C ARG C 31 -8.79 -15.29 5.37
N VAL C 32 -7.51 -14.93 5.44
CA VAL C 32 -6.56 -15.17 4.35
C VAL C 32 -6.22 -16.67 4.35
N VAL C 33 -6.39 -17.33 3.22
CA VAL C 33 -6.32 -18.79 3.15
C VAL C 33 -5.01 -19.26 2.53
N LEU C 34 -4.38 -20.23 3.19
CA LEU C 34 -3.18 -20.91 2.67
C LEU C 34 -3.56 -22.34 2.22
N PRO C 35 -3.54 -22.61 0.91
CA PRO C 35 -3.70 -23.98 0.47
C PRO C 35 -2.40 -24.76 0.64
N VAL C 36 -2.53 -26.03 1.04
CA VAL C 36 -1.41 -26.91 1.31
C VAL C 36 -1.61 -28.23 0.57
N TRP C 37 -0.69 -28.52 -0.35
CA TRP C 37 -0.68 -29.77 -1.13
C TRP C 37 0.21 -30.77 -0.42
N LEU C 38 -0.27 -32.00 -0.23
CA LEU C 38 0.55 -33.06 0.33
C LEU C 38 1.25 -33.78 -0.83
N ASN C 39 2.57 -33.67 -0.87
CA ASN C 39 3.33 -34.18 -2.00
C ASN C 39 3.46 -35.72 -1.95
N PHE C 40 4.23 -36.29 -2.87
CA PHE C 40 4.26 -37.74 -3.01
C PHE C 40 4.96 -38.48 -1.85
N ASP C 41 5.69 -37.74 -1.02
CA ASP C 41 6.27 -38.25 0.22
C ASP C 41 5.49 -37.82 1.47
N GLY C 42 4.36 -37.14 1.30
CA GLY C 42 3.55 -36.70 2.42
C GLY C 42 3.99 -35.40 3.06
N GLU C 43 4.97 -34.72 2.48
CA GLU C 43 5.39 -33.41 2.99
C GLU C 43 4.38 -32.36 2.56
N PRO C 44 4.01 -31.47 3.50
CA PRO C 44 3.14 -30.35 3.14
C PRO C 44 3.86 -29.31 2.29
N GLN C 45 3.29 -28.96 1.14
CA GLN C 45 3.83 -27.89 0.31
C GLN C 45 2.85 -26.71 0.25
N PRO C 46 3.29 -25.53 0.70
CA PRO C 46 2.40 -24.38 0.66
C PRO C 46 2.27 -23.80 -0.75
N TYR C 47 1.10 -23.24 -1.05
CA TYR C 47 0.81 -22.63 -2.36
C TYR C 47 0.39 -21.18 -2.12
N PRO C 48 0.29 -20.35 -3.20
CA PRO C 48 -0.08 -18.93 -3.00
C PRO C 48 -1.40 -18.72 -2.26
N THR C 49 -1.50 -17.63 -1.48
CA THR C 49 -2.64 -17.40 -0.60
C THR C 49 -3.83 -16.81 -1.34
N LEU C 50 -5.02 -16.91 -0.73
CA LEU C 50 -6.26 -16.31 -1.26
C LEU C 50 -6.84 -15.30 -0.25
N PRO C 51 -7.00 -14.04 -0.67
CA PRO C 51 -7.64 -13.09 0.24
C PRO C 51 -9.12 -13.47 0.51
N PRO C 52 -9.70 -12.94 1.60
CA PRO C 52 -11.10 -13.24 1.94
C PRO C 52 -12.06 -13.01 0.78
N GLY C 53 -12.93 -13.98 0.51
CA GLY C 53 -13.96 -13.83 -0.50
C GLY C 53 -13.55 -14.01 -1.95
N THR C 54 -12.29 -14.37 -2.21
CA THR C 54 -11.79 -14.48 -3.58
C THR C 54 -11.76 -15.93 -4.06
N GLY C 55 -11.56 -16.08 -5.38
CA GLY C 55 -11.51 -17.39 -6.02
C GLY C 55 -10.34 -17.51 -6.99
N ARG C 56 -9.85 -18.73 -7.18
CA ARG C 56 -8.80 -19.01 -8.18
C ARG C 56 -9.10 -20.30 -8.93
N ARG C 57 -8.92 -20.29 -10.26
CA ARG C 57 -9.02 -21.51 -11.05
C ARG C 57 -7.64 -22.13 -11.17
N ILE C 58 -7.49 -23.37 -10.70
CA ILE C 58 -6.16 -23.99 -10.65
C ILE C 58 -6.13 -25.36 -11.31
N HIS C 59 -4.94 -25.80 -11.67
CA HIS C 59 -4.73 -27.10 -12.31
C HIS C 59 -4.12 -28.07 -11.31
N SER C 60 -4.85 -29.13 -10.99
CA SER C 60 -4.35 -30.18 -10.08
C SER C 60 -4.53 -31.53 -10.77
N TYR C 61 -4.58 -32.62 -10.00
CA TYR C 61 -4.66 -33.96 -10.55
C TYR C 61 -5.55 -34.87 -9.72
N ARG C 62 -6.15 -35.87 -10.38
CA ARG C 62 -6.94 -36.88 -9.68
C ARG C 62 -6.07 -37.58 -8.64
N GLY C 63 -6.65 -37.81 -7.46
CA GLY C 63 -5.95 -38.48 -6.37
C GLY C 63 -4.97 -37.64 -5.58
N HIS C 64 -4.89 -36.34 -5.85
CA HIS C 64 -4.03 -35.45 -5.07
C HIS C 64 -4.77 -34.95 -3.81
N LEU C 65 -4.03 -34.64 -2.76
CA LEU C 65 -4.63 -34.30 -1.46
C LEU C 65 -4.31 -32.87 -1.07
N TRP C 66 -5.33 -32.14 -0.60
CA TRP C 66 -5.23 -30.74 -0.21
C TRP C 66 -5.91 -30.48 1.14
N LEU C 67 -5.36 -29.54 1.91
CA LEU C 67 -6.05 -29.00 3.07
C LEU C 67 -5.83 -27.49 3.08
N PHE C 68 -6.54 -26.77 3.94
CA PHE C 68 -6.57 -25.30 3.91
C PHE C 68 -6.50 -24.71 5.33
N ARG C 69 -5.69 -23.67 5.49
CA ARG C 69 -5.41 -23.06 6.79
C ARG C 69 -5.52 -21.55 6.75
N ASP C 70 -5.71 -20.91 7.91
CA ASP C 70 -5.48 -19.47 8.04
C ASP C 70 -3.99 -19.20 7.81
N ALA C 71 -3.67 -18.37 6.84
CA ALA C 71 -2.28 -18.17 6.44
C ALA C 71 -1.43 -17.52 7.53
N GLY C 72 -2.05 -16.71 8.38
CA GLY C 72 -1.34 -15.98 9.43
C GLY C 72 -1.23 -16.75 10.75
N THR C 73 -2.23 -17.53 11.10
CA THR C 73 -2.26 -18.24 12.40
C THR C 73 -2.19 -19.76 12.31
N HIS C 74 -2.42 -20.30 11.11
CA HIS C 74 -2.53 -21.74 10.86
C HIS C 74 -3.77 -22.42 11.44
N ASP C 75 -4.75 -21.65 11.91
CA ASP C 75 -6.04 -22.23 12.32
C ASP C 75 -6.59 -23.12 11.20
N GLY C 76 -7.23 -24.23 11.58
CA GLY C 76 -7.83 -25.15 10.61
C GLY C 76 -9.09 -24.60 9.98
N LEU C 77 -9.27 -24.90 8.67
CA LEU C 77 -10.47 -24.52 7.92
C LEU C 77 -11.09 -25.77 7.25
N LEU C 78 -12.35 -25.66 6.85
CA LEU C 78 -13.03 -26.80 6.18
C LEU C 78 -13.09 -26.56 4.69
N VAL C 79 -13.09 -27.66 3.94
CA VAL C 79 -13.29 -27.61 2.50
C VAL C 79 -14.38 -28.63 2.17
N ASN C 80 -15.39 -28.16 1.45
CA ASN C 80 -16.65 -28.88 1.27
C ASN C 80 -17.12 -29.61 2.52
N GLN C 81 -17.06 -28.91 3.65
CA GLN C 81 -17.54 -29.41 4.96
C GLN C 81 -16.63 -30.46 5.60
N THR C 82 -15.41 -30.64 5.12
CA THR C 82 -14.52 -31.64 5.71
C THR C 82 -13.06 -31.19 5.71
N GLU C 83 -12.18 -32.05 6.20
CA GLU C 83 -10.77 -31.70 6.43
C GLU C 83 -9.91 -31.69 5.17
N LEU C 84 -10.12 -32.70 4.32
CA LEU C 84 -9.28 -32.95 3.15
C LEU C 84 -10.11 -32.86 1.90
N PHE C 85 -9.50 -32.38 0.82
CA PHE C 85 -10.12 -32.28 -0.51
C PHE C 85 -9.29 -33.06 -1.53
N VAL C 86 -9.97 -33.89 -2.31
CA VAL C 86 -9.32 -34.70 -3.34
C VAL C 86 -10.01 -34.44 -4.68
N PRO C 87 -9.30 -33.85 -5.65
CA PRO C 87 -9.90 -33.60 -6.95
C PRO C 87 -10.42 -34.88 -7.60
N SER C 88 -11.60 -34.78 -8.19
CA SER C 88 -12.23 -35.89 -8.89
C SER C 88 -12.26 -35.67 -10.42
N LEU C 89 -12.82 -36.64 -11.14
CA LEU C 89 -12.98 -36.55 -12.59
C LEU C 89 -13.87 -35.37 -12.96
N ASN C 90 -13.41 -34.52 -13.89
CA ASN C 90 -14.25 -33.45 -14.43
C ASN C 90 -15.29 -34.00 -15.42
N VAL C 91 -16.56 -33.70 -15.18
CA VAL C 91 -17.67 -34.19 -15.99
C VAL C 91 -18.16 -33.09 -16.94
N ASP C 92 -18.22 -33.41 -18.23
CA ASP C 92 -18.61 -32.45 -19.28
C ASP C 92 -17.72 -31.20 -19.30
N GLY C 93 -16.44 -31.37 -18.96
CA GLY C 93 -15.48 -30.26 -18.92
C GLY C 93 -15.66 -29.25 -17.79
N GLN C 94 -16.58 -29.50 -16.86
CA GLN C 94 -16.82 -28.56 -15.76
C GLN C 94 -15.78 -28.76 -14.64
N PRO C 95 -15.30 -27.67 -14.02
CA PRO C 95 -14.35 -27.81 -12.90
C PRO C 95 -15.02 -28.26 -11.60
N ILE C 96 -14.23 -28.77 -10.67
CA ILE C 96 -14.71 -29.16 -9.35
C ILE C 96 -14.64 -27.94 -8.43
N PHE C 97 -15.70 -27.68 -7.66
CA PHE C 97 -15.67 -26.61 -6.68
C PHE C 97 -15.13 -27.05 -5.32
N ALA C 98 -14.13 -26.34 -4.83
CA ALA C 98 -13.65 -26.50 -3.46
C ALA C 98 -14.01 -25.27 -2.62
N ASN C 99 -15.15 -25.37 -1.93
CA ASN C 99 -15.64 -24.29 -1.07
C ASN C 99 -15.03 -24.31 0.31
N ILE C 100 -14.23 -23.29 0.60
CA ILE C 100 -13.48 -23.19 1.84
C ILE C 100 -14.24 -22.29 2.80
N THR C 101 -14.53 -22.80 4.01
CA THR C 101 -15.34 -22.09 5.02
C THR C 101 -14.75 -22.19 6.41
N LEU C 102 -15.25 -21.36 7.33
CA LEU C 102 -14.93 -21.52 8.73
C LEU C 102 -15.61 -22.77 9.25
N PRO C 103 -14.92 -23.54 10.10
CA PRO C 103 -15.67 -24.47 10.95
C PRO C 103 -16.41 -23.71 12.04
N VAL C 104 -17.36 -24.38 12.70
CA VAL C 104 -17.84 -23.93 13.99
C VAL C 104 -16.81 -24.33 15.05
N TYR C 105 -15.92 -23.41 15.41
CA TYR C 105 -14.95 -23.68 16.49
C TYR C 105 -15.65 -23.82 17.84
N THR C 106 -15.07 -24.64 18.73
CA THR C 106 -15.52 -24.68 20.12
C THR C 106 -15.32 -23.27 20.66
N LEU C 107 -16.08 -22.89 21.68
CA LEU C 107 -15.89 -21.58 22.28
C LEU C 107 -14.48 -21.45 22.87
N LYS C 108 -13.95 -22.54 23.44
CA LYS C 108 -12.58 -22.53 23.98
C LYS C 108 -11.54 -22.21 22.90
N GLU C 109 -11.60 -22.92 21.77
CA GLU C 109 -10.61 -22.66 20.73
C GLU C 109 -10.76 -21.24 20.16
N ARG C 110 -11.98 -20.76 20.02
CA ARG C 110 -12.19 -19.38 19.55
C ARG C 110 -11.56 -18.36 20.52
N CYS C 111 -11.75 -18.58 21.82
CA CYS C 111 -11.12 -17.71 22.82
C CYS C 111 -9.61 -17.77 22.76
N LEU C 112 -9.04 -18.97 22.57
CA LEU C 112 -7.59 -19.11 22.41
C LEU C 112 -7.09 -18.33 21.19
N GLN C 113 -7.84 -18.37 20.09
CA GLN C 113 -7.47 -17.61 18.88
C GLN C 113 -7.37 -16.13 19.19
N VAL C 114 -8.42 -15.58 19.80
CA VAL C 114 -8.45 -14.14 20.12
C VAL C 114 -7.32 -13.77 21.11
N VAL C 115 -7.10 -14.58 22.12
CA VAL C 115 -6.02 -14.30 23.09
C VAL C 115 -4.65 -14.37 22.39
N ARG C 116 -4.42 -15.39 21.56
CA ARG C 116 -3.17 -15.46 20.79
C ARG C 116 -2.97 -14.24 19.87
N SER C 117 -4.04 -13.69 19.33
CA SER C 117 -3.94 -12.49 18.48
C SER C 117 -3.62 -11.20 19.23
N LEU C 118 -3.77 -11.19 20.55
CA LEU C 118 -3.52 -9.98 21.35
C LEU C 118 -2.24 -10.04 22.20
N VAL C 119 -1.72 -11.23 22.48
CA VAL C 119 -0.61 -11.39 23.42
C VAL C 119 0.57 -12.03 22.73
N LYS C 120 1.74 -11.40 22.83
CA LYS C 120 2.97 -11.95 22.26
C LYS C 120 3.31 -13.25 22.99
N PRO C 121 3.84 -14.25 22.28
CA PRO C 121 4.05 -15.55 22.93
C PRO C 121 4.92 -15.51 24.19
N GLU C 122 5.84 -14.55 24.28
CA GLU C 122 6.71 -14.42 25.46
C GLU C 122 5.93 -14.04 26.69
N ASN C 123 4.79 -13.39 26.48
CA ASN C 123 3.96 -12.90 27.59
C ASN C 123 2.82 -13.83 28.03
N TYR C 124 2.66 -14.98 27.37
CA TYR C 124 1.63 -15.95 27.78
C TYR C 124 1.76 -16.32 29.25
N ARG C 125 3.00 -16.43 29.71
CA ARG C 125 3.27 -16.78 31.10
C ARG C 125 2.88 -15.69 32.10
N ARG C 126 2.76 -14.45 31.65
CA ARG C 126 2.33 -13.35 32.53
C ARG C 126 0.83 -13.33 32.77
N LEU C 127 0.08 -14.10 31.98
CA LEU C 127 -1.36 -14.16 32.14
C LEU C 127 -1.73 -14.89 33.43
N ASP C 128 -2.80 -14.44 34.06
CA ASP C 128 -3.25 -15.01 35.32
C ASP C 128 -4.27 -16.13 35.07
N ILE C 129 -3.76 -17.29 34.67
CA ILE C 129 -4.60 -18.46 34.34
C ILE C 129 -3.92 -19.74 34.81
N VAL C 130 -4.69 -20.82 34.92
CA VAL C 130 -4.12 -22.12 35.32
C VAL C 130 -3.09 -22.62 34.30
N ARG C 131 -2.09 -23.32 34.80
CA ARG C 131 -0.99 -23.78 33.97
C ARG C 131 -1.45 -24.45 32.68
N SER C 132 -2.52 -25.22 32.75
CA SER C 132 -2.96 -26.00 31.57
C SER C 132 -3.44 -25.12 30.40
N LEU C 133 -3.87 -23.89 30.69
CA LEU C 133 -4.27 -22.93 29.66
C LEU C 133 -3.08 -22.20 29.07
N TYR C 134 -1.99 -22.06 29.83
CA TYR C 134 -0.71 -21.61 29.27
C TYR C 134 -0.24 -22.62 28.21
N GLU C 135 -0.28 -23.90 28.54
CA GLU C 135 0.05 -24.97 27.58
C GLU C 135 -0.86 -24.92 26.35
N ASP C 136 -2.18 -24.78 26.57
CA ASP C 136 -3.12 -24.72 25.44
C ASP C 136 -2.81 -23.59 24.48
N LEU C 137 -2.47 -22.41 25.01
CA LEU C 137 -2.07 -21.25 24.18
C LEU C 137 -0.80 -21.51 23.37
N GLU C 138 0.21 -22.06 24.06
CA GLU C 138 1.51 -22.35 23.44
C GLU C 138 1.40 -23.45 22.41
N ASP C 139 0.49 -24.40 22.63
CA ASP C 139 0.27 -25.48 21.65
C ASP C 139 -0.61 -24.99 20.52
N HIS C 140 -0.09 -24.07 19.72
CA HIS C 140 -0.89 -23.43 18.67
C HIS C 140 -1.04 -24.34 17.45
N PRO C 141 -2.06 -24.08 16.61
CA PRO C 141 -2.30 -24.96 15.46
C PRO C 141 -1.08 -25.10 14.55
N ASN C 142 -0.95 -26.27 13.93
CA ASN C 142 0.23 -26.63 13.14
C ASN C 142 -0.15 -27.82 12.26
N VAL C 143 0.26 -27.79 10.99
CA VAL C 143 -0.13 -28.83 10.03
C VAL C 143 0.48 -30.22 10.37
N GLN C 144 1.74 -30.26 10.78
CA GLN C 144 2.38 -31.54 11.13
C GLN C 144 1.61 -32.29 12.23
N LYS C 145 1.27 -31.58 13.30
CA LYS C 145 0.48 -32.15 14.41
C LYS C 145 -0.83 -32.75 13.92
N ASP C 146 -1.50 -32.07 12.99
CA ASP C 146 -2.75 -32.58 12.43
C ASP C 146 -2.53 -33.81 11.56
N LEU C 147 -1.44 -33.83 10.79
CA LEU C 147 -1.10 -35.01 10.00
C LEU C 147 -0.80 -36.21 10.90
N GLU C 148 -0.04 -35.99 11.97
CA GLU C 148 0.26 -37.07 12.93
C GLU C 148 -1.00 -37.56 13.64
N ARG C 149 -1.98 -36.68 13.83
CA ARG C 149 -3.29 -37.10 14.31
C ARG C 149 -3.97 -37.95 13.25
N LEU C 150 -4.35 -37.33 12.13
CA LEU C 150 -5.07 -38.02 11.04
C LEU C 150 -4.49 -39.39 10.69
N THR C 151 -3.19 -39.56 10.92
CA THR C 151 -2.54 -40.87 10.81
C THR C 151 -2.69 -41.65 12.10
N MET D 1 -1.75 13.76 18.09
CA MET D 1 -0.40 14.02 18.66
C MET D 1 -0.49 14.10 20.17
N ASP D 2 0.44 13.42 20.85
CA ASP D 2 0.50 13.44 22.30
C ASP D 2 1.18 14.69 22.82
N VAL D 3 0.69 15.20 23.95
CA VAL D 3 1.37 16.26 24.67
C VAL D 3 1.66 15.75 26.07
N PHE D 4 2.81 16.15 26.62
CA PHE D 4 3.27 15.67 27.91
C PHE D 4 3.25 16.79 28.95
N LEU D 5 2.59 16.52 30.08
CA LEU D 5 2.21 17.57 31.03
C LEU D 5 2.65 17.31 32.46
N MET D 6 2.81 18.41 33.19
CA MET D 6 2.85 18.44 34.66
C MET D 6 1.65 19.26 35.16
N ILE D 7 0.74 18.61 35.88
CA ILE D 7 -0.39 19.32 36.49
C ILE D 7 -0.05 19.61 37.94
N ARG D 8 0.01 20.89 38.29
CA ARG D 8 0.62 21.32 39.55
C ARG D 8 -0.32 22.18 40.42
N ARG D 9 -0.34 21.86 41.71
CA ARG D 9 -1.07 22.61 42.74
C ARG D 9 -0.31 22.47 44.06
N HIS D 10 0.00 23.59 44.70
CA HIS D 10 0.72 23.59 45.97
C HIS D 10 1.96 22.70 45.85
N LYS D 11 2.03 21.56 46.56
CA LYS D 11 3.19 20.67 46.47
C LYS D 11 2.87 19.34 45.74
N THR D 12 1.75 19.33 45.02
CA THR D 12 1.34 18.17 44.22
C THR D 12 1.73 18.41 42.76
N THR D 13 2.35 17.41 42.14
CA THR D 13 2.70 17.46 40.72
C THR D 13 2.39 16.12 40.07
N ILE D 14 1.43 16.12 39.15
CA ILE D 14 1.05 14.92 38.41
C ILE D 14 1.70 14.89 37.04
N PHE D 15 2.46 13.83 36.75
CA PHE D 15 3.00 13.60 35.40
C PHE D 15 2.00 12.76 34.61
N THR D 16 1.54 13.29 33.47
CA THR D 16 0.69 12.52 32.57
C THR D 16 0.76 13.06 31.14
N ASP D 17 0.12 12.34 30.21
CA ASP D 17 0.00 12.79 28.82
C ASP D 17 -1.46 12.80 28.40
N ALA D 18 -1.73 13.46 27.29
CA ALA D 18 -3.06 13.55 26.69
C ALA D 18 -2.91 13.90 25.21
N LYS D 19 -3.99 13.90 24.46
CA LYS D 19 -3.93 14.23 23.04
C LYS D 19 -4.13 15.72 22.81
N GLU D 20 -3.50 16.23 21.76
CA GLU D 20 -3.65 17.64 21.40
C GLU D 20 -5.12 17.98 21.16
N SER D 21 -5.87 17.02 20.61
CA SER D 21 -7.29 17.18 20.29
C SER D 21 -8.24 17.02 21.47
N SER D 22 -7.76 16.55 22.63
CA SER D 22 -8.62 16.37 23.80
C SER D 22 -8.96 17.69 24.49
N THR D 23 -10.04 17.70 25.25
CA THR D 23 -10.57 18.92 25.85
C THR D 23 -10.09 19.16 27.27
N VAL D 24 -10.25 20.40 27.72
CA VAL D 24 -9.91 20.82 29.08
C VAL D 24 -10.75 20.04 30.10
N PHE D 25 -12.01 19.79 29.76
CA PHE D 25 -12.91 19.02 30.62
C PHE D 25 -12.41 17.57 30.77
N GLU D 26 -12.02 16.96 29.66
CA GLU D 26 -11.46 15.60 29.68
C GLU D 26 -10.20 15.50 30.55
N LEU D 27 -9.43 16.58 30.65
CA LEU D 27 -8.26 16.63 31.54
C LEU D 27 -8.66 16.71 33.02
N LYS D 28 -9.76 17.41 33.32
CA LYS D 28 -10.32 17.42 34.68
C LYS D 28 -10.76 16.03 35.15
N ARG D 29 -11.36 15.25 34.23
CA ARG D 29 -11.74 13.87 34.52
C ARG D 29 -10.52 12.99 34.82
N ILE D 30 -9.37 13.28 34.23
CA ILE D 30 -8.14 12.56 34.57
C ILE D 30 -7.69 12.91 35.99
N VAL D 31 -7.67 14.20 36.31
CA VAL D 31 -7.34 14.66 37.65
C VAL D 31 -8.33 14.11 38.70
N GLU D 32 -9.60 13.96 38.30
CA GLU D 32 -10.63 13.38 39.18
C GLU D 32 -10.30 11.95 39.59
N GLY D 33 -9.89 11.14 38.62
CA GLY D 33 -9.51 9.75 38.88
C GLY D 33 -8.32 9.60 39.82
N ILE D 34 -7.43 10.58 39.81
CA ILE D 34 -6.22 10.56 40.64
C ILE D 34 -6.43 11.19 42.02
N LEU D 35 -6.93 12.42 42.05
CA LEU D 35 -7.02 13.20 43.30
C LEU D 35 -8.42 13.24 43.92
N LYS D 36 -9.39 12.56 43.29
CA LYS D 36 -10.74 12.40 43.84
C LYS D 36 -11.48 13.71 44.07
N ARG D 37 -11.38 14.65 43.13
CA ARG D 37 -12.19 15.87 43.15
C ARG D 37 -12.91 16.02 41.81
N PRO D 38 -14.21 16.33 41.84
CA PRO D 38 -14.96 16.43 40.59
C PRO D 38 -14.55 17.64 39.75
N PRO D 39 -14.84 17.60 38.44
CA PRO D 39 -14.54 18.70 37.53
C PRO D 39 -15.01 20.08 38.01
N ASP D 40 -16.23 20.15 38.55
CA ASP D 40 -16.78 21.44 38.99
C ASP D 40 -16.11 22.00 40.26
N GLU D 41 -15.22 21.24 40.89
CA GLU D 41 -14.40 21.76 41.98
C GLU D 41 -12.95 21.99 41.54
N GLN D 42 -12.72 22.03 40.22
CA GLN D 42 -11.39 22.27 39.65
C GLN D 42 -11.39 23.48 38.74
N ARG D 43 -10.32 24.27 38.80
CA ARG D 43 -10.00 25.26 37.75
C ARG D 43 -8.62 24.92 37.23
N LEU D 44 -8.46 24.85 35.91
CA LEU D 44 -7.16 24.62 35.30
C LEU D 44 -6.66 25.89 34.62
N TYR D 45 -5.33 26.06 34.62
CA TYR D 45 -4.70 27.30 34.17
C TYR D 45 -3.54 27.05 33.22
N LYS D 46 -3.34 27.98 32.28
CA LYS D 46 -2.09 28.10 31.56
C LYS D 46 -1.50 29.43 31.96
N ASP D 47 -0.39 29.39 32.69
CA ASP D 47 0.12 30.57 33.41
C ASP D 47 -1.02 31.16 34.27
N ASP D 48 -1.43 32.41 34.03
CA ASP D 48 -2.53 33.02 34.78
C ASP D 48 -3.90 32.87 34.10
N GLN D 49 -3.95 32.33 32.90
CA GLN D 49 -5.18 32.31 32.11
C GLN D 49 -6.05 31.11 32.46
N LEU D 50 -7.33 31.35 32.75
CA LEU D 50 -8.29 30.30 33.07
C LEU D 50 -8.70 29.57 31.81
N LEU D 51 -8.73 28.24 31.86
CA LEU D 51 -9.03 27.43 30.69
C LEU D 51 -10.50 26.99 30.67
N ASP D 52 -11.20 27.29 29.59
CA ASP D 52 -12.60 26.89 29.45
C ASP D 52 -12.74 25.39 29.11
N ASP D 53 -13.70 24.73 29.74
CA ASP D 53 -13.88 23.29 29.62
C ASP D 53 -13.92 22.78 28.17
N GLY D 54 -14.60 23.52 27.30
CA GLY D 54 -14.84 23.07 25.93
C GLY D 54 -13.70 23.23 24.94
N LYS D 55 -12.61 23.87 25.35
CA LYS D 55 -11.48 24.10 24.44
C LYS D 55 -10.54 22.90 24.38
N THR D 56 -9.87 22.72 23.24
CA THR D 56 -8.88 21.66 23.14
C THR D 56 -7.57 22.15 23.77
N LEU D 57 -6.73 21.20 24.13
CA LEU D 57 -5.41 21.52 24.65
C LEU D 57 -4.56 22.24 23.59
N GLY D 58 -4.68 21.83 22.34
CA GLY D 58 -3.98 22.48 21.22
C GLY D 58 -4.35 23.94 21.00
N GLU D 59 -5.65 24.23 21.10
CA GLU D 59 -6.20 25.59 21.06
C GLU D 59 -5.62 26.49 22.14
N GLY D 61 -2.70 26.17 23.38
CA GLY D 61 -1.25 26.30 23.19
C GLY D 61 -0.39 25.16 23.69
N PHE D 62 -0.99 24.03 24.08
CA PHE D 62 -0.22 22.84 24.46
C PHE D 62 -0.03 22.02 23.20
N THR D 63 1.17 22.08 22.62
CA THR D 63 1.49 21.37 21.37
C THR D 63 2.56 20.31 21.57
N SER D 64 2.54 19.30 20.72
CA SER D 64 3.45 18.15 20.87
C SER D 64 4.90 18.59 20.87
N GLN D 65 5.22 19.60 20.08
CA GLN D 65 6.59 20.06 19.97
C GLN D 65 7.02 21.00 21.10
N THR D 66 6.10 21.45 21.95
CA THR D 66 6.46 22.22 23.16
C THR D 66 6.26 21.42 24.46
N ALA D 67 5.19 20.65 24.54
CA ALA D 67 4.94 19.80 25.70
C ALA D 67 5.61 18.43 25.49
N ARG D 68 6.90 18.36 25.75
CA ARG D 68 7.74 17.20 25.37
C ARG D 68 7.95 16.22 26.54
N PRO D 69 8.21 14.94 26.23
CA PRO D 69 8.42 13.94 27.29
C PRO D 69 9.48 14.34 28.32
N GLN D 70 10.61 14.82 27.81
CA GLN D 70 11.77 15.21 28.62
C GLN D 70 11.71 16.64 29.14
N ALA D 71 10.63 17.36 28.81
CA ALA D 71 10.47 18.77 29.22
C ALA D 71 8.99 19.14 29.14
N PRO D 72 8.16 18.58 30.03
CA PRO D 72 6.72 18.70 29.92
C PRO D 72 6.21 20.13 30.21
N ALA D 73 5.05 20.46 29.66
CA ALA D 73 4.43 21.78 29.85
C ALA D 73 3.63 21.78 31.14
N THR D 74 3.50 22.94 31.79
CA THR D 74 2.80 23.03 33.09
C THR D 74 1.34 23.51 32.98
N VAL D 75 0.46 22.79 33.67
CA VAL D 75 -0.93 23.18 33.84
C VAL D 75 -1.15 23.43 35.33
N GLY D 76 -1.70 24.58 35.67
CA GLY D 76 -2.01 24.93 37.05
C GLY D 76 -3.37 24.41 37.47
N LEU D 77 -3.51 24.06 38.73
CA LEU D 77 -4.75 23.52 39.28
C LEU D 77 -5.10 24.24 40.59
N ALA D 78 -6.35 24.69 40.71
CA ALA D 78 -6.89 25.23 41.97
C ALA D 78 -8.21 24.54 42.31
N PHE D 79 -8.38 24.16 43.58
CA PHE D 79 -9.61 23.50 44.05
C PHE D 79 -10.58 24.48 44.70
N ARG D 80 -11.85 24.09 44.72
CA ARG D 80 -12.89 24.83 45.44
C ARG D 80 -13.16 24.17 46.78
N ALA D 81 -12.97 24.93 47.85
CA ALA D 81 -13.33 24.51 49.21
C ALA D 81 -14.50 25.38 49.68
N ASP D 82 -15.56 24.73 50.15
CA ASP D 82 -16.79 25.43 50.56
C ASP D 82 -17.35 26.27 49.41
N ASP D 83 -17.69 27.53 49.67
CA ASP D 83 -18.30 28.41 48.67
C ASP D 83 -17.40 28.75 47.48
N THR D 84 -16.13 29.09 47.74
CA THR D 84 -15.27 29.74 46.74
C THR D 84 -13.98 28.98 46.42
N PHE D 85 -13.43 29.24 45.23
CA PHE D 85 -12.16 28.66 44.81
C PHE D 85 -10.98 29.36 45.48
N GLU D 86 -9.96 28.57 45.80
CA GLU D 86 -8.69 29.11 46.29
C GLU D 86 -7.97 29.83 45.15
N ALA D 87 -7.02 30.69 45.49
CA ALA D 87 -6.14 31.30 44.49
C ALA D 87 -5.15 30.26 43.97
N LEU D 88 -4.66 30.46 42.75
CA LEU D 88 -3.67 29.57 42.17
C LEU D 88 -2.36 29.70 42.94
N ILE D 90 1.37 27.61 43.34
CA ILE D 90 2.30 26.53 42.95
C ILE D 90 3.65 26.75 43.63
N GLU D 91 4.00 25.84 44.54
CA GLU D 91 5.27 25.90 45.25
C GLU D 91 6.43 25.60 44.30
N PRO D 92 7.49 26.41 44.33
CA PRO D 92 8.62 26.19 43.44
C PRO D 92 9.45 25.03 43.93
N PHE D 93 10.12 24.35 43.00
CA PHE D 93 11.06 23.28 43.38
C PHE D 93 12.24 23.91 44.12
N SER D 94 13.00 23.08 44.82
CA SER D 94 14.20 23.52 45.54
C SER D 94 15.24 24.12 44.61
N SER D 95 16.21 24.82 45.17
CA SER D 95 17.23 25.50 44.39
C SER D 95 18.50 24.66 44.37
N PRO D 96 19.11 24.49 43.18
CA PRO D 96 20.37 23.77 43.15
C PRO D 96 21.46 24.55 43.89
N PRO D 97 22.51 23.86 44.34
CA PRO D 97 23.63 24.50 45.00
C PRO D 97 24.56 25.18 43.98
N GLU D 98 25.52 25.95 44.47
CA GLU D 98 26.53 26.56 43.61
C GLU D 98 27.43 25.47 43.04
N LEU D 99 27.90 25.68 41.82
CA LEU D 99 28.80 24.72 41.17
C LEU D 99 30.10 24.58 41.94
N PRO D 100 30.56 23.34 42.16
CA PRO D 100 31.89 23.14 42.73
C PRO D 100 32.99 23.70 41.82
N ASP D 101 34.13 24.06 42.41
CA ASP D 101 35.27 24.58 41.64
C ASP D 101 35.62 23.71 40.45
N VAL D 102 35.86 22.43 40.70
CA VAL D 102 36.35 21.50 39.68
C VAL D 102 35.49 21.41 38.40
N MET D 103 34.22 21.82 38.48
CA MET D 103 33.35 21.88 37.30
C MET D 103 33.42 23.27 36.67
N MET E 1 -6.04 3.39 35.60
CA MET E 1 -4.55 3.38 35.56
C MET E 1 -3.98 3.45 36.98
N MET E 2 -2.91 2.70 37.21
CA MET E 2 -2.26 2.67 38.51
C MET E 2 -1.21 3.78 38.59
N TYR E 3 -1.29 4.60 39.63
CA TYR E 3 -0.29 5.63 39.91
C TYR E 3 0.39 5.38 41.25
N VAL E 4 1.59 5.94 41.42
CA VAL E 4 2.29 5.90 42.71
C VAL E 4 2.79 7.30 43.07
N LYS E 5 3.10 7.52 44.35
CA LYS E 5 3.55 8.83 44.83
C LYS E 5 5.01 8.77 45.29
N LEU E 6 5.86 9.62 44.70
CA LEU E 6 7.27 9.74 45.08
C LEU E 6 7.49 11.09 45.73
N ILE E 7 7.87 11.08 47.01
CA ILE E 7 7.99 12.31 47.79
C ILE E 7 9.45 12.72 48.00
N SER E 8 9.82 13.94 47.58
CA SER E 8 11.18 14.46 47.75
C SER E 8 11.49 14.82 49.22
N SER E 9 12.75 15.14 49.50
CA SER E 9 13.18 15.50 50.87
C SER E 9 12.61 16.82 51.38
N ASP E 10 12.25 17.71 50.46
CA ASP E 10 11.61 18.99 50.82
C ASP E 10 10.07 18.92 50.76
N GLY E 11 9.51 17.72 50.66
CA GLY E 11 8.07 17.53 50.74
C GLY E 11 7.27 17.63 49.45
N HIS E 12 7.91 17.69 48.29
CA HIS E 12 7.17 17.68 47.02
C HIS E 12 6.69 16.27 46.69
N GLU E 13 5.40 16.15 46.36
CA GLU E 13 4.77 14.88 46.06
C GLU E 13 4.55 14.76 44.55
N PHE E 14 5.25 13.81 43.93
CA PHE E 14 5.19 13.57 42.49
C PHE E 14 4.39 12.31 42.22
N ILE E 15 3.38 12.43 41.37
CA ILE E 15 2.48 11.33 41.09
C ILE E 15 2.75 10.87 39.66
N VAL E 16 3.19 9.63 39.52
CA VAL E 16 3.59 9.08 38.23
C VAL E 16 2.93 7.72 38.02
N LYS E 17 2.80 7.31 36.76
CA LYS E 17 2.31 5.97 36.45
C LYS E 17 3.19 4.90 37.08
N ARG E 18 2.55 3.90 37.70
CA ARG E 18 3.26 2.81 38.35
C ARG E 18 4.26 2.16 37.41
N GLU E 19 3.80 1.86 36.20
CA GLU E 19 4.65 1.34 35.13
C GLU E 19 5.94 2.14 34.98
N HIS E 20 5.84 3.47 34.97
CA HIS E 20 7.00 4.35 34.80
C HIS E 20 7.97 4.30 35.97
N ALA E 21 7.42 4.24 37.18
CA ALA E 21 8.24 4.16 38.38
C ALA E 21 9.04 2.85 38.46
N LEU E 22 8.50 1.77 37.92
CA LEU E 22 9.17 0.47 37.93
C LEU E 22 10.39 0.39 37.01
N THR E 23 10.64 1.41 36.19
CA THR E 23 11.96 1.59 35.59
C THR E 23 13.07 1.29 36.63
N SER E 24 12.88 1.72 37.87
CA SER E 24 13.84 1.52 38.96
C SER E 24 13.56 0.27 39.78
N GLY E 25 14.47 -0.70 39.71
CA GLY E 25 14.47 -1.85 40.62
C GLY E 25 14.47 -1.48 42.10
N THR E 26 15.15 -0.40 42.46
CA THR E 26 15.17 0.07 43.84
C THR E 26 13.78 0.54 44.33
N ILE E 27 13.09 1.30 43.49
CA ILE E 27 11.73 1.76 43.78
C ILE E 27 10.78 0.57 43.90
N LYS E 28 10.92 -0.39 43.00
CA LYS E 28 10.14 -1.63 43.01
C LYS E 28 10.26 -2.36 44.36
N ALA E 29 11.47 -2.45 44.89
CA ALA E 29 11.69 -3.09 46.20
C ALA E 29 11.15 -2.25 47.35
N MET E 30 11.16 -0.94 47.20
CA MET E 30 10.55 -0.05 48.17
C MET E 30 9.01 -0.09 48.16
N LEU E 31 8.42 -0.52 47.04
CA LEU E 31 6.97 -0.67 46.94
C LEU E 31 6.42 -1.98 47.49
N SER E 32 7.15 -3.08 47.26
CA SER E 32 6.73 -4.41 47.73
C SER E 32 7.62 -4.87 48.89
N GLY E 33 7.03 -4.98 50.07
CA GLY E 33 7.74 -5.49 51.25
C GLY E 33 8.78 -4.54 51.79
N ASN E 40 5.61 4.68 55.07
CA ASN E 40 4.78 5.11 53.95
C ASN E 40 3.43 4.40 53.90
N GLU E 41 2.44 5.07 53.34
CA GLU E 41 1.17 4.43 53.00
C GLU E 41 1.36 3.60 51.74
N THR E 42 0.35 2.81 51.38
CA THR E 42 0.42 1.98 50.17
C THR E 42 0.66 2.88 48.96
N ASN E 43 1.58 2.46 48.09
CA ASN E 43 1.88 3.17 46.84
C ASN E 43 2.56 4.54 47.01
N GLU E 44 3.22 4.76 48.15
CA GLU E 44 3.98 5.98 48.39
C GLU E 44 5.41 5.66 48.80
N VAL E 45 6.37 6.46 48.33
CA VAL E 45 7.77 6.27 48.72
C VAL E 45 8.43 7.61 49.05
N ASN E 46 9.08 7.68 50.20
CA ASN E 46 9.78 8.89 50.62
C ASN E 46 11.29 8.80 50.39
N PHE E 47 11.86 9.87 49.85
CA PHE E 47 13.30 9.95 49.59
C PHE E 47 13.92 11.07 50.42
N ARG E 48 14.61 10.70 51.49
CA ARG E 48 15.16 11.68 52.44
C ARG E 48 16.37 12.41 51.90
N GLU E 49 17.00 11.87 50.87
CA GLU E 49 18.23 12.43 50.32
C GLU E 49 18.07 13.08 48.96
N ILE E 50 16.90 12.95 48.33
CA ILE E 50 16.69 13.49 46.99
C ILE E 50 15.74 14.69 47.02
N PRO E 51 16.26 15.89 46.76
CA PRO E 51 15.39 17.08 46.75
C PRO E 51 14.55 17.19 45.47
N SER E 52 13.63 18.14 45.45
CA SER E 52 12.65 18.28 44.36
C SER E 52 13.27 18.67 43.02
N HIS E 53 14.34 19.45 43.03
CA HIS E 53 15.00 19.83 41.77
C HIS E 53 15.70 18.66 41.08
N VAL E 54 15.94 17.58 41.85
CA VAL E 54 16.49 16.34 41.29
C VAL E 54 15.39 15.32 40.96
N LEU E 55 14.47 15.11 41.89
CA LEU E 55 13.41 14.10 41.72
C LEU E 55 12.42 14.42 40.57
N SER E 56 12.16 15.71 40.34
CA SER E 56 11.38 16.12 39.17
C SER E 56 12.05 15.67 37.85
N LYS E 57 13.38 15.79 37.79
CA LYS E 57 14.14 15.38 36.60
C LYS E 57 14.11 13.86 36.43
N VAL E 58 14.12 13.12 37.54
CA VAL E 58 14.02 11.68 37.51
C VAL E 58 12.70 11.25 36.88
N CYS E 59 11.61 11.88 37.29
CA CYS E 59 10.29 11.64 36.72
C CYS E 59 10.22 11.98 35.21
N MET E 60 10.83 13.08 34.79
CA MET E 60 10.91 13.37 33.36
C MET E 60 11.72 12.28 32.62
N TYR E 61 12.80 11.77 33.21
CA TYR E 61 13.55 10.65 32.58
C TYR E 61 12.64 9.44 32.35
N PHE E 62 11.81 9.08 33.32
CA PHE E 62 10.90 7.94 33.14
C PHE E 62 10.05 8.14 31.89
N THR E 63 9.43 9.30 31.77
CA THR E 63 8.53 9.62 30.64
C THR E 63 9.29 9.48 29.31
N TYR E 64 10.47 10.10 29.25
CA TYR E 64 11.37 10.04 28.08
C TYR E 64 11.71 8.60 27.68
N LYS E 65 12.13 7.82 28.68
CA LYS E 65 12.53 6.43 28.43
C LYS E 65 11.39 5.58 27.88
N VAL E 66 10.21 5.69 28.49
CA VAL E 66 9.07 4.89 28.08
C VAL E 66 8.62 5.31 26.68
N ARG E 67 8.74 6.60 26.39
CA ARG E 67 8.34 7.12 25.08
C ARG E 67 9.29 6.70 23.96
N TYR E 68 10.59 6.73 24.21
CA TYR E 68 11.56 6.61 23.12
C TYR E 68 12.25 5.25 22.99
N THR E 69 12.09 4.36 23.96
CA THR E 69 12.76 3.04 23.90
C THR E 69 12.16 2.21 22.77
N ASN E 70 13.05 1.62 21.97
CA ASN E 70 12.66 0.85 20.76
C ASN E 70 11.83 1.66 19.76
N SER E 71 12.10 2.96 19.69
CA SER E 71 11.36 3.85 18.79
C SER E 71 12.07 3.93 17.45
N SER E 72 11.30 4.05 16.38
CA SER E 72 11.82 4.26 15.04
C SER E 72 12.15 5.73 14.81
N THR E 73 11.38 6.63 15.44
CA THR E 73 11.57 8.08 15.31
C THR E 73 12.98 8.52 15.75
N GLU E 74 13.36 9.73 15.34
CA GLU E 74 14.59 10.32 15.84
C GLU E 74 14.44 10.61 17.32
N ILE E 75 15.54 10.48 18.05
CA ILE E 75 15.53 10.58 19.51
C ILE E 75 16.23 11.88 19.89
N PRO E 76 15.55 12.73 20.70
CA PRO E 76 16.24 13.92 21.20
C PRO E 76 17.15 13.58 22.37
N GLU E 77 18.12 14.44 22.61
CA GLU E 77 19.05 14.31 23.72
C GLU E 77 18.31 14.58 25.03
N PHE E 78 18.56 13.80 26.08
CA PHE E 78 18.02 14.11 27.39
C PHE E 78 18.82 15.24 28.05
N PRO E 79 18.18 16.41 28.34
CA PRO E 79 18.91 17.57 28.83
C PRO E 79 19.19 17.50 30.34
N ILE E 80 20.41 17.88 30.73
CA ILE E 80 20.79 17.94 32.14
C ILE E 80 21.63 19.20 32.39
N ALA E 81 21.08 20.14 33.15
CA ALA E 81 21.80 21.38 33.48
C ALA E 81 23.03 21.06 34.33
N PRO E 82 24.16 21.74 34.05
CA PRO E 82 25.37 21.49 34.82
C PRO E 82 25.17 21.52 36.34
N GLU E 83 24.32 22.41 36.81
CA GLU E 83 24.13 22.65 38.25
C GLU E 83 23.48 21.49 39.00
N ILE E 84 22.80 20.59 38.28
CA ILE E 84 22.14 19.45 38.94
C ILE E 84 22.80 18.10 38.61
N ALA E 85 23.85 18.14 37.80
CA ALA E 85 24.43 16.92 37.24
C ALA E 85 24.97 15.96 38.29
N LEU E 86 25.61 16.49 39.32
CA LEU E 86 26.26 15.65 40.34
C LEU E 86 25.26 14.95 41.23
N GLU E 87 24.28 15.71 41.72
CA GLU E 87 23.20 15.15 42.52
C GLU E 87 22.39 14.13 41.73
N LEU E 88 22.10 14.43 40.46
CA LEU E 88 21.30 13.54 39.64
C LEU E 88 22.04 12.23 39.42
N LEU E 89 23.36 12.31 39.24
CA LEU E 89 24.21 11.12 39.12
C LEU E 89 24.08 10.26 40.38
N MET E 90 24.15 10.89 41.55
CA MET E 90 24.02 10.13 42.80
C MET E 90 22.63 9.47 42.89
N ALA E 91 21.57 10.20 42.54
CA ALA E 91 20.23 9.61 42.50
C ALA E 91 20.14 8.42 41.55
N ALA E 92 20.68 8.58 40.34
CA ALA E 92 20.61 7.53 39.32
C ALA E 92 21.33 6.28 39.77
N ASN E 93 22.46 6.44 40.45
CA ASN E 93 23.22 5.33 41.00
C ASN E 93 22.45 4.57 42.09
N PHE E 94 21.78 5.30 42.98
CA PHE E 94 20.96 4.72 44.05
C PHE E 94 19.73 4.00 43.51
N LEU E 95 19.10 4.57 42.49
CA LEU E 95 17.88 4.00 41.88
C LEU E 95 18.14 2.93 40.80
N ASP E 96 19.39 2.78 40.37
CA ASP E 96 19.78 1.82 39.31
C ASP E 96 19.01 2.05 38.02
N CYS E 97 19.01 3.29 37.52
CA CYS E 97 18.25 3.63 36.32
C CYS E 97 19.02 4.52 35.36
N VAL F 11 36.58 -12.96 16.24
CA VAL F 11 35.26 -13.38 15.70
C VAL F 11 34.59 -12.23 14.94
N LEU F 12 34.56 -11.06 15.56
CA LEU F 12 34.04 -9.87 14.88
C LEU F 12 35.09 -9.34 13.88
N ARG F 13 34.92 -9.72 12.63
CA ARG F 13 35.78 -9.28 11.53
C ARG F 13 34.91 -9.11 10.28
N SER F 14 35.33 -8.27 9.34
CA SER F 14 34.63 -8.18 8.07
C SER F 14 34.96 -9.42 7.24
N VAL F 15 33.98 -9.89 6.47
CA VAL F 15 34.23 -10.96 5.49
C VAL F 15 34.80 -10.32 4.23
N ASN F 16 35.73 -10.99 3.58
CA ASN F 16 36.34 -10.47 2.35
C ASN F 16 35.51 -10.87 1.12
N SER F 17 34.32 -10.29 0.99
CA SER F 17 33.33 -10.76 0.00
C SER F 17 33.57 -10.28 -1.43
N ARG F 18 34.15 -9.09 -1.58
CA ARG F 18 34.31 -8.50 -2.92
C ARG F 18 32.96 -8.28 -3.65
N GLU F 19 31.85 -8.24 -2.91
CA GLU F 19 30.53 -7.98 -3.48
C GLU F 19 30.08 -6.57 -3.11
N PRO F 20 30.11 -5.61 -4.07
CA PRO F 20 29.72 -4.23 -3.75
C PRO F 20 28.33 -4.08 -3.15
N SER F 21 28.20 -3.13 -2.24
CA SER F 21 26.92 -2.75 -1.63
C SER F 21 26.99 -1.26 -1.31
N GLN F 22 26.05 -0.48 -1.87
CA GLN F 22 25.99 0.97 -1.62
C GLN F 22 25.12 1.31 -0.41
N VAL F 23 25.58 2.29 0.37
CA VAL F 23 24.99 2.62 1.66
C VAL F 23 24.90 4.14 1.83
N ILE F 24 23.78 4.60 2.37
CA ILE F 24 23.64 5.98 2.86
C ILE F 24 23.84 5.98 4.37
N PHE F 25 24.91 6.62 4.83
CA PHE F 25 25.11 6.86 6.26
C PHE F 25 24.34 8.13 6.55
N ASN F 27 23.11 10.61 9.59
CA ASN F 27 23.30 10.97 10.99
C ASN F 27 22.07 11.71 11.56
N ARG F 28 21.14 10.95 12.13
CA ARG F 28 19.97 11.53 12.82
C ARG F 28 20.22 11.71 14.32
N SER F 29 21.38 12.23 14.67
CA SER F 29 21.76 12.47 16.05
C SER F 29 22.29 13.90 16.14
N PRO F 30 22.37 14.42 17.37
CA PRO F 30 22.96 15.74 17.59
C PRO F 30 24.49 15.71 17.78
N ARG F 31 25.10 14.53 17.65
CA ARG F 31 26.54 14.37 17.83
C ARG F 31 27.29 14.35 16.49
N VAL F 32 28.57 14.72 16.52
CA VAL F 32 29.48 14.46 15.39
C VAL F 32 29.76 12.96 15.44
N VAL F 33 29.52 12.28 14.33
CA VAL F 33 29.62 10.81 14.26
C VAL F 33 30.92 10.32 13.63
N LEU F 34 31.55 9.34 14.28
CA LEU F 34 32.73 8.62 13.78
C LEU F 34 32.30 7.25 13.32
N PRO F 35 32.30 6.99 11.99
CA PRO F 35 32.09 5.62 11.54
C PRO F 35 33.36 4.79 11.71
N VAL F 36 33.20 3.55 12.17
CA VAL F 36 34.31 2.62 12.40
C VAL F 36 34.07 1.31 11.66
N TRP F 37 34.97 0.97 10.73
CA TRP F 37 34.93 -0.30 9.97
C TRP F 37 35.84 -1.34 10.64
N LEU F 38 35.31 -2.53 10.90
CA LEU F 38 36.14 -3.61 11.42
C LEU F 38 36.81 -4.35 10.26
N ASN F 39 38.13 -4.30 10.19
CA ASN F 39 38.85 -4.86 9.05
C ASN F 39 38.95 -6.38 9.13
N PHE F 40 39.66 -6.99 8.19
CA PHE F 40 39.67 -8.44 8.02
C PHE F 40 40.34 -9.17 9.19
N ASP F 41 41.18 -8.46 9.93
CA ASP F 41 41.79 -8.95 11.19
C ASP F 41 41.02 -8.50 12.42
N GLY F 42 39.90 -7.83 12.25
CA GLY F 42 39.14 -7.35 13.39
C GLY F 42 39.64 -6.06 14.05
N GLU F 43 40.60 -5.38 13.43
CA GLU F 43 41.05 -4.06 13.94
C GLU F 43 40.08 -2.93 13.54
N PRO F 44 39.69 -2.09 14.51
CA PRO F 44 38.83 -0.96 14.16
C PRO F 44 39.55 0.08 13.32
N GLN F 45 38.97 0.46 12.20
CA GLN F 45 39.54 1.48 11.32
C GLN F 45 38.60 2.68 11.23
N PRO F 46 39.03 3.85 11.71
CA PRO F 46 38.17 5.02 11.69
C PRO F 46 38.07 5.60 10.29
N TYR F 47 36.88 6.12 9.97
CA TYR F 47 36.59 6.78 8.68
C TYR F 47 36.19 8.24 8.93
N PRO F 48 36.07 9.06 7.84
CA PRO F 48 35.73 10.48 7.99
C PRO F 48 34.43 10.74 8.75
N THR F 49 34.37 11.84 9.51
CA THR F 49 33.21 12.11 10.37
C THR F 49 32.01 12.73 9.63
N LEU F 50 30.85 12.67 10.27
CA LEU F 50 29.63 13.28 9.76
C LEU F 50 29.10 14.29 10.78
N PRO F 51 28.95 15.58 10.40
CA PRO F 51 28.35 16.52 11.35
C PRO F 51 26.88 16.17 11.61
N PRO F 52 26.30 16.72 12.69
CA PRO F 52 24.89 16.44 13.01
C PRO F 52 23.93 16.71 11.86
N GLY F 53 23.03 15.77 11.60
CA GLY F 53 21.97 15.97 10.63
C GLY F 53 22.38 15.90 9.17
N THR F 54 23.55 15.35 8.88
CA THR F 54 24.05 15.24 7.52
C THR F 54 24.12 13.80 7.06
N GLY F 55 24.28 13.62 5.75
CA GLY F 55 24.32 12.31 5.12
C GLY F 55 25.47 12.19 4.13
N ARG F 56 25.89 10.95 3.88
CA ARG F 56 26.93 10.64 2.90
C ARG F 56 26.59 9.32 2.20
N ARG F 57 26.77 9.28 0.87
CA ARG F 57 26.60 8.05 0.10
C ARG F 57 27.98 7.40 -0.08
N ILE F 58 28.13 6.15 0.39
CA ILE F 58 29.45 5.50 0.43
C ILE F 58 29.45 4.09 -0.20
N HIS F 59 30.64 3.65 -0.63
CA HIS F 59 30.80 2.33 -1.23
C HIS F 59 31.39 1.35 -0.22
N SER F 60 30.67 0.25 0.02
CA SER F 60 31.11 -0.79 0.98
C SER F 60 30.83 -2.13 0.34
N TYR F 61 30.77 -3.19 1.15
CA TYR F 61 30.68 -4.55 0.62
C TYR F 61 29.84 -5.44 1.53
N ARG F 62 29.20 -6.43 0.92
CA ARG F 62 28.38 -7.38 1.66
C ARG F 62 29.24 -8.09 2.68
N GLY F 63 28.72 -8.28 3.89
CA GLY F 63 29.42 -8.96 4.95
C GLY F 63 30.46 -8.15 5.72
N HIS F 64 30.56 -6.85 5.41
CA HIS F 64 31.45 -5.97 6.16
C HIS F 64 30.74 -5.43 7.41
N LEU F 65 31.50 -5.19 8.47
CA LEU F 65 30.95 -4.78 9.78
C LEU F 65 31.30 -3.34 10.12
N TRP F 66 30.28 -2.57 10.52
CA TRP F 66 30.45 -1.18 10.91
C TRP F 66 29.86 -0.89 12.30
N LEU F 67 30.46 0.05 13.02
CA LEU F 67 29.79 0.63 14.19
C LEU F 67 30.01 2.14 14.18
N PHE F 68 29.29 2.85 15.05
CA PHE F 68 29.26 4.31 15.00
C PHE F 68 29.36 4.90 16.40
N ARG F 69 30.20 5.93 16.55
CA ARG F 69 30.48 6.56 17.84
C ARG F 69 30.44 8.07 17.76
N ASP F 70 30.26 8.70 18.92
CA ASP F 70 30.51 10.14 19.06
C ASP F 70 32.00 10.35 18.86
N ALA F 71 32.35 11.21 17.91
CA ALA F 71 33.76 11.41 17.52
C ALA F 71 34.64 12.07 18.58
N GLY F 72 34.04 12.82 19.50
CA GLY F 72 34.81 13.50 20.55
C GLY F 72 34.93 12.70 21.84
N THR F 73 33.88 11.97 22.18
CA THR F 73 33.83 11.28 23.46
C THR F 73 33.83 9.76 23.34
N HIS F 74 33.57 9.24 22.14
CA HIS F 74 33.41 7.79 21.91
C HIS F 74 32.18 7.15 22.56
N ASP F 75 31.24 7.95 23.08
CA ASP F 75 29.91 7.42 23.45
C ASP F 75 29.37 6.54 22.31
N GLY F 76 28.71 5.43 22.65
CA GLY F 76 28.13 4.53 21.67
C GLY F 76 26.86 5.08 21.03
N LEU F 77 26.67 4.78 19.74
CA LEU F 77 25.44 5.15 19.02
C LEU F 77 24.78 3.92 18.42
N LEU F 78 23.52 4.07 18.01
CA LEU F 78 22.77 3.00 17.36
C LEU F 78 22.71 3.25 15.86
N VAL F 79 22.63 2.15 15.11
CA VAL F 79 22.44 2.17 13.67
C VAL F 79 21.32 1.17 13.36
N ASN F 80 20.26 1.68 12.75
CA ASN F 80 19.04 0.91 12.56
C ASN F 80 18.62 0.17 13.82
N GLN F 81 18.63 0.90 14.94
CA GLN F 81 18.18 0.38 16.23
C GLN F 81 19.11 -0.62 16.91
N THR F 82 20.31 -0.85 16.37
CA THR F 82 21.22 -1.79 17.00
C THR F 82 22.67 -1.32 16.98
N GLU F 83 23.59 -2.16 17.45
CA GLU F 83 24.99 -1.78 17.61
C GLU F 83 25.83 -1.92 16.34
N LEU F 84 25.65 -3.01 15.62
CA LEU F 84 26.44 -3.32 14.42
C LEU F 84 25.59 -3.20 13.16
N PHE F 85 26.22 -2.77 12.08
CA PHE F 85 25.57 -2.70 10.77
C PHE F 85 26.33 -3.50 9.73
N VAL F 86 25.61 -4.33 8.98
CA VAL F 86 26.19 -5.14 7.92
C VAL F 86 25.47 -4.82 6.62
N PRO F 87 26.16 -4.22 5.64
CA PRO F 87 25.50 -3.97 4.36
C PRO F 87 24.99 -5.26 3.73
N SER F 88 23.78 -5.19 3.16
CA SER F 88 23.15 -6.32 2.49
C SER F 88 22.96 -6.03 0.98
N LEU F 89 22.31 -6.96 0.29
CA LEU F 89 22.03 -6.84 -1.14
C LEU F 89 21.21 -5.60 -1.48
N ASN F 90 21.66 -4.84 -2.49
CA ASN F 90 20.90 -3.71 -3.04
C ASN F 90 19.84 -4.20 -4.03
N VAL F 91 18.57 -4.18 -3.62
CA VAL F 91 17.48 -4.65 -4.47
C VAL F 91 17.11 -3.56 -5.50
N ASP F 92 17.12 -3.94 -6.77
CA ASP F 92 16.86 -3.03 -7.91
C ASP F 92 17.77 -1.81 -7.95
N GLY F 93 19.00 -1.95 -7.42
CA GLY F 93 19.96 -0.86 -7.39
C GLY F 93 19.81 0.15 -6.25
N GLN F 94 18.82 -0.02 -5.38
CA GLN F 94 18.58 0.93 -4.29
C GLN F 94 19.60 0.77 -3.16
N PRO F 95 20.15 1.89 -2.64
CA PRO F 95 21.13 1.80 -1.55
C PRO F 95 20.50 1.44 -0.22
N ILE F 96 21.26 0.78 0.65
CA ILE F 96 20.80 0.47 1.99
C ILE F 96 20.87 1.74 2.84
N PHE F 97 19.87 1.97 3.66
CA PHE F 97 19.90 3.13 4.54
C PHE F 97 20.44 2.70 5.90
N ALA F 98 21.48 3.38 6.38
CA ALA F 98 21.96 3.21 7.76
C ALA F 98 21.60 4.45 8.59
N ASN F 99 20.50 4.36 9.33
CA ASN F 99 20.03 5.44 10.22
C ASN F 99 20.73 5.44 11.58
N ILE F 100 21.58 6.44 11.79
CA ILE F 100 22.37 6.56 13.00
C ILE F 100 21.66 7.49 13.98
N THR F 101 21.40 7.00 15.19
CA THR F 101 20.68 7.75 16.23
C THR F 101 21.33 7.60 17.60
N LEU F 102 20.91 8.45 18.53
CA LEU F 102 21.22 8.24 19.92
C LEU F 102 20.48 7.00 20.40
N PRO F 103 21.10 6.20 21.27
CA PRO F 103 20.31 5.27 22.07
C PRO F 103 19.55 6.03 23.16
N VAL F 104 18.63 5.34 23.85
CA VAL F 104 18.15 5.81 25.12
C VAL F 104 19.17 5.39 26.18
N TYR F 105 20.09 6.29 26.51
CA TYR F 105 21.05 6.02 27.58
C TYR F 105 20.34 5.82 28.90
N THR F 106 20.95 5.07 29.80
CA THR F 106 20.49 5.04 31.18
C THR F 106 20.73 6.45 31.70
N LEU F 107 19.94 6.83 32.70
CA LEU F 107 20.14 8.13 33.35
C LEU F 107 21.54 8.20 33.98
N LYS F 108 22.00 7.09 34.56
CA LYS F 108 23.37 7.05 35.11
C LYS F 108 24.40 7.39 34.04
N GLU F 109 24.34 6.71 32.91
CA GLU F 109 25.33 6.94 31.86
C GLU F 109 25.23 8.35 31.30
N ARG F 110 24.01 8.87 31.18
CA ARG F 110 23.84 10.24 30.67
C ARG F 110 24.43 11.24 31.65
N CYS F 111 24.24 11.01 32.95
CA CYS F 111 24.86 11.87 33.97
C CYS F 111 26.38 11.81 33.89
N LEU F 112 26.95 10.62 33.70
CA LEU F 112 28.42 10.48 33.58
C LEU F 112 28.95 11.29 32.38
N GLN F 113 28.26 11.23 31.24
CA GLN F 113 28.63 12.02 30.06
C GLN F 113 28.72 13.51 30.37
N VAL F 114 27.71 14.04 31.05
CA VAL F 114 27.66 15.47 31.38
C VAL F 114 28.79 15.88 32.35
N VAL F 115 29.07 15.02 33.33
CA VAL F 115 30.17 15.31 34.26
C VAL F 115 31.53 15.23 33.57
N ARG F 116 31.76 14.22 32.74
CA ARG F 116 33.02 14.11 32.00
C ARG F 116 33.25 15.31 31.06
N SER F 117 32.17 15.82 30.48
CA SER F 117 32.25 16.99 29.60
C SER F 117 32.54 18.29 30.36
N LEU F 118 32.39 18.30 31.68
CA LEU F 118 32.66 19.48 32.49
C LEU F 118 33.97 19.41 33.28
N VAL F 119 34.27 18.24 33.83
CA VAL F 119 35.42 18.09 34.72
C VAL F 119 36.57 17.44 33.99
N LYS F 120 37.75 18.08 34.04
CA LYS F 120 38.96 17.47 33.48
C LYS F 120 39.29 16.21 34.26
N PRO F 121 39.84 15.18 33.58
CA PRO F 121 40.13 13.92 34.26
C PRO F 121 40.98 14.00 35.53
N GLU F 122 41.88 14.98 35.62
CA GLU F 122 42.75 15.11 36.80
C GLU F 122 41.96 15.58 38.01
N ASN F 123 40.74 16.07 37.79
CA ASN F 123 39.89 16.59 38.86
C ASN F 123 38.74 15.68 39.26
N TYR F 124 38.63 14.49 38.66
CA TYR F 124 37.60 13.53 39.07
C TYR F 124 37.76 13.21 40.55
N ARG F 125 39.02 13.04 40.98
CA ARG F 125 39.32 12.76 42.39
C ARG F 125 38.78 13.80 43.37
N ARG F 126 38.66 15.05 42.93
CA ARG F 126 38.24 16.14 43.82
C ARG F 126 36.72 16.19 44.05
N LEU F 127 35.96 15.41 43.29
CA LEU F 127 34.52 15.40 43.42
C LEU F 127 34.10 14.65 44.68
N ASP F 128 33.09 15.19 45.37
CA ASP F 128 32.60 14.60 46.61
C ASP F 128 31.60 13.47 46.33
N ILE F 129 32.13 12.32 45.93
CA ILE F 129 31.30 11.17 45.54
C ILE F 129 31.98 9.86 45.97
N VAL F 130 31.19 8.79 46.08
CA VAL F 130 31.73 7.47 46.46
C VAL F 130 32.75 6.94 45.45
N ARG F 131 33.70 6.16 45.95
CA ARG F 131 34.84 5.67 45.16
C ARG F 131 34.42 4.98 43.85
N SER F 132 33.37 4.18 43.90
CA SER F 132 32.90 3.46 42.72
C SER F 132 32.49 4.43 41.59
N LEU F 133 31.98 5.61 41.94
CA LEU F 133 31.65 6.61 40.93
C LEU F 133 32.88 7.27 40.29
N TYR F 134 34.00 7.38 41.01
CA TYR F 134 35.28 7.79 40.40
C TYR F 134 35.67 6.81 39.32
N GLU F 135 35.59 5.52 39.64
CA GLU F 135 35.92 4.47 38.68
C GLU F 135 35.01 4.51 37.46
N ASP F 136 33.70 4.69 37.68
CA ASP F 136 32.75 4.78 36.58
C ASP F 136 33.09 5.93 35.63
N LEU F 137 33.45 7.07 36.20
CA LEU F 137 33.88 8.23 35.40
C LEU F 137 35.13 7.93 34.57
N GLU F 138 36.11 7.29 35.22
CA GLU F 138 37.41 7.04 34.61
C GLU F 138 37.34 5.94 33.57
N ASP F 139 36.40 5.02 33.70
CA ASP F 139 36.21 3.95 32.72
C ASP F 139 35.33 4.46 31.58
N HIS F 140 35.85 5.38 30.78
CA HIS F 140 35.04 6.02 29.73
C HIS F 140 34.87 5.13 28.50
N PRO F 141 33.82 5.39 27.68
CA PRO F 141 33.53 4.54 26.54
C PRO F 141 34.73 4.34 25.65
N ASN F 142 34.81 3.16 25.04
CA ASN F 142 35.97 2.77 24.26
C ASN F 142 35.59 1.57 23.39
N VAL F 143 36.01 1.57 22.13
CA VAL F 143 35.60 0.56 21.15
C VAL F 143 36.14 -0.85 21.47
N GLN F 144 37.41 -0.94 21.86
CA GLN F 144 38.00 -2.25 22.21
C GLN F 144 37.21 -2.96 23.32
N LYS F 145 36.85 -2.21 24.37
CA LYS F 145 36.04 -2.74 25.47
C LYS F 145 34.74 -3.33 24.96
N ASP F 146 34.07 -2.61 24.08
CA ASP F 146 32.82 -3.09 23.50
C ASP F 146 33.04 -4.32 22.63
N LEU F 147 34.14 -4.35 21.88
CA LEU F 147 34.44 -5.51 21.01
C LEU F 147 34.63 -6.79 21.83
N GLU F 148 35.32 -6.68 22.96
CA GLU F 148 35.49 -7.80 23.89
C GLU F 148 34.16 -8.19 24.56
N ARG F 149 33.30 -7.21 24.82
CA ARG F 149 31.99 -7.46 25.41
C ARG F 149 31.04 -8.10 24.38
N LEU F 150 31.07 -7.60 23.15
CA LEU F 150 30.26 -8.15 22.06
C LEU F 150 30.71 -9.55 21.66
N THR F 151 31.99 -9.87 21.85
CA THR F 151 32.51 -11.22 21.59
C THR F 151 32.04 -12.19 22.66
N GLN F 152 32.25 -11.83 23.93
CA GLN F 152 31.87 -12.68 25.07
C GLN F 152 30.35 -12.93 25.20
N GLU F 153 29.54 -12.15 24.49
CA GLU F 153 28.08 -12.36 24.46
C GLU F 153 27.71 -13.70 23.82
N MET G 1 2.19 23.37 -26.46
CA MET G 1 3.50 23.92 -26.01
C MET G 1 3.54 24.02 -24.48
N ASP G 2 4.46 23.29 -23.87
CA ASP G 2 4.59 23.28 -22.41
C ASP G 2 5.44 24.44 -21.94
N VAL G 3 5.10 24.94 -20.76
CA VAL G 3 5.89 25.97 -20.09
C VAL G 3 6.28 25.48 -18.69
N PHE G 4 7.45 25.87 -18.21
CA PHE G 4 7.98 25.35 -16.95
C PHE G 4 8.18 26.50 -15.97
N LEU G 5 7.65 26.32 -14.77
CA LEU G 5 7.42 27.42 -13.84
C LEU G 5 7.96 27.17 -12.43
N MET G 6 8.31 28.26 -11.75
CA MET G 6 8.44 28.30 -10.31
C MET G 6 7.36 29.22 -9.77
N ILE G 7 6.50 28.71 -8.88
CA ILE G 7 5.49 29.54 -8.21
C ILE G 7 5.99 29.88 -6.81
N ARG G 8 6.21 31.16 -6.55
CA ARG G 8 7.01 31.60 -5.39
C ARG G 8 6.32 32.59 -4.42
N ARG G 9 6.39 32.26 -3.13
CA ARG G 9 5.85 33.08 -2.04
C ARG G 9 6.75 32.94 -0.81
N HIS G 10 7.24 34.07 -0.29
CA HIS G 10 8.11 34.09 0.90
C HIS G 10 9.26 33.08 0.68
N LYS G 11 9.31 31.99 1.45
CA LYS G 11 10.35 30.96 1.32
C LYS G 11 9.83 29.65 0.71
N THR G 12 8.72 29.74 -0.01
CA THR G 12 8.06 28.61 -0.65
C THR G 12 8.23 28.73 -2.18
N THR G 13 8.72 27.67 -2.82
CA THR G 13 8.89 27.65 -4.27
C THR G 13 8.33 26.34 -4.80
N ILE G 14 7.22 26.40 -5.55
CA ILE G 14 6.70 25.21 -6.22
C ILE G 14 7.26 25.14 -7.64
N PHE G 15 7.82 23.98 -7.99
CA PHE G 15 8.20 23.66 -9.38
C PHE G 15 7.06 22.88 -10.05
N THR G 16 6.56 23.39 -11.18
CA THR G 16 5.52 22.68 -11.94
C THR G 16 5.51 23.17 -13.39
N ASP G 17 4.69 22.53 -14.21
CA ASP G 17 4.55 22.90 -15.61
C ASP G 17 3.08 22.93 -16.01
N ALA G 18 2.82 23.52 -17.18
CA ALA G 18 1.46 23.67 -17.73
C ALA G 18 1.56 24.00 -19.22
N LYS G 19 0.41 24.12 -19.87
CA LYS G 19 0.37 24.46 -21.29
C LYS G 19 0.30 25.97 -21.51
N GLU G 20 0.81 26.42 -22.66
CA GLU G 20 0.64 27.81 -23.09
C GLU G 20 -0.84 28.17 -23.15
N SER G 21 -1.66 27.22 -23.57
CA SER G 21 -3.09 27.45 -23.75
C SER G 21 -3.90 27.44 -22.45
N SER G 22 -3.32 26.96 -21.34
CA SER G 22 -4.05 26.89 -20.07
C SER G 22 -4.18 28.25 -19.39
N THR G 23 -5.15 28.37 -18.49
CA THR G 23 -5.51 29.65 -17.87
C THR G 23 -4.89 29.88 -16.50
N VAL G 24 -4.89 31.15 -16.10
CA VAL G 24 -4.43 31.56 -14.78
C VAL G 24 -5.23 30.85 -13.68
N PHE G 25 -6.55 30.70 -13.90
CA PHE G 25 -7.41 30.03 -12.93
C PHE G 25 -7.05 28.56 -12.75
N GLU G 26 -6.70 27.90 -13.85
CA GLU G 26 -6.29 26.49 -13.80
C GLU G 26 -4.98 26.33 -13.04
N LEU G 27 -4.13 27.35 -13.10
CA LEU G 27 -2.88 27.35 -12.33
C LEU G 27 -3.17 27.51 -10.83
N LYS G 28 -4.17 28.34 -10.50
CA LYS G 28 -4.63 28.49 -9.11
C LYS G 28 -5.20 27.18 -8.53
N ARG G 29 -5.84 26.37 -9.36
CA ARG G 29 -6.31 25.04 -8.93
C ARG G 29 -5.15 24.11 -8.57
N ILE G 30 -4.06 24.19 -9.33
CA ILE G 30 -2.87 23.38 -9.04
C ILE G 30 -2.30 23.79 -7.68
N VAL G 31 -2.18 25.10 -7.46
CA VAL G 31 -1.69 25.63 -6.18
C VAL G 31 -2.57 25.17 -5.01
N GLU G 32 -3.87 25.10 -5.25
CA GLU G 32 -4.85 24.66 -4.25
C GLU G 32 -4.64 23.21 -3.80
N GLY G 33 -4.31 22.34 -4.76
CA GLY G 33 -4.00 20.95 -4.45
C GLY G 33 -2.80 20.82 -3.54
N ILE G 34 -1.81 21.70 -3.73
CA ILE G 34 -0.56 21.64 -2.99
C ILE G 34 -0.67 22.34 -1.64
N LEU G 35 -0.98 23.63 -1.64
CA LEU G 35 -0.94 24.43 -0.40
C LEU G 35 -2.30 24.59 0.32
N LYS G 36 -3.34 23.95 -0.20
CA LYS G 36 -4.66 23.89 0.47
C LYS G 36 -5.29 25.29 0.70
N ARG G 37 -5.37 26.07 -0.38
CA ARG G 37 -5.99 27.38 -0.35
C ARG G 37 -6.76 27.58 -1.65
N PRO G 38 -8.04 27.99 -1.56
CA PRO G 38 -8.85 28.13 -2.77
C PRO G 38 -8.40 29.29 -3.66
N PRO G 39 -8.75 29.26 -4.97
CA PRO G 39 -8.42 30.30 -5.94
C PRO G 39 -8.75 31.72 -5.49
N ASP G 40 -9.89 31.88 -4.81
CA ASP G 40 -10.34 33.21 -4.39
C ASP G 40 -9.51 33.80 -3.25
N GLU G 41 -8.65 33.00 -2.61
CA GLU G 41 -7.68 33.51 -1.63
C GLU G 41 -6.27 33.69 -2.21
N GLN G 42 -6.11 33.47 -3.52
CA GLN G 42 -4.81 33.60 -4.19
C GLN G 42 -4.77 34.74 -5.18
N ARG G 43 -3.66 35.48 -5.19
CA ARG G 43 -3.32 36.36 -6.30
C ARG G 43 -2.01 35.87 -6.95
N LEU G 44 -2.02 35.76 -8.29
CA LEU G 44 -0.81 35.36 -9.04
C LEU G 44 -0.30 36.53 -9.86
N TYR G 45 1.03 36.66 -9.93
CA TYR G 45 1.67 37.81 -10.56
C TYR G 45 2.71 37.40 -11.61
N LYS G 46 2.80 38.17 -12.67
CA LYS G 46 3.99 38.20 -13.52
C LYS G 46 4.74 39.48 -13.18
N ASP G 47 5.88 39.34 -12.51
CA ASP G 47 6.53 40.46 -11.84
C ASP G 47 5.47 41.18 -10.98
N ASP G 48 5.22 42.46 -11.24
CA ASP G 48 4.23 43.23 -10.46
C ASP G 48 2.83 43.21 -11.07
N GLN G 49 2.66 42.60 -12.25
CA GLN G 49 1.36 42.60 -12.91
C GLN G 49 0.46 41.50 -12.36
N LEU G 50 -0.66 41.90 -11.76
CA LEU G 50 -1.68 40.95 -11.29
C LEU G 50 -2.32 40.23 -12.49
N LEU G 51 -2.37 38.89 -12.44
CA LEU G 51 -2.88 38.11 -13.57
C LEU G 51 -4.38 37.87 -13.49
N ASP G 52 -5.07 38.02 -14.62
CA ASP G 52 -6.51 37.82 -14.69
C ASP G 52 -6.82 36.35 -14.89
N ASP G 53 -7.74 35.81 -14.09
CA ASP G 53 -8.09 34.39 -14.12
C ASP G 53 -8.39 33.83 -15.52
N GLY G 54 -9.06 34.62 -16.36
CA GLY G 54 -9.49 34.16 -17.68
C GLY G 54 -8.48 34.20 -18.81
N LYS G 55 -7.29 34.73 -18.55
CA LYS G 55 -6.25 34.83 -19.59
C LYS G 55 -5.40 33.57 -19.64
N THR G 56 -4.90 33.24 -20.83
CA THR G 56 -3.98 32.10 -20.98
C THR G 56 -2.56 32.52 -20.57
N LEU G 57 -1.74 31.53 -20.23
CA LEU G 57 -0.36 31.78 -19.84
C LEU G 57 0.42 32.37 -21.01
N GLY G 58 0.15 31.88 -22.23
CA GLY G 58 0.75 32.41 -23.46
C GLY G 58 0.47 33.89 -23.70
N GLU G 59 -0.78 34.30 -23.51
CA GLU G 59 -1.18 35.72 -23.58
C GLU G 59 -0.36 36.56 -22.61
N GLY G 61 2.52 36.05 -21.63
CA GLY G 61 3.95 36.07 -21.97
C GLY G 61 4.79 34.92 -21.45
N PHE G 62 4.14 33.89 -20.90
CA PHE G 62 4.84 32.66 -20.56
C PHE G 62 4.85 31.78 -21.81
N THR G 63 6.02 31.68 -22.44
CA THR G 63 6.20 30.93 -23.69
C THR G 63 7.25 29.85 -23.54
N SER G 64 7.15 28.84 -24.41
CA SER G 64 8.01 27.68 -24.31
C SER G 64 9.50 28.01 -24.41
N GLN G 65 9.85 29.07 -25.13
CA GLN G 65 11.27 29.42 -25.26
C GLN G 65 11.79 30.30 -24.12
N THR G 66 10.91 30.86 -23.29
CA THR G 66 11.36 31.61 -22.11
C THR G 66 11.10 30.87 -20.80
N ALA G 67 10.09 30.01 -20.76
CA ALA G 67 9.79 29.24 -19.55
C ALA G 67 10.29 27.80 -19.74
N ARG G 68 11.61 27.63 -19.59
CA ARG G 68 12.31 26.40 -20.01
C ARG G 68 12.53 25.44 -18.83
N PRO G 69 12.55 24.12 -19.09
CA PRO G 69 12.77 23.15 -18.00
C PRO G 69 14.01 23.48 -17.14
N GLN G 70 15.13 23.80 -17.78
CA GLN G 70 16.38 24.08 -17.06
C GLN G 70 16.55 25.54 -16.61
N ALA G 71 15.59 26.39 -16.99
CA ALA G 71 15.53 27.80 -16.57
C ALA G 71 14.06 28.25 -16.51
N PRO G 72 13.32 27.81 -15.48
CA PRO G 72 11.88 28.02 -15.47
C PRO G 72 11.53 29.47 -15.16
N ALA G 73 10.35 29.90 -15.61
CA ALA G 73 9.89 31.27 -15.36
C ALA G 73 9.19 31.37 -14.00
N THR G 74 9.22 32.58 -13.40
CA THR G 74 8.71 32.80 -12.06
C THR G 74 7.30 33.42 -12.07
N VAL G 75 6.40 32.81 -11.30
CA VAL G 75 5.09 33.38 -11.01
C VAL G 75 5.03 33.67 -9.50
N GLY G 76 4.77 34.93 -9.16
CA GLY G 76 4.61 35.35 -7.75
C GLY G 76 3.25 34.99 -7.20
N LEU G 77 3.17 34.76 -5.88
CA LEU G 77 1.92 34.34 -5.24
C LEU G 77 1.74 35.04 -3.89
N ALA G 78 0.51 35.51 -3.62
CA ALA G 78 0.15 36.11 -2.34
C ALA G 78 -1.21 35.57 -1.90
N PHE G 79 -1.37 35.36 -0.58
CA PHE G 79 -2.59 34.79 -0.01
C PHE G 79 -3.47 35.85 0.65
N ARG G 80 -4.77 35.61 0.67
CA ARG G 80 -5.68 36.44 1.44
C ARG G 80 -5.78 35.87 2.85
N ALA G 81 -5.32 36.65 3.83
CA ALA G 81 -5.35 36.23 5.22
C ALA G 81 -6.48 36.98 5.89
N ASP G 82 -7.43 36.23 6.45
CA ASP G 82 -8.60 36.82 7.08
C ASP G 82 -9.28 37.81 6.09
N ASP G 83 -9.42 39.09 6.44
CA ASP G 83 -10.17 40.04 5.59
C ASP G 83 -9.53 40.31 4.21
N THR G 84 -8.23 40.59 4.17
CA THR G 84 -7.58 41.17 2.99
C THR G 84 -6.29 40.46 2.55
N PHE G 85 -5.82 40.78 1.35
CA PHE G 85 -4.63 40.15 0.78
C PHE G 85 -3.31 40.72 1.34
N GLU G 86 -2.37 39.82 1.65
CA GLU G 86 -1.00 40.22 1.96
C GLU G 86 -0.35 40.76 0.69
N ALA G 87 0.73 41.53 0.85
CA ALA G 87 1.49 41.99 -0.30
C ALA G 87 2.38 40.87 -0.87
N LEU G 88 2.84 41.06 -2.09
CA LEU G 88 3.73 40.12 -2.76
C LEU G 88 5.12 40.20 -2.15
N ILE G 90 8.76 37.84 -1.97
CA ILE G 90 9.55 36.65 -2.34
C ILE G 90 10.97 36.77 -1.75
N GLU G 91 11.34 35.86 -0.86
CA GLU G 91 12.68 35.86 -0.27
C GLU G 91 13.69 35.35 -1.29
N PRO G 92 14.81 36.07 -1.48
CA PRO G 92 15.81 35.58 -2.44
C PRO G 92 16.53 34.32 -1.94
N PHE G 93 17.08 33.54 -2.88
CA PHE G 93 17.95 32.43 -2.53
C PHE G 93 19.24 32.98 -1.95
N SER G 94 19.99 32.13 -1.26
CA SER G 94 21.25 32.54 -0.63
C SER G 94 22.26 33.01 -1.67
N SER G 95 23.23 33.79 -1.21
CA SER G 95 24.31 34.30 -2.07
C SER G 95 25.48 33.31 -2.15
N PRO G 96 26.01 33.08 -3.37
CA PRO G 96 27.20 32.25 -3.46
C PRO G 96 28.41 32.96 -2.88
N PRO G 97 29.42 32.19 -2.43
CA PRO G 97 30.64 32.79 -1.90
C PRO G 97 31.49 33.34 -3.04
N GLU G 98 32.53 34.11 -2.70
CA GLU G 98 33.48 34.60 -3.70
C GLU G 98 34.17 33.41 -4.36
N LEU G 99 34.42 33.50 -5.66
CA LEU G 99 35.17 32.46 -6.38
C LEU G 99 36.54 32.30 -5.74
N PRO G 100 36.90 31.06 -5.37
CA PRO G 100 38.25 30.82 -4.87
C PRO G 100 39.31 31.33 -5.85
N ASP G 101 40.47 31.71 -5.33
CA ASP G 101 41.55 32.23 -6.17
C ASP G 101 41.88 31.31 -7.36
N VAL G 102 41.83 29.99 -7.15
CA VAL G 102 42.11 29.01 -8.21
C VAL G 102 41.06 28.91 -9.35
N MET G 103 40.03 29.75 -9.31
CA MET G 103 38.98 29.77 -10.36
C MET G 103 38.84 31.15 -10.99
N MET H 1 -1.89 14.80 -8.27
CA MET H 1 -0.65 13.99 -8.34
C MET H 1 0.31 14.37 -7.22
N MET H 2 1.13 13.41 -6.79
CA MET H 2 1.92 13.58 -5.57
C MET H 2 3.11 14.50 -5.74
N TYR H 3 3.33 15.32 -4.71
CA TYR H 3 4.49 16.21 -4.61
C TYR H 3 5.24 15.89 -3.32
N VAL H 4 6.48 16.36 -3.22
CA VAL H 4 7.26 16.19 -2.00
C VAL H 4 7.98 17.50 -1.72
N LYS H 5 8.42 17.68 -0.47
CA LYS H 5 9.05 18.93 -0.05
C LYS H 5 10.53 18.71 0.31
N LEU H 6 11.41 19.48 -0.32
CA LEU H 6 12.84 19.44 -0.06
C LEU H 6 13.27 20.78 0.54
N ILE H 7 13.92 20.75 1.69
CA ILE H 7 14.25 21.98 2.44
C ILE H 7 15.75 22.23 2.51
N SER H 8 16.18 23.42 2.09
CA SER H 8 17.60 23.76 2.10
C SER H 8 18.09 24.12 3.52
N SER H 9 19.40 24.30 3.65
CA SER H 9 20.02 24.63 4.92
C SER H 9 19.57 25.99 5.43
N ASP H 10 19.42 26.95 4.51
CA ASP H 10 18.89 28.30 4.86
C ASP H 10 17.35 28.39 4.91
N GLY H 11 16.66 27.26 4.89
CA GLY H 11 15.23 27.22 5.18
C GLY H 11 14.27 27.45 4.02
N HIS H 12 14.77 27.48 2.79
CA HIS H 12 13.87 27.54 1.63
C HIS H 12 13.21 26.18 1.44
N GLU H 13 11.90 26.20 1.16
CA GLU H 13 11.13 24.97 0.96
C GLU H 13 10.74 24.78 -0.51
N PHE H 14 11.28 23.74 -1.12
CA PHE H 14 11.04 23.43 -2.54
C PHE H 14 10.06 22.26 -2.72
N ILE H 15 8.96 22.52 -3.40
CA ILE H 15 7.93 21.50 -3.66
C ILE H 15 8.01 21.10 -5.13
N VAL H 16 8.26 19.81 -5.38
CA VAL H 16 8.45 19.26 -6.72
C VAL H 16 7.65 17.97 -6.84
N LYS H 17 7.30 17.57 -8.05
CA LYS H 17 6.61 16.30 -8.27
C LYS H 17 7.43 15.14 -7.73
N ARG H 18 6.73 14.20 -7.10
CA ARG H 18 7.35 12.99 -6.55
C ARG H 18 8.14 12.24 -7.62
N GLU H 19 7.49 11.90 -8.73
CA GLU H 19 8.15 11.24 -9.85
C GLU H 19 9.47 11.92 -10.25
N HIS H 20 9.46 13.25 -10.30
CA HIS H 20 10.66 14.01 -10.66
C HIS H 20 11.77 13.83 -9.64
N ALA H 21 11.41 13.83 -8.37
CA ALA H 21 12.38 13.72 -7.29
C ALA H 21 13.01 12.32 -7.22
N LEU H 22 12.29 11.30 -7.70
CA LEU H 22 12.79 9.93 -7.72
C LEU H 22 13.94 9.71 -8.72
N THR H 23 14.21 10.71 -9.57
CA THR H 23 15.45 10.78 -10.36
C THR H 23 16.70 10.52 -9.49
N SER H 24 16.71 11.10 -8.29
CA SER H 24 17.78 10.85 -7.32
C SER H 24 17.56 9.50 -6.65
N GLY H 25 18.53 8.60 -6.82
CA GLY H 25 18.52 7.31 -6.14
C GLY H 25 18.51 7.49 -4.64
N THR H 26 19.25 8.49 -4.16
CA THR H 26 19.34 8.80 -2.74
C THR H 26 18.02 9.31 -2.19
N ILE H 27 17.37 10.23 -2.90
CA ILE H 27 16.07 10.74 -2.45
C ILE H 27 15.03 9.62 -2.45
N LYS H 28 15.03 8.78 -3.48
CA LYS H 28 14.11 7.66 -3.51
C LYS H 28 14.27 6.77 -2.27
N ALA H 29 15.51 6.52 -1.89
CA ALA H 29 15.81 5.75 -0.69
C ALA H 29 15.34 6.47 0.58
N MET H 30 15.58 7.77 0.66
CA MET H 30 15.11 8.58 1.81
C MET H 30 13.62 8.44 2.03
N LEU H 31 12.84 8.61 0.95
CA LEU H 31 11.39 8.55 1.03
C LEU H 31 10.86 7.15 1.35
N SER H 32 11.73 6.13 1.34
CA SER H 32 11.37 4.80 1.81
C SER H 32 12.08 4.46 3.13
N GLY H 33 12.00 5.39 4.09
CA GLY H 33 12.57 5.17 5.42
C GLY H 33 14.08 5.18 5.42
N THR H 42 6.27 11.47 6.84
CA THR H 42 5.95 12.62 6.01
C THR H 42 6.72 12.60 4.68
N ASN H 43 6.30 13.47 3.76
CA ASN H 43 6.93 13.61 2.43
C ASN H 43 7.87 14.82 2.37
N GLU H 44 8.62 15.01 3.45
CA GLU H 44 9.56 16.12 3.55
C GLU H 44 10.96 15.55 3.69
N VAL H 45 11.96 16.30 3.22
CA VAL H 45 13.36 15.91 3.40
C VAL H 45 14.19 17.15 3.66
N ASN H 46 14.95 17.14 4.76
CA ASN H 46 15.75 18.28 5.16
C ASN H 46 17.20 18.08 4.77
N PHE H 47 17.81 19.08 4.12
CA PHE H 47 19.22 19.03 3.74
C PHE H 47 20.01 20.12 4.46
N ARG H 48 20.48 19.81 5.66
CA ARG H 48 21.18 20.77 6.53
C ARG H 48 22.47 21.35 5.94
N GLU H 49 23.04 20.68 4.94
CA GLU H 49 24.29 21.10 4.31
C GLU H 49 24.14 21.74 2.93
N ILE H 50 22.91 21.81 2.41
CA ILE H 50 22.74 22.25 1.03
C ILE H 50 21.94 23.55 0.99
N PRO H 51 22.60 24.68 0.62
CA PRO H 51 21.91 25.98 0.58
C PRO H 51 21.00 26.14 -0.63
N SER H 52 20.08 27.10 -0.56
CA SER H 52 19.06 27.29 -1.59
C SER H 52 19.63 27.60 -2.98
N HIS H 53 20.74 28.33 -3.04
CA HIS H 53 21.33 28.63 -4.35
C HIS H 53 21.85 27.38 -5.04
N VAL H 54 22.11 26.32 -4.27
CA VAL H 54 22.42 24.99 -4.83
C VAL H 54 21.13 24.17 -5.05
N LEU H 55 20.28 24.09 -4.03
CA LEU H 55 19.14 23.15 -4.07
C LEU H 55 18.13 23.51 -5.16
N SER H 56 17.94 24.80 -5.40
CA SER H 56 17.03 25.24 -6.47
C SER H 56 17.49 24.70 -7.84
N LYS H 57 18.81 24.70 -8.06
CA LYS H 57 19.38 24.17 -9.30
C LYS H 57 19.19 22.66 -9.43
N VAL H 58 19.28 21.95 -8.30
CA VAL H 58 19.01 20.51 -8.29
C VAL H 58 17.60 20.21 -8.82
N CYS H 59 16.61 20.95 -8.35
CA CYS H 59 15.22 20.80 -8.81
C CYS H 59 15.05 21.12 -10.31
N MET H 60 15.77 22.11 -10.80
CA MET H 60 15.77 22.40 -12.22
C MET H 60 16.34 21.21 -12.99
N TYR H 61 17.40 20.57 -12.46
CA TYR H 61 17.96 19.39 -13.13
C TYR H 61 16.93 18.26 -13.23
N PHE H 62 16.13 18.04 -12.18
CA PHE H 62 15.09 17.01 -12.24
C PHE H 62 14.13 17.25 -13.41
N THR H 63 13.69 18.50 -13.55
CA THR H 63 12.79 18.88 -14.62
C THR H 63 13.39 18.60 -16.01
N TYR H 64 14.64 19.04 -16.19
CA TYR H 64 15.42 18.86 -17.41
C TYR H 64 15.60 17.37 -17.77
N LYS H 65 16.00 16.57 -16.78
CA LYS H 65 16.21 15.14 -17.00
C LYS H 65 14.96 14.38 -17.46
N VAL H 66 13.83 14.62 -16.78
CA VAL H 66 12.56 13.97 -17.14
C VAL H 66 12.06 14.44 -18.51
N ARG H 67 12.25 15.72 -18.81
CA ARG H 67 11.79 16.26 -20.10
C ARG H 67 12.59 15.69 -21.29
N TYR H 68 13.92 15.67 -21.17
CA TYR H 68 14.77 15.34 -22.32
C TYR H 68 15.28 13.88 -22.40
N THR H 69 15.05 13.08 -21.36
CA THR H 69 15.38 11.65 -21.40
C THR H 69 14.45 10.90 -22.36
N ASN H 70 15.03 10.19 -23.33
CA ASN H 70 14.26 9.46 -24.33
C ASN H 70 13.39 10.40 -25.17
N SER H 71 14.02 11.43 -25.72
CA SER H 71 13.31 12.47 -26.48
C SER H 71 13.95 12.71 -27.84
N SER H 72 13.09 12.96 -28.83
CA SER H 72 13.53 13.22 -30.20
C SER H 72 14.06 14.64 -30.36
N THR H 73 13.36 15.60 -29.76
CA THR H 73 13.71 17.01 -29.90
C THR H 73 15.13 17.30 -29.39
N GLU H 74 15.84 18.15 -30.11
CA GLU H 74 17.23 18.50 -29.81
C GLU H 74 17.40 18.93 -28.35
N ILE H 75 18.50 18.49 -27.74
CA ILE H 75 18.74 18.69 -26.31
C ILE H 75 19.65 19.89 -26.10
N PRO H 76 19.23 20.85 -25.26
CA PRO H 76 20.09 21.99 -24.92
C PRO H 76 21.01 21.68 -23.74
N GLU H 77 22.05 22.50 -23.58
CA GLU H 77 22.99 22.38 -22.46
C GLU H 77 22.31 22.67 -21.12
N PHE H 78 22.68 21.97 -20.05
CA PHE H 78 22.24 22.34 -18.70
C PHE H 78 23.21 23.40 -18.16
N PRO H 79 22.70 24.61 -17.83
CA PRO H 79 23.58 25.72 -17.44
C PRO H 79 23.94 25.73 -15.95
N ILE H 80 25.19 26.06 -15.63
CA ILE H 80 25.68 26.12 -14.27
C ILE H 80 26.66 27.31 -14.14
N ALA H 81 26.28 28.28 -13.34
CA ALA H 81 27.13 29.46 -13.09
C ALA H 81 28.43 29.05 -12.38
N PRO H 82 29.55 29.71 -12.73
CA PRO H 82 30.82 29.36 -12.08
C PRO H 82 30.82 29.53 -10.56
N GLU H 83 30.01 30.45 -10.04
CA GLU H 83 29.97 30.73 -8.61
C GLU H 83 29.36 29.60 -7.79
N ILE H 84 28.52 28.78 -8.41
CA ILE H 84 27.85 27.68 -7.71
C ILE H 84 28.37 26.28 -8.05
N ALA H 85 29.26 26.18 -9.05
CA ALA H 85 29.71 24.88 -9.55
C ALA H 85 30.27 23.93 -8.47
N LEU H 86 31.17 24.44 -7.65
CA LEU H 86 31.80 23.59 -6.62
C LEU H 86 30.82 23.00 -5.63
N GLU H 87 29.92 23.84 -5.13
CA GLU H 87 28.90 23.40 -4.18
C GLU H 87 27.92 22.42 -4.84
N LEU H 88 27.58 22.68 -6.09
CA LEU H 88 26.64 21.80 -6.82
C LEU H 88 27.23 20.39 -7.07
N LEU H 89 28.54 20.32 -7.30
CA LEU H 89 29.23 19.03 -7.48
C LEU H 89 29.12 18.15 -6.23
N MET H 90 29.33 18.77 -5.07
CA MET H 90 29.20 18.06 -3.78
C MET H 90 27.77 17.54 -3.60
N ALA H 91 26.79 18.36 -3.93
CA ALA H 91 25.40 17.96 -3.76
C ALA H 91 25.07 16.77 -4.67
N ALA H 92 25.56 16.82 -5.90
CA ALA H 92 25.26 15.79 -6.89
C ALA H 92 25.88 14.43 -6.48
N ASN H 93 27.07 14.45 -5.92
CA ASN H 93 27.64 13.21 -5.41
C ASN H 93 26.72 12.53 -4.40
N PHE H 94 26.33 13.27 -3.36
CA PHE H 94 25.47 12.73 -2.28
C PHE H 94 24.11 12.25 -2.78
N LEU H 95 23.50 12.99 -3.70
CA LEU H 95 22.16 12.66 -4.19
C LEU H 95 22.10 11.54 -5.24
N ASP H 96 23.26 11.11 -5.77
CA ASP H 96 23.30 10.06 -6.83
C ASP H 96 22.39 10.39 -8.02
N CYS H 97 22.72 11.48 -8.72
CA CYS H 97 21.94 11.90 -9.89
C CYS H 97 22.75 12.76 -10.86
N VAL I 11 38.99 -6.02 -30.81
CA VAL I 11 37.57 -6.18 -31.27
C VAL I 11 37.11 -4.95 -32.06
N LEU I 12 37.07 -3.79 -31.41
CA LEU I 12 36.56 -2.57 -32.04
C LEU I 12 37.55 -1.99 -33.06
N ARG I 13 37.27 -2.23 -34.34
CA ARG I 13 38.04 -1.65 -35.45
C ARG I 13 37.17 -1.63 -36.69
N SER I 14 37.61 -0.89 -37.70
CA SER I 14 36.91 -0.85 -38.99
C SER I 14 37.25 -2.09 -39.81
N VAL I 15 36.28 -2.53 -40.60
CA VAL I 15 36.49 -3.57 -41.59
C VAL I 15 36.95 -2.88 -42.87
N ASN I 16 37.96 -3.43 -43.54
CA ASN I 16 38.42 -2.90 -44.82
C ASN I 16 37.54 -3.42 -45.96
N SER I 17 36.29 -2.94 -46.02
CA SER I 17 35.31 -3.41 -46.99
C SER I 17 35.58 -2.91 -48.41
N ARG I 18 36.16 -1.72 -48.55
CA ARG I 18 36.31 -1.07 -49.85
C ARG I 18 34.97 -0.79 -50.54
N GLU I 19 33.88 -0.64 -49.78
CA GLU I 19 32.56 -0.33 -50.34
C GLU I 19 32.14 1.07 -49.92
N PRO I 20 32.16 2.04 -50.86
CA PRO I 20 31.81 3.41 -50.49
C PRO I 20 30.41 3.55 -49.86
N SER I 21 30.32 4.44 -48.87
CA SER I 21 29.06 4.81 -48.25
C SER I 21 29.12 6.31 -47.98
N GLN I 22 28.15 7.05 -48.52
CA GLN I 22 28.04 8.49 -48.31
C GLN I 22 27.17 8.79 -47.07
N VAL I 23 27.67 9.70 -46.25
CA VAL I 23 27.12 10.03 -44.94
C VAL I 23 26.95 11.55 -44.77
N ILE I 24 25.88 11.97 -44.09
CA ILE I 24 25.77 13.35 -43.60
C ILE I 24 26.07 13.38 -42.10
N PHE I 25 27.17 14.04 -41.72
CA PHE I 25 27.47 14.33 -40.32
C PHE I 25 26.73 15.60 -39.94
N ASN I 27 25.65 18.09 -36.89
CA ASN I 27 25.92 18.44 -35.49
C ASN I 27 24.73 19.16 -34.87
N ARG I 28 23.84 18.40 -34.22
CA ARG I 28 22.68 18.96 -33.51
C ARG I 28 22.98 19.14 -32.02
N SER I 29 24.14 19.71 -31.71
CA SER I 29 24.56 19.96 -30.33
C SER I 29 25.13 21.37 -30.25
N PRO I 30 25.38 21.87 -29.01
CA PRO I 30 26.01 23.16 -28.82
C PRO I 30 27.55 23.12 -28.75
N ARG I 31 28.16 21.95 -28.96
CA ARG I 31 29.61 21.77 -28.88
C ARG I 31 30.27 21.79 -30.26
N VAL I 32 31.57 22.12 -30.30
CA VAL I 32 32.40 21.92 -31.48
C VAL I 32 32.70 20.43 -31.46
N VAL I 33 32.35 19.73 -32.54
CA VAL I 33 32.44 18.26 -32.56
C VAL I 33 33.70 17.76 -33.27
N LEU I 34 34.36 16.78 -32.64
CA LEU I 34 35.49 16.06 -33.22
C LEU I 34 35.03 14.64 -33.63
N PRO I 35 34.91 14.39 -34.94
CA PRO I 35 34.68 13.01 -35.36
C PRO I 35 35.95 12.19 -35.27
N VAL I 36 35.81 10.94 -34.82
CA VAL I 36 36.93 10.03 -34.61
C VAL I 36 36.65 8.73 -35.36
N TRP I 37 37.55 8.37 -36.28
CA TRP I 37 37.47 7.12 -37.06
C TRP I 37 38.37 6.05 -36.42
N LEU I 38 37.85 4.85 -36.18
CA LEU I 38 38.69 3.74 -35.72
C LEU I 38 39.30 3.08 -36.94
N ASN I 39 40.62 3.07 -37.02
CA ASN I 39 41.28 2.53 -38.20
C ASN I 39 41.34 0.99 -38.15
N PHE I 40 42.04 0.40 -39.11
CA PHE I 40 42.03 -1.06 -39.28
C PHE I 40 42.75 -1.81 -38.14
N ASP I 41 43.61 -1.10 -37.40
CA ASP I 41 44.22 -1.63 -36.17
C ASP I 41 43.43 -1.27 -34.90
N GLY I 42 42.32 -0.55 -35.04
CA GLY I 42 41.54 -0.14 -33.89
C GLY I 42 42.04 1.13 -33.23
N GLU I 43 42.98 1.82 -33.87
CA GLU I 43 43.50 3.07 -33.35
C GLU I 43 42.60 4.27 -33.71
N PRO I 44 42.24 5.11 -32.73
CA PRO I 44 41.42 6.28 -33.08
C PRO I 44 42.15 7.29 -33.95
N GLN I 45 41.47 7.78 -34.99
CA GLN I 45 42.03 8.75 -35.93
C GLN I 45 41.09 9.96 -36.03
N PRO I 46 41.55 11.13 -35.57
CA PRO I 46 40.71 12.33 -35.57
C PRO I 46 40.54 12.92 -36.96
N TYR I 47 39.36 13.50 -37.20
CA TYR I 47 39.02 14.12 -38.48
C TYR I 47 38.63 15.60 -38.23
N PRO I 48 38.43 16.38 -39.31
CA PRO I 48 38.18 17.82 -39.11
C PRO I 48 36.95 18.13 -38.26
N THR I 49 37.02 19.20 -37.46
CA THR I 49 35.95 19.49 -36.52
C THR I 49 34.75 20.15 -37.18
N LEU I 50 33.60 20.07 -36.50
CA LEU I 50 32.32 20.62 -36.98
C LEU I 50 31.76 21.64 -35.98
N PRO I 51 31.57 22.91 -36.40
CA PRO I 51 30.98 23.88 -35.46
C PRO I 51 29.54 23.52 -35.14
N PRO I 52 29.01 23.99 -34.00
CA PRO I 52 27.64 23.73 -33.58
C PRO I 52 26.60 24.09 -34.65
N GLY I 53 25.62 23.22 -34.86
CA GLY I 53 24.53 23.48 -35.79
C GLY I 53 24.85 23.37 -37.28
N THR I 54 26.03 22.86 -37.62
CA THR I 54 26.43 22.70 -39.02
C THR I 54 26.45 21.22 -39.41
N GLY I 55 26.40 20.97 -40.72
CA GLY I 55 26.44 19.63 -41.28
C GLY I 55 27.32 19.52 -42.52
N ARG I 56 27.93 18.34 -42.72
CA ARG I 56 28.72 18.08 -43.93
C ARG I 56 28.45 16.72 -44.54
N ARG I 57 28.45 16.68 -45.86
CA ARG I 57 28.38 15.43 -46.61
C ARG I 57 29.82 14.91 -46.77
N ILE I 58 30.06 13.67 -46.34
CA ILE I 58 31.39 13.08 -46.30
C ILE I 58 31.40 11.66 -46.91
N HIS I 59 32.58 11.24 -47.37
CA HIS I 59 32.77 9.93 -47.98
C HIS I 59 33.40 8.94 -47.00
N SER I 60 32.67 7.86 -46.70
CA SER I 60 33.17 6.80 -45.83
C SER I 60 32.92 5.43 -46.48
N TYR I 61 32.89 4.37 -45.67
CA TYR I 61 32.78 3.00 -46.20
C TYR I 61 31.96 2.11 -45.28
N ARG I 62 31.31 1.12 -45.87
CA ARG I 62 30.46 0.20 -45.10
C ARG I 62 31.33 -0.56 -44.11
N GLY I 63 30.84 -0.74 -42.89
CA GLY I 63 31.60 -1.45 -41.87
C GLY I 63 32.68 -0.65 -41.14
N HIS I 64 32.81 0.64 -41.44
CA HIS I 64 33.76 1.51 -40.73
C HIS I 64 33.12 2.01 -39.42
N LEU I 65 33.95 2.24 -38.41
CA LEU I 65 33.46 2.63 -37.09
C LEU I 65 33.82 4.08 -36.76
N TRP I 66 32.84 4.82 -36.25
CA TRP I 66 33.02 6.22 -35.84
C TRP I 66 32.48 6.48 -34.43
N LEU I 67 33.07 7.46 -33.77
CA LEU I 67 32.43 8.06 -32.60
C LEU I 67 32.68 9.58 -32.59
N PHE I 68 32.01 10.31 -31.69
CA PHE I 68 32.03 11.77 -31.71
C PHE I 68 32.22 12.35 -30.31
N ARG I 69 33.08 13.36 -30.21
CA ARG I 69 33.46 13.97 -28.94
C ARG I 69 33.48 15.48 -29.03
N ASP I 70 33.42 16.13 -27.87
CA ASP I 70 33.74 17.54 -27.75
C ASP I 70 35.21 17.73 -28.11
N ALA I 71 35.48 18.59 -29.09
CA ALA I 71 36.83 18.77 -29.62
C ALA I 71 37.79 19.41 -28.63
N GLY I 72 37.25 20.13 -27.64
CA GLY I 72 38.09 20.79 -26.65
C GLY I 72 38.33 19.98 -25.39
N THR I 73 37.27 19.36 -24.88
CA THR I 73 37.32 18.65 -23.61
C THR I 73 37.28 17.13 -23.73
N HIS I 74 36.96 16.61 -24.91
CA HIS I 74 36.77 15.18 -25.14
C HIS I 74 35.56 14.53 -24.44
N ASP I 75 34.63 15.33 -23.91
CA ASP I 75 33.34 14.83 -23.43
C ASP I 75 32.68 13.99 -24.52
N GLY I 76 32.06 12.88 -24.14
CA GLY I 76 31.43 11.97 -25.07
C GLY I 76 30.09 12.50 -25.57
N LEU I 77 29.78 12.24 -26.84
CA LEU I 77 28.52 12.65 -27.47
C LEU I 77 27.80 11.45 -28.07
N LEU I 78 26.52 11.61 -28.42
CA LEU I 78 25.71 10.52 -28.96
C LEU I 78 25.59 10.73 -30.46
N VAL I 79 25.49 9.63 -31.19
CA VAL I 79 25.21 9.66 -32.62
C VAL I 79 24.07 8.68 -32.92
N ASN I 80 22.99 9.20 -33.50
CA ASN I 80 21.75 8.44 -33.63
C ASN I 80 21.37 7.72 -32.32
N GLN I 81 21.46 8.46 -31.22
CA GLN I 81 21.08 7.98 -29.89
C GLN I 81 21.97 6.89 -29.28
N THR I 82 23.16 6.68 -29.82
CA THR I 82 24.06 5.66 -29.28
C THR I 82 25.53 6.07 -29.41
N GLU I 83 26.42 5.17 -29.03
CA GLU I 83 27.85 5.46 -28.89
C GLU I 83 28.60 5.41 -30.21
N LEU I 84 28.36 4.36 -30.98
CA LEU I 84 29.08 4.09 -32.22
C LEU I 84 28.19 4.26 -33.45
N PHE I 85 28.78 4.77 -34.53
CA PHE I 85 28.10 4.85 -35.83
C PHE I 85 28.84 4.03 -36.88
N VAL I 86 28.10 3.17 -37.60
CA VAL I 86 28.65 2.35 -38.68
C VAL I 86 27.88 2.67 -39.97
N PRO I 87 28.56 3.23 -40.99
CA PRO I 87 27.86 3.46 -42.27
C PRO I 87 27.34 2.18 -42.91
N SER I 88 26.13 2.26 -43.48
CA SER I 88 25.50 1.14 -44.14
C SER I 88 25.38 1.45 -45.64
N LEU I 89 24.78 0.51 -46.37
CA LEU I 89 24.50 0.64 -47.80
C LEU I 89 23.57 1.83 -48.13
N ASN I 90 23.97 2.68 -49.08
CA ASN I 90 23.10 3.74 -49.59
C ASN I 90 22.05 3.16 -50.54
N VAL I 91 20.77 3.25 -50.19
CA VAL I 91 19.70 2.82 -51.09
C VAL I 91 19.26 3.98 -51.97
N ASP I 92 19.31 3.75 -53.28
CA ASP I 92 18.82 4.70 -54.28
C ASP I 92 19.47 6.09 -54.18
N GLY I 93 20.77 6.12 -53.93
CA GLY I 93 21.52 7.38 -53.85
C GLY I 93 21.24 8.28 -52.64
N GLN I 94 20.56 7.75 -51.62
CA GLN I 94 20.35 8.53 -50.40
C GLN I 94 21.51 8.35 -49.45
N PRO I 95 22.06 9.46 -48.93
CA PRO I 95 23.13 9.34 -47.94
C PRO I 95 22.59 8.94 -46.58
N ILE I 96 23.44 8.38 -45.72
CA ILE I 96 23.03 7.96 -44.37
C ILE I 96 23.19 9.14 -43.42
N PHE I 97 22.19 9.45 -42.61
CA PHE I 97 22.31 10.54 -41.64
C PHE I 97 22.96 10.08 -40.34
N ALA I 98 23.97 10.81 -39.89
CA ALA I 98 24.53 10.64 -38.55
C ALA I 98 24.22 11.90 -37.71
N ASN I 99 23.15 11.85 -36.92
CA ASN I 99 22.74 12.99 -36.10
C ASN I 99 23.46 12.97 -34.76
N ILE I 100 24.29 13.98 -34.52
CA ILE I 100 25.13 14.05 -33.33
C ILE I 100 24.45 14.99 -32.34
N THR I 101 24.19 14.50 -31.12
CA THR I 101 23.51 15.25 -30.06
C THR I 101 24.22 15.16 -28.70
N LEU I 102 23.84 16.07 -27.79
CA LEU I 102 24.25 15.97 -26.38
C LEU I 102 23.54 14.80 -25.73
N PRO I 103 24.26 14.04 -24.88
CA PRO I 103 23.56 13.13 -23.98
C PRO I 103 22.87 13.94 -22.88
N VAL I 104 21.92 13.32 -22.19
CA VAL I 104 21.49 13.82 -20.91
C VAL I 104 22.54 13.38 -19.90
N TYR I 105 23.49 14.26 -19.59
CA TYR I 105 24.53 13.93 -18.63
C TYR I 105 23.94 13.84 -17.23
N THR I 106 24.58 13.05 -16.36
CA THR I 106 24.24 13.11 -14.94
C THR I 106 24.63 14.49 -14.42
N LEU I 107 23.94 14.95 -13.38
CA LEU I 107 24.27 16.23 -12.78
C LEU I 107 25.72 16.24 -12.32
N LYS I 108 26.16 15.14 -11.71
CA LYS I 108 27.54 14.99 -11.27
C LYS I 108 28.54 15.18 -12.41
N GLU I 109 28.33 14.49 -13.53
CA GLU I 109 29.28 14.58 -14.66
C GLU I 109 29.30 16.01 -15.23
N ARG I 110 28.12 16.63 -15.30
CA ARG I 110 28.01 17.98 -15.77
C ARG I 110 28.74 18.95 -14.85
N CYS I 111 28.58 18.79 -13.55
CA CYS I 111 29.35 19.58 -12.59
C CYS I 111 30.86 19.36 -12.77
N LEU I 112 31.26 18.10 -12.96
CA LEU I 112 32.67 17.80 -13.19
C LEU I 112 33.19 18.58 -14.38
N GLN I 113 32.38 18.65 -15.44
CA GLN I 113 32.78 19.36 -16.65
C GLN I 113 33.04 20.85 -16.41
N VAL I 114 32.15 21.50 -15.67
CA VAL I 114 32.27 22.92 -15.43
C VAL I 114 33.49 23.23 -14.51
N VAL I 115 33.70 22.38 -13.50
CA VAL I 115 34.83 22.56 -12.58
C VAL I 115 36.17 22.32 -13.29
N ARG I 116 36.23 21.33 -14.18
CA ARG I 116 37.41 21.11 -15.01
C ARG I 116 37.73 22.34 -15.87
N SER I 117 36.70 22.98 -16.43
CA SER I 117 36.87 24.16 -17.27
C SER I 117 37.27 25.42 -16.50
N LEU I 118 37.25 25.37 -15.17
CA LEU I 118 37.65 26.51 -14.34
C LEU I 118 38.95 26.25 -13.55
N VAL I 119 39.19 24.98 -13.17
CA VAL I 119 40.33 24.62 -12.32
C VAL I 119 41.34 23.81 -13.10
N LYS I 120 42.62 24.16 -12.96
CA LYS I 120 43.69 23.43 -13.64
C LYS I 120 43.91 22.07 -12.98
N PRO I 121 44.49 21.12 -13.72
CA PRO I 121 44.68 19.78 -13.16
C PRO I 121 45.69 19.64 -12.01
N GLU I 122 46.41 20.72 -11.65
CA GLU I 122 47.29 20.69 -10.47
C GLU I 122 46.51 21.01 -9.21
N ASN I 123 45.44 21.80 -9.35
CA ASN I 123 44.74 22.39 -8.22
C ASN I 123 43.49 21.63 -7.77
N TYR I 124 43.13 20.54 -8.47
CA TYR I 124 41.98 19.72 -8.10
C TYR I 124 42.03 19.35 -6.60
N ARG I 125 43.15 18.78 -6.18
CA ARG I 125 43.27 18.28 -4.81
C ARG I 125 43.36 19.40 -3.75
N ARG I 126 43.49 20.65 -4.20
CA ARG I 126 43.39 21.80 -3.29
C ARG I 126 41.92 22.20 -3.01
N LEU I 127 40.95 21.55 -3.67
CA LEU I 127 39.53 21.83 -3.46
C LEU I 127 39.00 21.18 -2.18
N ASP I 128 38.08 21.86 -1.50
CA ASP I 128 37.53 21.34 -0.26
C ASP I 128 36.36 20.39 -0.53
N ILE I 129 36.69 19.17 -0.97
CA ILE I 129 35.68 18.14 -1.28
C ILE I 129 36.10 16.76 -0.77
N VAL I 130 35.17 15.80 -0.79
CA VAL I 130 35.43 14.44 -0.31
C VAL I 130 36.39 13.67 -1.23
N ARG I 131 37.29 12.92 -0.60
CA ARG I 131 38.38 12.22 -1.29
C ARG I 131 37.98 11.61 -2.64
N SER I 132 36.86 10.90 -2.66
CA SER I 132 36.43 10.19 -3.86
C SER I 132 36.18 11.10 -5.07
N LEU I 133 35.80 12.37 -4.84
CA LEU I 133 35.61 13.33 -5.94
C LEU I 133 36.92 13.82 -6.60
N TYR I 134 38.06 13.70 -5.92
CA TYR I 134 39.35 14.05 -6.53
C TYR I 134 39.66 13.13 -7.70
N GLU I 135 39.54 11.82 -7.45
CA GLU I 135 39.71 10.79 -8.48
C GLU I 135 38.70 10.98 -9.62
N ASP I 136 37.47 11.36 -9.27
CA ASP I 136 36.44 11.64 -10.27
C ASP I 136 36.89 12.74 -11.24
N LEU I 137 37.49 13.81 -10.71
CA LEU I 137 37.93 14.95 -11.52
C LEU I 137 39.08 14.57 -12.44
N GLU I 138 40.06 13.87 -11.88
CA GLU I 138 41.25 13.48 -12.63
C GLU I 138 40.97 12.47 -13.73
N ASP I 139 39.89 11.69 -13.60
CA ASP I 139 39.50 10.72 -14.60
C ASP I 139 38.84 11.40 -15.84
N HIS I 140 39.64 12.17 -16.58
CA HIS I 140 39.18 12.93 -17.74
C HIS I 140 38.50 12.06 -18.77
N PRO I 141 37.48 12.61 -19.46
CA PRO I 141 36.99 11.88 -20.63
C PRO I 141 38.14 11.54 -21.59
N ASN I 142 38.14 10.32 -22.10
CA ASN I 142 39.27 9.79 -22.85
C ASN I 142 38.77 8.69 -23.77
N VAL I 143 39.05 8.82 -25.07
CA VAL I 143 38.55 7.85 -26.05
C VAL I 143 39.10 6.44 -25.80
N GLN I 144 40.41 6.30 -25.59
CA GLN I 144 41.00 4.97 -25.38
C GLN I 144 40.31 4.28 -24.19
N LYS I 145 40.05 5.03 -23.12
CA LYS I 145 39.40 4.47 -21.93
C LYS I 145 38.01 3.94 -22.26
N ASP I 146 37.24 4.71 -23.03
CA ASP I 146 35.88 4.30 -23.40
C ASP I 146 35.86 3.08 -24.29
N LEU I 147 36.84 2.98 -25.19
CA LEU I 147 36.94 1.83 -26.07
C LEU I 147 37.19 0.56 -25.28
N GLU I 148 38.01 0.66 -24.23
CA GLU I 148 38.26 -0.46 -23.32
C GLU I 148 36.94 -0.90 -22.67
N ARG I 149 36.19 0.06 -22.15
CA ARG I 149 34.90 -0.21 -21.49
C ARG I 149 33.92 -0.91 -22.42
N LEU I 150 33.75 -0.35 -23.61
CA LEU I 150 32.81 -0.90 -24.58
C LEU I 150 33.11 -2.37 -24.84
N THR I 151 34.39 -2.65 -25.11
CA THR I 151 34.85 -4.02 -25.36
C THR I 151 34.50 -4.99 -24.21
N GLN I 152 34.66 -4.55 -22.97
CA GLN I 152 34.41 -5.41 -21.79
C GLN I 152 32.93 -5.76 -21.58
N GLU I 153 32.03 -4.92 -22.06
CA GLU I 153 30.58 -5.13 -21.89
C GLU I 153 30.09 -6.36 -22.67
N MET J 1 -33.92 -6.50 -37.52
CA MET J 1 -32.54 -6.27 -37.02
C MET J 1 -32.52 -6.26 -35.50
N ASP J 2 -31.51 -6.86 -34.89
CA ASP J 2 -31.36 -6.84 -33.43
C ASP J 2 -30.58 -5.61 -32.98
N VAL J 3 -30.99 -5.04 -31.84
CA VAL J 3 -30.26 -4.00 -31.15
C VAL J 3 -29.87 -4.53 -29.76
N PHE J 4 -28.68 -4.17 -29.28
CA PHE J 4 -28.16 -4.70 -28.01
C PHE J 4 -27.98 -3.55 -27.02
N LEU J 5 -28.53 -3.74 -25.82
CA LEU J 5 -28.75 -2.65 -24.86
C LEU J 5 -28.23 -2.94 -23.45
N MET J 6 -27.96 -1.86 -22.71
CA MET J 6 -27.85 -1.87 -21.26
C MET J 6 -28.96 -0.98 -20.69
N ILE J 7 -29.81 -1.54 -19.84
CA ILE J 7 -30.85 -0.75 -19.16
C ILE J 7 -30.35 -0.45 -17.74
N ARG J 8 -30.18 0.84 -17.45
CA ARG J 8 -29.41 1.24 -16.28
C ARG J 8 -30.16 2.16 -15.28
N ARG J 9 -30.11 1.79 -14.00
CA ARG J 9 -30.69 2.59 -12.89
C ARG J 9 -29.82 2.44 -11.66
N HIS J 10 -29.40 3.57 -11.09
CA HIS J 10 -28.60 3.54 -9.86
C HIS J 10 -27.39 2.59 -10.06
N LYS J 11 -27.30 1.49 -9.30
CA LYS J 11 -26.19 0.53 -9.47
C LYS J 11 -26.62 -0.80 -10.12
N THR J 12 -27.72 -0.74 -10.88
CA THR J 12 -28.29 -1.88 -11.56
C THR J 12 -28.10 -1.72 -13.09
N THR J 13 -27.64 -2.78 -13.76
CA THR J 13 -27.47 -2.77 -15.22
C THR J 13 -28.03 -4.07 -15.80
N ILE J 14 -29.08 -3.99 -16.60
CA ILE J 14 -29.61 -5.16 -17.31
C ILE J 14 -29.05 -5.23 -18.74
N PHE J 15 -28.48 -6.37 -19.11
CA PHE J 15 -28.03 -6.62 -20.48
C PHE J 15 -29.13 -7.37 -21.23
N THR J 16 -29.62 -6.80 -22.32
CA THR J 16 -30.65 -7.49 -23.10
C THR J 16 -30.62 -7.02 -24.56
N ASP J 17 -31.29 -7.78 -25.42
CA ASP J 17 -31.46 -7.39 -26.81
C ASP J 17 -32.94 -7.32 -27.17
N ALA J 18 -33.22 -6.67 -28.30
CA ALA J 18 -34.58 -6.52 -28.82
C ALA J 18 -34.52 -6.17 -30.30
N LYS J 19 -35.67 -6.16 -30.97
CA LYS J 19 -35.72 -5.80 -32.39
C LYS J 19 -35.80 -4.29 -32.57
N GLU J 20 -35.18 -3.80 -33.63
CA GLU J 20 -35.32 -2.40 -34.01
C GLU J 20 -36.79 -1.98 -34.15
N SER J 21 -37.64 -2.91 -34.63
CA SER J 21 -39.07 -2.64 -34.81
C SER J 21 -39.92 -2.79 -33.54
N SER J 22 -39.34 -3.30 -32.45
CA SER J 22 -40.08 -3.48 -31.19
C SER J 22 -40.26 -2.15 -30.47
N THR J 23 -41.15 -2.11 -29.48
CA THR J 23 -41.54 -0.84 -28.86
C THR J 23 -40.93 -0.60 -27.49
N VAL J 24 -40.97 0.67 -27.07
CA VAL J 24 -40.61 1.07 -25.72
C VAL J 24 -41.44 0.31 -24.67
N PHE J 25 -42.75 0.22 -24.85
CA PHE J 25 -43.58 -0.60 -23.94
C PHE J 25 -43.05 -2.02 -23.80
N GLU J 26 -42.67 -2.63 -24.92
CA GLU J 26 -42.18 -4.01 -24.91
C GLU J 26 -40.88 -4.16 -24.10
N LEU J 27 -40.08 -3.11 -24.06
CA LEU J 27 -38.89 -3.06 -23.23
C LEU J 27 -39.25 -2.97 -21.73
N LYS J 28 -40.27 -2.16 -21.40
CA LYS J 28 -40.80 -2.11 -20.03
C LYS J 28 -41.30 -3.48 -19.54
N ARG J 29 -41.86 -4.29 -20.44
CA ARG J 29 -42.25 -5.65 -20.07
C ARG J 29 -41.06 -6.53 -19.69
N ILE J 30 -39.91 -6.31 -20.33
CA ILE J 30 -38.69 -7.05 -19.99
C ILE J 30 -38.21 -6.66 -18.60
N VAL J 31 -38.21 -5.36 -18.32
CA VAL J 31 -37.82 -4.83 -17.03
C VAL J 31 -38.75 -5.36 -15.94
N GLU J 32 -40.06 -5.43 -16.24
CA GLU J 32 -41.05 -5.93 -15.29
C GLU J 32 -40.73 -7.36 -14.82
N GLY J 33 -40.38 -8.23 -15.77
CA GLY J 33 -40.10 -9.63 -15.46
C GLY J 33 -38.89 -9.77 -14.55
N ILE J 34 -37.97 -8.83 -14.66
CA ILE J 34 -36.70 -8.92 -13.94
C ILE J 34 -36.78 -8.22 -12.59
N LEU J 35 -37.22 -6.97 -12.57
CA LEU J 35 -37.20 -6.16 -11.34
C LEU J 35 -38.57 -6.03 -10.64
N LYS J 36 -39.59 -6.71 -11.19
CA LYS J 36 -40.90 -6.86 -10.56
C LYS J 36 -41.64 -5.54 -10.31
N ARG J 37 -41.67 -4.69 -11.34
CA ARG J 37 -42.34 -3.42 -11.29
C ARG J 37 -43.05 -3.19 -12.61
N PRO J 38 -44.36 -2.89 -12.58
CA PRO J 38 -45.14 -2.80 -13.81
C PRO J 38 -44.74 -1.61 -14.68
N PRO J 39 -45.04 -1.68 -15.99
CA PRO J 39 -44.70 -0.62 -16.93
C PRO J 39 -45.13 0.79 -16.49
N ASP J 40 -46.34 0.93 -15.94
CA ASP J 40 -46.80 2.28 -15.52
C ASP J 40 -46.02 2.87 -14.33
N GLU J 41 -45.18 2.07 -13.68
CA GLU J 41 -44.31 2.58 -12.62
C GLU J 41 -42.86 2.82 -13.10
N GLN J 42 -42.64 2.74 -14.43
CA GLN J 42 -41.33 2.96 -15.06
C GLN J 42 -41.29 4.19 -15.97
N ARG J 43 -40.16 4.89 -15.98
CA ARG J 43 -39.83 5.85 -17.02
C ARG J 43 -38.53 5.37 -17.67
N LEU J 44 -38.49 5.30 -19.00
CA LEU J 44 -37.27 4.98 -19.76
C LEU J 44 -36.76 6.21 -20.50
N TYR J 45 -35.44 6.31 -20.63
CA TYR J 45 -34.80 7.49 -21.18
C TYR J 45 -33.74 7.18 -22.23
N LYS J 46 -33.67 8.02 -23.26
CA LYS J 46 -32.50 8.08 -24.09
C LYS J 46 -31.77 9.37 -23.71
N ASP J 47 -30.60 9.21 -23.08
CA ASP J 47 -29.91 10.34 -22.44
C ASP J 47 -30.89 11.01 -21.45
N ASP J 48 -31.22 12.29 -21.64
CA ASP J 48 -32.22 12.92 -20.77
C ASP J 48 -33.62 12.92 -21.37
N GLN J 49 -33.82 12.27 -22.51
CA GLN J 49 -35.12 12.33 -23.19
C GLN J 49 -36.05 11.17 -22.81
N LEU J 50 -37.23 11.53 -22.29
CA LEU J 50 -38.25 10.55 -21.92
C LEU J 50 -38.81 9.82 -23.14
N LEU J 51 -38.80 8.48 -23.11
CA LEU J 51 -39.26 7.68 -24.26
C LEU J 51 -40.77 7.37 -24.17
N ASP J 52 -41.49 7.55 -25.29
CA ASP J 52 -42.92 7.23 -25.36
C ASP J 52 -43.18 5.75 -25.65
N ASP J 53 -44.08 5.13 -24.86
CA ASP J 53 -44.44 3.71 -24.99
C ASP J 53 -44.71 3.22 -26.42
N GLY J 54 -45.35 4.06 -27.23
CA GLY J 54 -45.77 3.67 -28.58
C GLY J 54 -44.69 3.70 -29.65
N LYS J 55 -43.55 4.33 -29.37
CA LYS J 55 -42.49 4.45 -30.39
C LYS J 55 -41.64 3.20 -30.50
N THR J 56 -41.09 2.97 -31.69
CA THR J 56 -40.14 1.89 -31.89
C THR J 56 -38.75 2.30 -31.43
N LEU J 57 -37.95 1.31 -31.07
CA LEU J 57 -36.57 1.55 -30.66
C LEU J 57 -35.81 2.25 -31.80
N GLY J 58 -36.05 1.84 -33.03
CA GLY J 58 -35.43 2.46 -34.21
C GLY J 58 -35.75 3.94 -34.38
N GLU J 59 -37.02 4.29 -34.21
CA GLU J 59 -37.45 5.71 -34.21
C GLU J 59 -36.80 6.55 -33.11
N GLY J 61 -33.80 6.07 -32.21
CA GLY J 61 -32.38 6.11 -32.53
C GLY J 61 -31.53 4.95 -32.07
N PHE J 62 -32.16 3.88 -31.58
CA PHE J 62 -31.43 2.65 -31.29
C PHE J 62 -31.40 1.80 -32.54
N THR J 63 -30.26 1.77 -33.22
CA THR J 63 -30.12 1.05 -34.49
C THR J 63 -29.06 -0.03 -34.41
N SER J 64 -29.16 -0.99 -35.33
CA SER J 64 -28.32 -2.18 -35.26
C SER J 64 -26.84 -1.85 -35.36
N GLN J 65 -26.50 -0.78 -36.06
CA GLN J 65 -25.10 -0.41 -36.23
C GLN J 65 -24.55 0.51 -35.13
N THR J 66 -25.41 0.99 -34.23
CA THR J 66 -24.94 1.78 -33.08
C THR J 66 -25.11 1.03 -31.73
N ALA J 67 -26.10 0.16 -31.64
CA ALA J 67 -26.34 -0.64 -30.45
C ALA J 67 -25.82 -2.06 -30.72
N ARG J 68 -24.52 -2.24 -30.55
CA ARG J 68 -23.80 -3.44 -31.01
C ARG J 68 -23.59 -4.44 -29.86
N PRO J 69 -23.52 -5.75 -30.17
CA PRO J 69 -23.33 -6.73 -29.08
C PRO J 69 -22.10 -6.43 -28.20
N GLN J 70 -20.97 -6.11 -28.84
CA GLN J 70 -19.73 -5.77 -28.11
C GLN J 70 -19.63 -4.32 -27.60
N ALA J 71 -20.63 -3.48 -27.92
CA ALA J 71 -20.65 -2.06 -27.51
C ALA J 71 -22.11 -1.59 -27.45
N PRO J 72 -22.87 -2.10 -26.46
CA PRO J 72 -24.32 -1.90 -26.44
C PRO J 72 -24.68 -0.45 -26.07
N ALA J 73 -25.83 0.03 -26.56
CA ALA J 73 -26.33 1.37 -26.23
C ALA J 73 -27.02 1.38 -24.88
N THR J 74 -27.05 2.55 -24.23
CA THR J 74 -27.63 2.71 -22.89
C THR J 74 -29.08 3.28 -22.89
N VAL J 75 -29.95 2.66 -22.11
CA VAL J 75 -31.29 3.17 -21.85
C VAL J 75 -31.41 3.42 -20.35
N GLY J 76 -31.76 4.65 -19.97
CA GLY J 76 -31.91 5.01 -18.56
C GLY J 76 -33.28 4.58 -18.02
N LEU J 77 -33.34 4.30 -16.72
CA LEU J 77 -34.57 3.84 -16.05
C LEU J 77 -34.78 4.55 -14.70
N ALA J 78 -36.03 4.98 -14.46
CA ALA J 78 -36.43 5.57 -13.17
C ALA J 78 -37.78 5.00 -12.73
N PHE J 79 -37.91 4.67 -11.45
CA PHE J 79 -39.15 4.12 -10.87
C PHE J 79 -40.01 5.17 -10.13
N ARG J 80 -41.30 4.88 -10.01
CA ARG J 80 -42.17 5.65 -9.12
C ARG J 80 -41.94 5.22 -7.67
N ALA J 81 -41.93 6.20 -6.77
CA ALA J 81 -41.76 5.94 -5.34
C ALA J 81 -42.74 6.78 -4.53
N ASP J 82 -43.80 6.13 -4.04
CA ASP J 82 -44.88 6.80 -3.31
C ASP J 82 -45.54 7.95 -4.08
N ASP J 83 -46.04 7.64 -5.27
CA ASP J 83 -46.88 8.56 -6.08
C ASP J 83 -46.12 9.44 -7.07
N THR J 84 -44.87 9.79 -6.78
CA THR J 84 -44.06 10.58 -7.71
C THR J 84 -42.78 9.87 -8.13
N PHE J 85 -42.36 10.10 -9.36
CA PHE J 85 -41.19 9.45 -9.92
C PHE J 85 -39.92 10.04 -9.32
N GLU J 86 -38.97 9.17 -9.01
CA GLU J 86 -37.61 9.60 -8.68
C GLU J 86 -36.97 10.17 -9.95
N ALA J 87 -35.91 10.95 -9.76
CA ALA J 87 -35.12 11.46 -10.87
C ALA J 87 -34.26 10.35 -11.48
N LEU J 88 -33.87 10.55 -12.73
CA LEU J 88 -32.97 9.64 -13.40
C LEU J 88 -31.59 9.73 -12.75
N ILE J 90 -27.88 7.42 -12.75
CA ILE J 90 -27.07 6.25 -13.18
C ILE J 90 -25.65 6.37 -12.59
N GLU J 91 -25.28 5.42 -11.74
CA GLU J 91 -23.95 5.47 -11.11
C GLU J 91 -22.88 5.04 -12.12
N PRO J 92 -21.80 5.82 -12.25
CA PRO J 92 -20.73 5.41 -13.17
C PRO J 92 -20.04 4.13 -12.73
N PHE J 93 -19.47 3.39 -13.68
CA PHE J 93 -18.58 2.27 -13.33
C PHE J 93 -17.31 2.83 -12.71
N SER J 94 -16.53 1.96 -12.07
CA SER J 94 -15.26 2.36 -11.46
C SER J 94 -14.27 2.86 -12.50
N SER J 95 -13.25 3.55 -12.04
CA SER J 95 -12.21 4.11 -12.91
C SER J 95 -11.02 3.15 -12.97
N PRO J 96 -10.50 2.91 -14.18
CA PRO J 96 -9.32 2.09 -14.31
C PRO J 96 -8.12 2.74 -13.65
N PRO J 97 -7.16 1.92 -13.19
CA PRO J 97 -5.95 2.48 -12.62
C PRO J 97 -5.04 3.05 -13.71
N GLU J 98 -4.01 3.79 -13.29
CA GLU J 98 -2.99 4.29 -14.21
C GLU J 98 -2.33 3.09 -14.91
N LEU J 99 -1.97 3.27 -16.17
CA LEU J 99 -1.18 2.25 -16.88
C LEU J 99 0.15 2.01 -16.15
N PRO J 100 0.47 0.74 -15.82
CA PRO J 100 1.79 0.47 -15.24
C PRO J 100 2.93 0.89 -16.17
N ASP J 101 4.10 1.18 -15.59
CA ASP J 101 5.27 1.63 -16.36
C ASP J 101 5.47 0.81 -17.65
N VAL J 102 5.49 -0.51 -17.49
CA VAL J 102 5.78 -1.43 -18.60
C VAL J 102 4.72 -1.52 -19.72
N MET J 103 3.60 -0.79 -19.59
CA MET J 103 2.54 -0.76 -20.61
C MET J 103 2.44 0.60 -21.29
N MET K 1 -37.93 -16.19 -19.74
CA MET K 1 -36.47 -16.03 -20.00
C MET K 1 -35.71 -15.94 -18.69
N MET K 2 -34.85 -16.92 -18.43
CA MET K 2 -34.07 -16.95 -17.20
C MET K 2 -32.87 -15.99 -17.26
N TYR K 3 -32.71 -15.23 -16.18
CA TYR K 3 -31.60 -14.31 -16.00
C TYR K 3 -30.83 -14.68 -14.73
N VAL K 4 -29.61 -14.15 -14.60
CA VAL K 4 -28.79 -14.31 -13.39
C VAL K 4 -28.09 -12.99 -13.06
N LYS K 5 -27.74 -12.81 -11.79
CA LYS K 5 -27.12 -11.58 -11.30
C LYS K 5 -25.64 -11.78 -10.92
N LEU K 6 -24.76 -10.96 -11.49
CA LEU K 6 -23.33 -10.95 -11.20
C LEU K 6 -22.96 -9.61 -10.57
N ILE K 7 -22.34 -9.65 -9.39
CA ILE K 7 -22.11 -8.45 -8.58
C ILE K 7 -20.61 -8.13 -8.49
N SER K 8 -20.23 -6.90 -8.86
CA SER K 8 -18.81 -6.48 -8.87
C SER K 8 -18.27 -6.16 -7.48
N SER K 9 -16.97 -5.94 -7.37
CA SER K 9 -16.33 -5.62 -6.08
C SER K 9 -16.86 -4.30 -5.48
N ASP K 10 -17.06 -3.32 -6.36
CA ASP K 10 -17.63 -2.02 -6.01
C ASP K 10 -19.17 -1.96 -5.95
N GLY K 11 -19.84 -3.13 -5.94
CA GLY K 11 -21.28 -3.19 -5.68
C GLY K 11 -22.23 -3.02 -6.86
N HIS K 12 -21.72 -2.94 -8.10
CA HIS K 12 -22.61 -2.91 -9.28
C HIS K 12 -23.23 -4.28 -9.56
N GLU K 13 -24.51 -4.28 -9.86
CA GLU K 13 -25.26 -5.50 -10.09
C GLU K 13 -25.63 -5.64 -11.57
N PHE K 14 -25.06 -6.66 -12.20
CA PHE K 14 -25.24 -6.91 -13.63
C PHE K 14 -26.17 -8.11 -13.83
N ILE K 15 -27.27 -7.89 -14.55
CA ILE K 15 -28.27 -8.93 -14.78
C ILE K 15 -28.20 -9.33 -16.25
N VAL K 16 -27.89 -10.59 -16.52
CA VAL K 16 -27.71 -11.09 -17.88
C VAL K 16 -28.45 -12.42 -18.05
N LYS K 17 -28.78 -12.76 -19.30
CA LYS K 17 -29.44 -14.03 -19.58
C LYS K 17 -28.60 -15.20 -19.08
N ARG K 18 -29.28 -16.19 -18.52
CA ARG K 18 -28.63 -17.39 -18.01
C ARG K 18 -27.83 -18.07 -19.09
N GLU K 19 -28.44 -18.24 -20.25
CA GLU K 19 -27.76 -18.86 -21.39
C GLU K 19 -26.40 -18.18 -21.66
N HIS K 20 -26.35 -16.85 -21.59
CA HIS K 20 -25.13 -16.09 -21.88
C HIS K 20 -24.06 -16.28 -20.77
N ALA K 21 -24.48 -16.26 -19.50
CA ALA K 21 -23.55 -16.47 -18.37
C ALA K 21 -22.88 -17.84 -18.40
N LEU K 22 -23.59 -18.84 -18.91
CA LEU K 22 -23.06 -20.20 -19.02
C LEU K 22 -21.89 -20.34 -20.02
N THR K 23 -21.63 -19.31 -20.82
CA THR K 23 -20.35 -19.17 -21.56
C THR K 23 -19.12 -19.40 -20.67
N SER K 24 -19.18 -18.92 -19.44
CA SER K 24 -18.11 -19.12 -18.46
C SER K 24 -18.25 -20.48 -17.81
N GLY K 25 -17.23 -21.32 -17.97
CA GLY K 25 -17.18 -22.62 -17.31
C GLY K 25 -17.25 -22.48 -15.80
N THR K 26 -16.58 -21.47 -15.27
CA THR K 26 -16.57 -21.20 -13.84
C THR K 26 -17.95 -20.79 -13.32
N ILE K 27 -18.64 -19.91 -14.05
CA ILE K 27 -19.98 -19.49 -13.64
C ILE K 27 -20.93 -20.68 -13.66
N LYS K 28 -20.81 -21.53 -14.68
CA LYS K 28 -21.68 -22.68 -14.81
C LYS K 28 -21.60 -23.63 -13.61
N ALA K 29 -20.38 -23.89 -13.14
CA ALA K 29 -20.18 -24.73 -11.97
C ALA K 29 -20.67 -24.01 -10.71
N MET K 30 -20.45 -22.69 -10.68
CA MET K 30 -20.79 -21.86 -9.53
C MET K 30 -22.28 -21.79 -9.29
N LEU K 31 -23.06 -21.82 -10.37
CA LEU K 31 -24.52 -21.81 -10.26
C LEU K 31 -25.03 -23.19 -9.87
N SER K 32 -24.36 -24.25 -10.34
CA SER K 32 -24.76 -25.62 -10.04
C SER K 32 -23.81 -26.26 -9.02
N THR K 42 -28.87 -21.23 -6.71
CA THR K 42 -28.25 -19.91 -6.68
C THR K 42 -28.43 -19.19 -8.01
N ASN K 43 -29.02 -17.99 -7.99
CA ASN K 43 -29.11 -17.12 -9.16
C ASN K 43 -28.21 -15.89 -9.09
N GLU K 44 -27.47 -15.74 -7.98
CA GLU K 44 -26.55 -14.63 -7.80
C GLU K 44 -25.13 -15.14 -7.60
N VAL K 45 -24.16 -14.35 -8.06
CA VAL K 45 -22.75 -14.64 -7.84
C VAL K 45 -22.05 -13.33 -7.50
N ASN K 46 -21.27 -13.37 -6.42
CA ASN K 46 -20.52 -12.21 -5.97
C ASN K 46 -19.04 -12.31 -6.32
N PHE K 47 -18.50 -11.29 -6.97
CA PHE K 47 -17.07 -11.27 -7.36
C PHE K 47 -16.33 -10.16 -6.62
N ARG K 48 -15.80 -10.48 -5.45
CA ARG K 48 -15.19 -9.48 -4.57
C ARG K 48 -13.89 -8.82 -5.03
N GLU K 49 -13.20 -9.39 -6.03
CA GLU K 49 -12.00 -8.70 -6.56
C GLU K 49 -12.12 -8.33 -8.04
N ILE K 50 -13.33 -8.34 -8.61
CA ILE K 50 -13.53 -7.87 -9.99
C ILE K 50 -14.38 -6.59 -9.99
N PRO K 51 -13.78 -5.43 -10.29
CA PRO K 51 -14.50 -4.16 -10.32
C PRO K 51 -15.41 -3.99 -11.55
N SER K 52 -16.30 -3.02 -11.51
CA SER K 52 -17.35 -2.87 -12.52
C SER K 52 -16.80 -2.49 -13.90
N HIS K 53 -15.68 -1.77 -13.96
CA HIS K 53 -15.09 -1.43 -15.27
C HIS K 53 -14.52 -2.66 -15.98
N VAL K 54 -14.30 -3.74 -15.22
CA VAL K 54 -13.92 -5.06 -15.81
C VAL K 54 -15.16 -5.93 -16.06
N LEU K 55 -16.01 -6.09 -15.05
CA LEU K 55 -17.15 -7.02 -15.13
C LEU K 55 -18.14 -6.61 -16.21
N SER K 56 -18.28 -5.31 -16.45
CA SER K 56 -19.17 -4.83 -17.53
C SER K 56 -18.70 -5.32 -18.89
N LYS K 57 -17.40 -5.26 -19.11
CA LYS K 57 -16.79 -5.80 -20.34
C LYS K 57 -16.94 -7.31 -20.48
N VAL K 58 -16.85 -8.04 -19.38
CA VAL K 58 -17.08 -9.49 -19.41
C VAL K 58 -18.49 -9.81 -19.93
N CYS K 59 -19.48 -9.04 -19.46
CA CYS K 59 -20.86 -9.24 -19.89
C CYS K 59 -21.01 -8.90 -21.37
N MET K 60 -20.36 -7.85 -21.85
CA MET K 60 -20.37 -7.58 -23.28
C MET K 60 -19.73 -8.73 -24.07
N TYR K 61 -18.67 -9.36 -23.54
CA TYR K 61 -18.03 -10.50 -24.22
C TYR K 61 -19.03 -11.65 -24.43
N PHE K 62 -19.80 -11.99 -23.39
CA PHE K 62 -20.83 -13.02 -23.46
C PHE K 62 -21.81 -12.75 -24.62
N THR K 63 -22.31 -11.52 -24.69
CA THR K 63 -23.22 -11.13 -25.75
C THR K 63 -22.61 -11.35 -27.14
N TYR K 64 -21.38 -10.88 -27.29
CA TYR K 64 -20.59 -11.01 -28.54
C TYR K 64 -20.38 -12.46 -28.94
N LYS K 65 -19.97 -13.28 -27.97
CA LYS K 65 -19.73 -14.69 -28.24
C LYS K 65 -20.98 -15.44 -28.69
N VAL K 66 -22.11 -15.21 -28.02
CA VAL K 66 -23.34 -15.92 -28.37
C VAL K 66 -23.83 -15.45 -29.75
N ARG K 67 -23.75 -14.15 -30.00
CA ARG K 67 -24.17 -13.59 -31.29
C ARG K 67 -23.35 -14.14 -32.46
N TYR K 68 -22.03 -14.17 -32.31
CA TYR K 68 -21.15 -14.46 -33.45
C TYR K 68 -20.67 -15.90 -33.58
N THR K 69 -20.93 -16.73 -32.57
CA THR K 69 -20.57 -18.14 -32.67
C THR K 69 -21.45 -18.85 -33.69
N ASN K 70 -20.80 -19.57 -34.61
CA ASN K 70 -21.41 -20.15 -35.82
C ASN K 70 -22.46 -19.24 -36.48
N SER K 71 -21.99 -18.07 -36.90
CA SER K 71 -22.78 -17.13 -37.66
C SER K 71 -22.24 -17.00 -39.08
N SER K 72 -23.08 -16.54 -40.00
CA SER K 72 -22.69 -16.32 -41.40
C SER K 72 -22.11 -14.92 -41.63
N THR K 73 -22.66 -13.93 -40.92
CA THR K 73 -22.25 -12.53 -41.07
C THR K 73 -20.84 -12.30 -40.55
N GLU K 74 -20.14 -11.33 -41.14
CA GLU K 74 -18.72 -11.09 -40.88
C GLU K 74 -18.50 -10.70 -39.41
N ILE K 75 -17.44 -11.23 -38.83
CA ILE K 75 -17.21 -11.09 -37.41
C ILE K 75 -16.29 -9.89 -37.20
N PRO K 76 -16.74 -8.89 -36.41
CA PRO K 76 -15.87 -7.77 -36.04
C PRO K 76 -14.96 -8.11 -34.85
N GLU K 77 -13.95 -7.26 -34.64
CA GLU K 77 -13.02 -7.39 -33.52
C GLU K 77 -13.72 -7.07 -32.20
N PHE K 78 -13.37 -7.81 -31.14
CA PHE K 78 -13.79 -7.43 -29.79
C PHE K 78 -12.82 -6.36 -29.22
N PRO K 79 -13.34 -5.15 -28.93
CA PRO K 79 -12.45 -4.05 -28.52
C PRO K 79 -12.11 -4.07 -27.02
N ILE K 80 -10.86 -3.79 -26.68
CA ILE K 80 -10.41 -3.75 -25.29
C ILE K 80 -9.49 -2.55 -25.10
N ALA K 81 -9.89 -1.56 -24.32
CA ALA K 81 -9.05 -0.39 -24.09
C ALA K 81 -7.80 -0.78 -23.29
N PRO K 82 -6.66 -0.16 -23.61
CA PRO K 82 -5.39 -0.53 -22.93
C PRO K 82 -5.44 -0.47 -21.39
N GLU K 83 -6.21 0.45 -20.83
CA GLU K 83 -6.25 0.68 -19.38
C GLU K 83 -6.99 -0.42 -18.63
N ILE K 84 -7.79 -1.21 -19.33
CA ILE K 84 -8.47 -2.33 -18.66
C ILE K 84 -7.91 -3.70 -19.01
N ALA K 85 -7.01 -3.77 -19.99
CA ALA K 85 -6.55 -5.07 -20.52
C ALA K 85 -5.99 -6.04 -19.46
N LEU K 86 -5.24 -5.53 -18.50
CA LEU K 86 -4.59 -6.42 -17.53
C LEU K 86 -5.56 -7.08 -16.56
N GLU K 87 -6.46 -6.27 -16.01
CA GLU K 87 -7.46 -6.76 -15.07
C GLU K 87 -8.45 -7.69 -15.77
N LEU K 88 -8.76 -7.37 -17.03
CA LEU K 88 -9.63 -8.21 -17.83
C LEU K 88 -8.99 -9.58 -18.10
N LEU K 89 -7.68 -9.62 -18.33
CA LEU K 89 -6.95 -10.89 -18.52
C LEU K 89 -7.06 -11.80 -17.27
N MET K 90 -6.83 -11.20 -16.11
CA MET K 90 -6.99 -11.89 -14.83
C MET K 90 -8.41 -12.47 -14.65
N ALA K 91 -9.42 -11.68 -14.98
CA ALA K 91 -10.79 -12.12 -14.83
C ALA K 91 -11.09 -13.29 -15.76
N ALA K 92 -10.62 -13.16 -17.01
CA ALA K 92 -10.87 -14.18 -18.01
C ALA K 92 -10.22 -15.51 -17.62
N ASN K 93 -9.04 -15.44 -17.03
CA ASN K 93 -8.38 -16.65 -16.57
C ASN K 93 -9.21 -17.35 -15.48
N PHE K 94 -9.71 -16.58 -14.52
CA PHE K 94 -10.51 -17.12 -13.42
C PHE K 94 -11.83 -17.70 -13.93
N LEU K 95 -12.47 -16.99 -14.87
CA LEU K 95 -13.81 -17.35 -15.35
C LEU K 95 -13.84 -18.44 -16.44
N ASP K 96 -12.68 -18.82 -16.98
CA ASP K 96 -12.57 -19.86 -18.00
C ASP K 96 -13.50 -19.54 -19.17
N CYS K 97 -13.24 -18.39 -19.78
CA CYS K 97 -14.03 -17.96 -20.93
C CYS K 97 -13.21 -17.14 -21.93
N VAL L 11 4.21 -34.92 -42.22
CA VAL L 11 2.89 -35.44 -42.69
C VAL L 11 2.10 -34.33 -43.39
N LEU L 12 1.91 -33.21 -42.70
CA LEU L 12 1.21 -32.06 -43.31
C LEU L 12 2.08 -31.39 -44.36
N ARG L 13 1.82 -31.69 -45.62
CA ARG L 13 2.58 -31.11 -46.72
C ARG L 13 1.73 -31.08 -47.98
N SER L 14 2.12 -30.23 -48.92
CA SER L 14 1.47 -30.20 -50.23
C SER L 14 1.86 -31.42 -51.05
N VAL L 15 0.93 -31.89 -51.89
CA VAL L 15 1.20 -32.92 -52.88
C VAL L 15 1.58 -32.26 -54.20
N ASN L 16 2.60 -32.79 -54.87
CA ASN L 16 3.04 -32.24 -56.14
C ASN L 16 2.19 -32.76 -57.31
N SER L 17 0.95 -32.27 -57.38
CA SER L 17 -0.03 -32.72 -58.37
C SER L 17 0.26 -32.18 -59.77
N ARG L 18 0.70 -30.93 -59.85
CA ARG L 18 0.92 -30.27 -61.12
C ARG L 18 -0.38 -29.94 -61.87
N GLU L 19 -1.53 -30.07 -61.22
CA GLU L 19 -2.81 -29.72 -61.82
C GLU L 19 -3.29 -28.35 -61.30
N PRO L 20 -3.38 -27.33 -62.19
CA PRO L 20 -3.75 -25.98 -61.73
C PRO L 20 -5.13 -25.89 -61.07
N SER L 21 -5.25 -24.99 -60.10
CA SER L 21 -6.53 -24.64 -59.50
C SER L 21 -6.50 -23.13 -59.23
N GLN L 22 -7.48 -22.42 -59.78
CA GLN L 22 -7.60 -20.97 -59.58
C GLN L 22 -8.44 -20.68 -58.34
N VAL L 23 -7.94 -19.78 -57.50
CA VAL L 23 -8.51 -19.48 -56.19
C VAL L 23 -8.66 -17.97 -56.01
N ILE L 24 -9.70 -17.55 -55.27
CA ILE L 24 -9.81 -16.18 -54.75
C ILE L 24 -9.54 -16.19 -53.24
N PHE L 25 -8.47 -15.53 -52.82
CA PHE L 25 -8.20 -15.26 -51.41
C PHE L 25 -8.98 -13.98 -51.07
N ASN L 27 -10.11 -11.52 -47.97
CA ASN L 27 -9.89 -11.15 -46.58
C ASN L 27 -11.13 -10.44 -46.02
N ARG L 28 -11.97 -11.21 -45.33
CA ARG L 28 -13.13 -10.66 -44.63
C ARG L 28 -12.85 -10.53 -43.14
N SER L 29 -11.66 -10.04 -42.80
CA SER L 29 -11.27 -9.77 -41.41
C SER L 29 -10.75 -8.34 -41.35
N PRO L 30 -10.53 -7.81 -40.14
CA PRO L 30 -9.91 -6.49 -40.00
C PRO L 30 -8.39 -6.53 -39.85
N ARG L 31 -7.78 -7.72 -39.97
CA ARG L 31 -6.31 -7.87 -39.88
C ARG L 31 -5.64 -7.83 -41.26
N VAL L 32 -4.36 -7.45 -41.29
CA VAL L 32 -3.51 -7.65 -42.46
C VAL L 32 -3.19 -9.15 -42.45
N VAL L 33 -3.48 -9.83 -43.56
CA VAL L 33 -3.38 -11.30 -43.61
C VAL L 33 -2.11 -11.76 -44.35
N LEU L 34 -1.40 -12.70 -43.72
CA LEU L 34 -0.28 -13.41 -44.31
C LEU L 34 -0.73 -14.84 -44.74
N PRO L 35 -0.83 -15.11 -46.04
CA PRO L 35 -1.06 -16.48 -46.52
C PRO L 35 0.22 -17.29 -46.37
N VAL L 36 0.08 -18.55 -45.94
CA VAL L 36 1.23 -19.46 -45.75
C VAL L 36 0.99 -20.76 -46.52
N TRP L 37 1.86 -21.06 -47.49
CA TRP L 37 1.83 -22.32 -48.25
C TRP L 37 2.75 -23.35 -47.59
N LEU L 38 2.25 -24.57 -47.37
CA LEU L 38 3.10 -25.66 -46.92
C LEU L 38 3.77 -26.30 -48.13
N ASN L 39 5.10 -26.25 -48.19
CA ASN L 39 5.81 -26.78 -49.35
C ASN L 39 5.90 -28.31 -49.32
N PHE L 40 6.55 -28.89 -50.31
CA PHE L 40 6.54 -30.35 -50.50
C PHE L 40 7.26 -31.12 -49.39
N ASP L 41 8.04 -30.41 -48.58
CA ASP L 41 8.64 -30.95 -47.37
C ASP L 41 7.84 -30.65 -46.09
N GLY L 42 6.76 -29.88 -46.20
CA GLY L 42 5.99 -29.48 -45.03
C GLY L 42 6.47 -28.20 -44.34
N GLU L 43 7.37 -27.48 -45.00
CA GLU L 43 7.91 -26.23 -44.48
C GLU L 43 6.99 -25.06 -44.86
N PRO L 44 6.65 -24.20 -43.89
CA PRO L 44 5.80 -23.05 -44.22
C PRO L 44 6.51 -21.98 -45.06
N GLN L 45 5.90 -21.57 -46.17
CA GLN L 45 6.47 -20.56 -47.09
C GLN L 45 5.49 -19.38 -47.14
N PRO L 46 5.92 -18.19 -46.66
CA PRO L 46 5.07 -16.99 -46.70
C PRO L 46 4.90 -16.41 -48.10
N TYR L 47 3.69 -15.90 -48.36
CA TYR L 47 3.32 -15.28 -49.63
C TYR L 47 2.88 -13.83 -49.35
N PRO L 48 2.72 -12.99 -50.39
CA PRO L 48 2.42 -11.57 -50.16
C PRO L 48 1.18 -11.30 -49.33
N THR L 49 1.19 -10.22 -48.55
CA THR L 49 0.10 -9.94 -47.62
C THR L 49 -1.13 -9.28 -48.28
N LEU L 50 -2.29 -9.44 -47.63
CA LEU L 50 -3.56 -8.84 -48.06
C LEU L 50 -4.11 -7.86 -47.02
N PRO L 51 -4.23 -6.56 -47.38
CA PRO L 51 -4.87 -5.59 -46.47
C PRO L 51 -6.31 -5.99 -46.12
N PRO L 52 -6.83 -5.50 -44.97
CA PRO L 52 -8.20 -5.81 -44.55
C PRO L 52 -9.21 -5.52 -45.65
N GLY L 53 -10.16 -6.42 -45.84
CA GLY L 53 -11.26 -6.20 -46.77
C GLY L 53 -10.96 -6.36 -48.26
N THR L 54 -9.75 -6.77 -48.63
CA THR L 54 -9.35 -6.91 -50.03
C THR L 54 -9.36 -8.38 -50.46
N GLY L 55 -9.43 -8.58 -51.78
CA GLY L 55 -9.36 -9.92 -52.38
C GLY L 55 -8.42 -9.98 -53.57
N ARG L 56 -7.88 -11.17 -53.84
CA ARG L 56 -7.00 -11.39 -54.99
C ARG L 56 -7.23 -12.76 -55.61
N ARG L 57 -7.18 -12.79 -56.94
CA ARG L 57 -7.28 -14.03 -57.71
C ARG L 57 -5.88 -14.58 -57.87
N ILE L 58 -5.62 -15.79 -57.36
CA ILE L 58 -4.27 -16.39 -57.39
C ILE L 58 -4.23 -17.78 -58.05
N HIS L 59 -3.04 -18.16 -58.53
CA HIS L 59 -2.80 -19.46 -59.16
C HIS L 59 -2.17 -20.46 -58.18
N SER L 60 -2.88 -21.55 -57.89
CA SER L 60 -2.35 -22.65 -57.05
C SER L 60 -2.65 -24.02 -57.73
N TYR L 61 -2.59 -25.11 -56.96
CA TYR L 61 -2.68 -26.46 -57.52
C TYR L 61 -3.50 -27.36 -56.63
N ARG L 62 -4.14 -28.35 -57.26
CA ARG L 62 -4.93 -29.34 -56.55
C ARG L 62 -4.03 -30.05 -55.53
N GLY L 63 -4.53 -30.22 -54.31
CA GLY L 63 -3.81 -30.92 -53.26
C GLY L 63 -2.76 -30.13 -52.52
N HIS L 64 -2.66 -28.82 -52.78
CA HIS L 64 -1.74 -27.95 -52.05
C HIS L 64 -2.41 -27.46 -50.77
N LEU L 65 -1.62 -27.21 -49.72
CA LEU L 65 -2.14 -26.83 -48.42
C LEU L 65 -1.77 -25.39 -48.03
N TRP L 66 -2.77 -24.65 -47.53
CA TRP L 66 -2.60 -23.26 -47.08
C TRP L 66 -3.16 -23.01 -45.68
N LEU L 67 -2.57 -22.04 -44.99
CA LEU L 67 -3.19 -21.47 -43.80
C LEU L 67 -2.95 -19.95 -43.77
N PHE L 68 -3.63 -19.26 -42.85
CA PHE L 68 -3.68 -17.79 -42.87
C PHE L 68 -3.55 -17.25 -41.46
N ARG L 69 -2.73 -16.20 -41.32
CA ARG L 69 -2.33 -15.63 -40.03
C ARG L 69 -2.34 -14.10 -40.11
N ASP L 70 -2.41 -13.44 -38.95
CA ASP L 70 -2.13 -12.02 -38.85
C ASP L 70 -0.65 -11.79 -39.20
N ALA L 71 -0.37 -10.94 -40.18
CA ALA L 71 0.99 -10.76 -40.67
C ALA L 71 1.91 -10.06 -39.68
N GLY L 72 1.35 -9.34 -38.71
CA GLY L 72 2.14 -8.64 -37.69
C GLY L 72 2.39 -9.47 -36.43
N THR L 73 1.34 -10.13 -35.92
CA THR L 73 1.40 -10.88 -34.66
C THR L 73 1.40 -12.41 -34.78
N HIS L 74 1.08 -12.91 -35.97
CA HIS L 74 0.89 -14.34 -36.24
C HIS L 74 -0.31 -15.04 -35.57
N ASP L 75 -1.25 -14.27 -35.03
CA ASP L 75 -2.51 -14.81 -34.54
C ASP L 75 -3.13 -15.68 -35.63
N GLY L 76 -3.72 -16.81 -35.25
CA GLY L 76 -4.39 -17.70 -36.19
C GLY L 76 -5.72 -17.16 -36.68
N LEU L 77 -6.01 -17.42 -37.94
CA LEU L 77 -7.26 -17.01 -38.59
C LEU L 77 -7.96 -18.22 -39.23
N LEU L 78 -9.24 -18.06 -39.59
CA LEU L 78 -9.99 -19.16 -40.18
C LEU L 78 -10.13 -18.95 -41.66
N VAL L 79 -10.21 -20.04 -42.40
CA VAL L 79 -10.47 -20.01 -43.83
C VAL L 79 -11.58 -21.00 -44.12
N ASN L 80 -12.66 -20.52 -44.75
CA ASN L 80 -13.88 -21.29 -44.87
C ASN L 80 -14.24 -22.02 -43.57
N GLN L 81 -14.14 -21.27 -42.47
CA GLN L 81 -14.52 -21.76 -41.14
C GLN L 81 -13.63 -22.85 -40.56
N THR L 82 -12.46 -23.12 -41.16
CA THR L 82 -11.56 -24.13 -40.61
C THR L 82 -10.08 -23.67 -40.68
N GLU L 83 -9.19 -24.57 -40.32
CA GLU L 83 -7.76 -24.24 -40.16
C GLU L 83 -7.01 -24.21 -41.48
N LEU L 84 -7.24 -25.24 -42.28
CA LEU L 84 -6.50 -25.52 -43.50
C LEU L 84 -7.40 -25.37 -44.72
N PHE L 85 -6.81 -24.90 -45.82
CA PHE L 85 -7.49 -24.75 -47.11
C PHE L 85 -6.71 -25.53 -48.18
N VAL L 86 -7.43 -26.33 -48.97
CA VAL L 86 -6.84 -27.16 -50.02
C VAL L 86 -7.58 -26.89 -51.33
N PRO L 87 -6.90 -26.30 -52.33
CA PRO L 87 -7.57 -26.06 -53.61
C PRO L 87 -8.07 -27.34 -54.27
N SER L 88 -9.22 -27.24 -54.92
CA SER L 88 -9.87 -28.37 -55.57
C SER L 88 -10.03 -28.10 -57.08
N LEU L 89 -10.67 -29.03 -57.77
CA LEU L 89 -10.93 -28.92 -59.21
C LEU L 89 -11.94 -27.82 -59.49
N ASN L 90 -11.65 -26.95 -60.46
CA ASN L 90 -12.55 -25.87 -60.87
C ASN L 90 -13.72 -26.38 -61.72
N VAL L 91 -14.94 -25.97 -61.38
CA VAL L 91 -16.14 -26.61 -61.92
C VAL L 91 -16.55 -26.12 -63.31
N ASP L 92 -16.56 -24.81 -63.54
CA ASP L 92 -17.06 -24.25 -64.80
C ASP L 92 -16.31 -22.97 -65.15
N GLY L 93 -14.99 -23.07 -65.24
CA GLY L 93 -14.11 -21.90 -65.34
C GLY L 93 -14.32 -20.97 -64.15
N GLN L 94 -14.65 -21.56 -63.00
CA GLN L 94 -15.15 -20.85 -61.83
C GLN L 94 -14.18 -21.07 -60.68
N PRO L 95 -13.61 -19.99 -60.13
CA PRO L 95 -12.58 -20.14 -59.10
C PRO L 95 -13.17 -20.61 -57.77
N ILE L 96 -12.32 -21.14 -56.91
CA ILE L 96 -12.69 -21.55 -55.56
C ILE L 96 -12.47 -20.38 -54.59
N PHE L 97 -13.48 -20.03 -53.79
CA PHE L 97 -13.33 -18.97 -52.79
C PHE L 97 -12.68 -19.47 -51.51
N ALA L 98 -11.64 -18.77 -51.05
CA ALA L 98 -11.06 -18.98 -49.73
C ALA L 98 -11.41 -17.77 -48.87
N ASN L 99 -12.47 -17.89 -48.07
CA ASN L 99 -12.96 -16.80 -47.23
C ASN L 99 -12.26 -16.83 -45.88
N ILE L 100 -11.42 -15.82 -45.66
CA ILE L 100 -10.57 -15.68 -44.45
C ILE L 100 -11.29 -14.74 -43.48
N THR L 101 -11.52 -15.21 -42.25
CA THR L 101 -12.26 -14.45 -41.24
C THR L 101 -11.57 -14.51 -39.89
N LEU L 102 -11.97 -13.61 -39.00
CA LEU L 102 -11.60 -13.69 -37.58
C LEU L 102 -12.30 -14.84 -36.89
N PRO L 103 -11.56 -15.63 -36.11
CA PRO L 103 -12.25 -16.52 -35.18
C PRO L 103 -12.92 -15.73 -34.06
N VAL L 104 -13.90 -16.34 -33.40
CA VAL L 104 -14.37 -15.87 -32.12
C VAL L 104 -13.36 -16.33 -31.07
N TYR L 105 -12.38 -15.48 -30.77
CA TYR L 105 -11.37 -15.84 -29.79
C TYR L 105 -12.00 -15.95 -28.40
N THR L 106 -11.39 -16.75 -27.52
CA THR L 106 -11.81 -16.76 -26.13
C THR L 106 -11.42 -15.40 -25.57
N LEU L 107 -12.12 -14.95 -24.53
CA LEU L 107 -11.79 -13.65 -23.92
C LEU L 107 -10.34 -13.64 -23.47
N LYS L 108 -9.87 -14.76 -22.91
CA LYS L 108 -8.50 -14.89 -22.43
C LYS L 108 -7.50 -14.68 -23.57
N GLU L 109 -7.69 -15.37 -24.70
CA GLU L 109 -6.76 -15.18 -25.84
C GLU L 109 -6.75 -13.76 -26.37
N ARG L 110 -7.93 -13.14 -26.46
CA ARG L 110 -8.02 -11.76 -26.91
C ARG L 110 -7.29 -10.80 -25.96
N CYS L 111 -7.47 -10.97 -24.64
CA CYS L 111 -6.71 -10.20 -23.66
C CYS L 111 -5.20 -10.48 -23.82
N LEU L 112 -4.80 -11.73 -24.05
CA LEU L 112 -3.37 -12.00 -24.21
C LEU L 112 -2.86 -11.23 -25.42
N GLN L 113 -3.67 -11.16 -26.49
CA GLN L 113 -3.28 -10.41 -27.71
C GLN L 113 -3.04 -8.95 -27.42
N VAL L 114 -3.95 -8.32 -26.68
CA VAL L 114 -3.86 -6.90 -26.41
C VAL L 114 -2.68 -6.62 -25.47
N VAL L 115 -2.49 -7.44 -24.43
CA VAL L 115 -1.38 -7.26 -23.49
C VAL L 115 -0.03 -7.47 -24.19
N ARG L 116 0.07 -8.47 -25.07
CA ARG L 116 1.30 -8.67 -25.85
C ARG L 116 1.62 -7.46 -26.72
N SER L 117 0.57 -6.79 -27.22
CA SER L 117 0.76 -5.60 -28.06
C SER L 117 1.20 -4.38 -27.25
N LEU L 118 1.11 -4.45 -25.91
CA LEU L 118 1.48 -3.31 -25.07
C LEU L 118 2.73 -3.52 -24.21
N VAL L 119 3.19 -4.76 -24.05
CA VAL L 119 4.28 -5.09 -23.14
C VAL L 119 5.37 -5.87 -23.86
N LYS L 120 6.60 -5.38 -23.77
CA LYS L 120 7.69 -6.02 -24.50
C LYS L 120 8.02 -7.32 -23.77
N PRO L 121 8.47 -8.35 -24.52
CA PRO L 121 8.67 -9.69 -23.97
C PRO L 121 9.52 -9.79 -22.70
N GLU L 122 10.43 -8.85 -22.50
CA GLU L 122 11.34 -8.88 -21.34
C GLU L 122 10.61 -8.50 -20.05
N ASN L 123 9.44 -7.86 -20.19
CA ASN L 123 8.73 -7.27 -19.06
C ASN L 123 7.46 -8.03 -18.65
N TYR L 124 7.11 -9.10 -19.38
CA TYR L 124 5.94 -9.93 -19.01
C TYR L 124 5.99 -10.32 -17.53
N ARG L 125 7.15 -10.82 -17.13
CA ARG L 125 7.39 -11.32 -15.78
C ARG L 125 7.35 -10.20 -14.73
N ARG L 126 7.44 -8.95 -15.18
CA ARG L 126 7.25 -7.80 -14.29
C ARG L 126 5.75 -7.52 -13.97
N LEU L 127 4.82 -8.15 -14.68
CA LEU L 127 3.38 -7.91 -14.44
C LEU L 127 2.88 -8.58 -13.15
N ASP L 128 2.02 -7.89 -12.40
CA ASP L 128 1.53 -8.41 -11.13
C ASP L 128 0.34 -9.35 -11.33
N ILE L 129 0.62 -10.56 -11.82
CA ILE L 129 -0.41 -11.55 -12.12
C ILE L 129 0.02 -12.96 -11.71
N VAL L 130 -0.91 -13.91 -11.70
CA VAL L 130 -0.58 -15.29 -11.32
C VAL L 130 0.43 -15.87 -12.29
N ARG L 131 1.33 -16.68 -11.74
CA ARG L 131 2.54 -17.08 -12.46
C ARG L 131 2.23 -17.86 -13.73
N SER L 132 1.16 -18.67 -13.71
CA SER L 132 0.71 -19.40 -14.93
C SER L 132 0.43 -18.50 -16.14
N LEU L 133 -0.06 -17.28 -15.90
CA LEU L 133 -0.29 -16.32 -17.00
C LEU L 133 1.02 -15.85 -17.69
N TYR L 134 2.17 -15.94 -17.01
CA TYR L 134 3.46 -15.62 -17.61
C TYR L 134 3.77 -16.56 -18.79
N GLU L 135 3.68 -17.87 -18.53
CA GLU L 135 3.83 -18.89 -19.58
C GLU L 135 2.79 -18.71 -20.68
N ASP L 136 1.55 -18.35 -20.32
CA ASP L 136 0.51 -18.14 -21.34
C ASP L 136 0.92 -17.02 -22.31
N LEU L 137 1.42 -15.91 -21.76
CA LEU L 137 1.91 -14.77 -22.55
C LEU L 137 3.09 -15.13 -23.45
N GLU L 138 4.07 -15.87 -22.89
CA GLU L 138 5.28 -16.24 -23.64
C GLU L 138 5.05 -17.27 -24.73
N ASP L 139 3.94 -17.99 -24.67
CA ASP L 139 3.58 -18.96 -25.70
C ASP L 139 2.91 -18.24 -26.89
N HIS L 140 3.72 -17.46 -27.60
CA HIS L 140 3.28 -16.69 -28.77
C HIS L 140 2.70 -17.57 -29.87
N PRO L 141 1.69 -17.06 -30.60
CA PRO L 141 1.20 -17.79 -31.76
C PRO L 141 2.34 -18.08 -32.74
N ASN L 142 2.42 -19.33 -33.19
CA ASN L 142 3.58 -19.83 -33.96
C ASN L 142 3.04 -20.89 -34.93
N VAL L 143 3.23 -20.67 -36.23
CA VAL L 143 2.75 -21.64 -37.23
C VAL L 143 3.36 -23.02 -36.98
N GLN L 144 4.66 -23.06 -36.69
CA GLN L 144 5.35 -24.34 -36.50
C GLN L 144 4.70 -25.14 -35.37
N LYS L 145 4.36 -24.48 -34.27
CA LYS L 145 3.68 -25.12 -33.14
C LYS L 145 2.27 -25.62 -33.46
N ASP L 146 1.52 -24.88 -34.29
CA ASP L 146 0.19 -25.31 -34.71
C ASP L 146 0.23 -26.52 -35.66
N LEU L 147 1.28 -26.59 -36.47
CA LEU L 147 1.47 -27.74 -37.35
C LEU L 147 1.76 -28.99 -36.52
N GLU L 148 2.56 -28.84 -35.47
CA GLU L 148 2.82 -29.95 -34.56
C GLU L 148 1.50 -30.42 -33.94
N ARG L 149 0.68 -29.49 -33.45
CA ARG L 149 -0.62 -29.84 -32.87
C ARG L 149 -1.54 -30.51 -33.88
N LEU L 150 -1.67 -29.94 -35.06
CA LEU L 150 -2.54 -30.49 -36.09
C LEU L 150 -2.14 -31.92 -36.45
N THR L 151 -0.84 -32.16 -36.57
CA THR L 151 -0.32 -33.50 -36.86
C THR L 151 -0.62 -34.49 -35.73
N GLN L 152 -0.56 -34.04 -34.49
CA GLN L 152 -0.91 -34.88 -33.35
C GLN L 152 -2.44 -34.91 -33.16
N GLU L 153 -3.15 -35.43 -34.15
CA GLU L 153 -4.61 -35.41 -34.15
C GLU L 153 -5.19 -36.38 -35.18
#